data_7B7J
# 
_entry.id   7B7J 
# 
_audit_conform.dict_name       mmcif_pdbx.dic 
_audit_conform.dict_version    5.384 
_audit_conform.dict_location   http://mmcif.pdb.org/dictionaries/ascii/mmcif_pdbx.dic 
# 
loop_
_database_2.database_id 
_database_2.database_code 
_database_2.pdbx_database_accession 
_database_2.pdbx_DOI 
PDB   7B7J         pdb_00007b7j 10.2210/pdb7b7j/pdb 
WWPDB D_1292112872 ?            ?                   
# 
loop_
_pdbx_audit_revision_history.ordinal 
_pdbx_audit_revision_history.data_content_type 
_pdbx_audit_revision_history.major_revision 
_pdbx_audit_revision_history.minor_revision 
_pdbx_audit_revision_history.revision_date 
1 'Structure model' 1 0 2021-07-07 
2 'Structure model' 1 1 2024-01-31 
# 
_pdbx_audit_revision_details.ordinal             1 
_pdbx_audit_revision_details.revision_ordinal    1 
_pdbx_audit_revision_details.data_content_type   'Structure model' 
_pdbx_audit_revision_details.provider            repository 
_pdbx_audit_revision_details.type                'Initial release' 
_pdbx_audit_revision_details.description         ? 
_pdbx_audit_revision_details.details             ? 
# 
loop_
_pdbx_audit_revision_group.ordinal 
_pdbx_audit_revision_group.revision_ordinal 
_pdbx_audit_revision_group.data_content_type 
_pdbx_audit_revision_group.group 
1 2 'Structure model' 'Data collection'        
2 2 'Structure model' 'Database references'    
3 2 'Structure model' 'Refinement description' 
# 
loop_
_pdbx_audit_revision_category.ordinal 
_pdbx_audit_revision_category.revision_ordinal 
_pdbx_audit_revision_category.data_content_type 
_pdbx_audit_revision_category.category 
1 2 'Structure model' chem_comp_atom                
2 2 'Structure model' chem_comp_bond                
3 2 'Structure model' database_2                    
4 2 'Structure model' pdbx_initial_refinement_model 
# 
loop_
_pdbx_audit_revision_item.ordinal 
_pdbx_audit_revision_item.revision_ordinal 
_pdbx_audit_revision_item.data_content_type 
_pdbx_audit_revision_item.item 
1 2 'Structure model' '_database_2.pdbx_DOI'                
2 2 'Structure model' '_database_2.pdbx_database_accession' 
# 
_pdbx_database_status.status_code                     REL 
_pdbx_database_status.status_code_sf                  REL 
_pdbx_database_status.status_code_mr                  ? 
_pdbx_database_status.entry_id                        7B7J 
_pdbx_database_status.recvd_initial_deposition_date   2020-12-10 
_pdbx_database_status.SG_entry                        N 
_pdbx_database_status.deposit_site                    PDBE 
_pdbx_database_status.process_site                    PDBE 
_pdbx_database_status.status_code_cs                  ? 
_pdbx_database_status.status_code_nmr_data            ? 
_pdbx_database_status.methods_development_category    ? 
_pdbx_database_status.pdb_format_compatible           Y 
# 
loop_
_audit_author.name 
_audit_author.pdbx_ordinal 
_audit_author.identifier_ORCID 
'Beckham, K.S.' 1 ? 
'Wilmanns, M.'  2 ? 
# 
_citation.abstract                  ? 
_citation.abstract_id_CAS           ? 
_citation.book_id_ISBN              ? 
_citation.book_publisher            ? 
_citation.book_publisher_city       ? 
_citation.book_title                ? 
_citation.coordinate_linkage        ? 
_citation.country                   US 
_citation.database_id_Medline       ? 
_citation.details                   ? 
_citation.id                        primary 
_citation.journal_abbrev            'Sci Adv' 
_citation.journal_id_ASTM           ? 
_citation.journal_id_CSD            ? 
_citation.journal_id_ISSN           2375-2548 
_citation.journal_full              ? 
_citation.journal_issue             ? 
_citation.journal_volume            7 
_citation.language                  ? 
_citation.page_first                ? 
_citation.page_last                 ? 
_citation.title                     'Structure of the mycobacterial ESX-5 type VII secretion system pore complex.' 
_citation.year                      2021 
_citation.database_id_CSD           ? 
_citation.pdbx_database_id_DOI      10.1126/sciadv.abg9923 
_citation.pdbx_database_id_PubMed   34172453 
_citation.unpublished_flag          ? 
# 
loop_
_citation_author.citation_id 
_citation_author.name 
_citation_author.ordinal 
_citation_author.identifier_ORCID 
primary 'Beckham, K.S.H.'    1  0000-0002-4929-6119 
primary 'Ritter, C.'         2  0000-0003-1802-795X 
primary 'Chojnowski, G.'     3  0000-0002-3796-8352 
primary 'Ziemianowicz, D.S.' 4  0000-0002-6164-2723 
primary 'Mullapudi, E.'      5  ?                   
primary 'Rettel, M.'         6  0000-0002-8304-3385 
primary 'Savitski, M.M.'     7  0000-0003-2011-9247 
primary 'Mortensen, S.A.'    8  0000-0001-9013-1802 
primary 'Kosinski, J.'       9  0000-0002-3641-0322 
primary 'Wilmanns, M.'       10 0000-0002-4643-5435 
# 
loop_
_entity.id 
_entity.type 
_entity.src_method 
_entity.pdbx_description 
_entity.formula_weight 
_entity.pdbx_number_of_molecules 
_entity.pdbx_ec 
_entity.pdbx_mutation 
_entity.pdbx_fragment 
_entity.details 
1 polymer man 'Secretion protein Snm4' 14017.197 1  ? ? ? ? 
2 water   nat water                    18.015    41 ? ? ? ? 
# 
_entity_poly.entity_id                      1 
_entity_poly.type                           'polypeptide(L)' 
_entity_poly.nstd_linkage                   no 
_entity_poly.nstd_monomer                   no 
_entity_poly.pdbx_seq_one_letter_code       
;MTAIVEAPQPGAEAIASPQAAVVAIMAADVQIAVVLDAHAPISVMIDPLLKVVNTRLRELGVAPLEAKGRGRWMLCLVDG
TPLRPNLSLTEQEVYDGDRLWLKFLEDTEHRSEVIEHISTAVATNLSKR
;
_entity_poly.pdbx_seq_one_letter_code_can   
;MTAIVEAPQPGAEAIASPQAAVVAIMAADVQIAVVLDAHAPISVMIDPLLKVVNTRLRELGVAPLEAKGRGRWMLCLVDG
TPLRPNLSLTEQEVYDGDRLWLKFLEDTEHRSEVIEHISTAVATNLSKR
;
_entity_poly.pdbx_strand_id                 A 
_entity_poly.pdbx_target_identifier         ? 
# 
_pdbx_entity_nonpoly.entity_id   2 
_pdbx_entity_nonpoly.name        water 
_pdbx_entity_nonpoly.comp_id     HOH 
# 
loop_
_entity_poly_seq.entity_id 
_entity_poly_seq.num 
_entity_poly_seq.mon_id 
_entity_poly_seq.hetero 
1 1   MET n 
1 2   THR n 
1 3   ALA n 
1 4   ILE n 
1 5   VAL n 
1 6   GLU n 
1 7   ALA n 
1 8   PRO n 
1 9   GLN n 
1 10  PRO n 
1 11  GLY n 
1 12  ALA n 
1 13  GLU n 
1 14  ALA n 
1 15  ILE n 
1 16  ALA n 
1 17  SER n 
1 18  PRO n 
1 19  GLN n 
1 20  ALA n 
1 21  ALA n 
1 22  VAL n 
1 23  VAL n 
1 24  ALA n 
1 25  ILE n 
1 26  MET n 
1 27  ALA n 
1 28  ALA n 
1 29  ASP n 
1 30  VAL n 
1 31  GLN n 
1 32  ILE n 
1 33  ALA n 
1 34  VAL n 
1 35  VAL n 
1 36  LEU n 
1 37  ASP n 
1 38  ALA n 
1 39  HIS n 
1 40  ALA n 
1 41  PRO n 
1 42  ILE n 
1 43  SER n 
1 44  VAL n 
1 45  MET n 
1 46  ILE n 
1 47  ASP n 
1 48  PRO n 
1 49  LEU n 
1 50  LEU n 
1 51  LYS n 
1 52  VAL n 
1 53  VAL n 
1 54  ASN n 
1 55  THR n 
1 56  ARG n 
1 57  LEU n 
1 58  ARG n 
1 59  GLU n 
1 60  LEU n 
1 61  GLY n 
1 62  VAL n 
1 63  ALA n 
1 64  PRO n 
1 65  LEU n 
1 66  GLU n 
1 67  ALA n 
1 68  LYS n 
1 69  GLY n 
1 70  ARG n 
1 71  GLY n 
1 72  ARG n 
1 73  TRP n 
1 74  MET n 
1 75  LEU n 
1 76  CYS n 
1 77  LEU n 
1 78  VAL n 
1 79  ASP n 
1 80  GLY n 
1 81  THR n 
1 82  PRO n 
1 83  LEU n 
1 84  ARG n 
1 85  PRO n 
1 86  ASN n 
1 87  LEU n 
1 88  SER n 
1 89  LEU n 
1 90  THR n 
1 91  GLU n 
1 92  GLN n 
1 93  GLU n 
1 94  VAL n 
1 95  TYR n 
1 96  ASP n 
1 97  GLY n 
1 98  ASP n 
1 99  ARG n 
1 100 LEU n 
1 101 TRP n 
1 102 LEU n 
1 103 LYS n 
1 104 PHE n 
1 105 LEU n 
1 106 GLU n 
1 107 ASP n 
1 108 THR n 
1 109 GLU n 
1 110 HIS n 
1 111 ARG n 
1 112 SER n 
1 113 GLU n 
1 114 VAL n 
1 115 ILE n 
1 116 GLU n 
1 117 HIS n 
1 118 ILE n 
1 119 SER n 
1 120 THR n 
1 121 ALA n 
1 122 VAL n 
1 123 ALA n 
1 124 THR n 
1 125 ASN n 
1 126 LEU n 
1 127 SER n 
1 128 LYS n 
1 129 ARG n 
# 
_entity_src_gen.entity_id                          1 
_entity_src_gen.pdbx_src_id                        1 
_entity_src_gen.pdbx_alt_source_flag               sample 
_entity_src_gen.pdbx_seq_type                      'Biological sequence' 
_entity_src_gen.pdbx_beg_seq_num                   1 
_entity_src_gen.pdbx_end_seq_num                   129 
_entity_src_gen.gene_src_common_name               ? 
_entity_src_gen.gene_src_genus                     ? 
_entity_src_gen.pdbx_gene_src_gene                 'snm, NCTC10042_04572' 
_entity_src_gen.gene_src_species                   ? 
_entity_src_gen.gene_src_strain                    ? 
_entity_src_gen.gene_src_tissue                    ? 
_entity_src_gen.gene_src_tissue_fraction           ? 
_entity_src_gen.gene_src_details                   ? 
_entity_src_gen.pdbx_gene_src_fragment             ? 
_entity_src_gen.pdbx_gene_src_scientific_name      'Mycobacterium xenopi' 
_entity_src_gen.pdbx_gene_src_ncbi_taxonomy_id     1789 
_entity_src_gen.pdbx_gene_src_variant              ? 
_entity_src_gen.pdbx_gene_src_cell_line            ? 
_entity_src_gen.pdbx_gene_src_atcc                 ? 
_entity_src_gen.pdbx_gene_src_organ                ? 
_entity_src_gen.pdbx_gene_src_organelle            ? 
_entity_src_gen.pdbx_gene_src_cell                 ? 
_entity_src_gen.pdbx_gene_src_cellular_location    ? 
_entity_src_gen.host_org_common_name               ? 
_entity_src_gen.pdbx_host_org_scientific_name      'Mycolicibacterium smegmatis MC2 155' 
_entity_src_gen.pdbx_host_org_ncbi_taxonomy_id     246196 
_entity_src_gen.host_org_genus                     ? 
_entity_src_gen.pdbx_host_org_gene                 ? 
_entity_src_gen.pdbx_host_org_organ                ? 
_entity_src_gen.host_org_species                   ? 
_entity_src_gen.pdbx_host_org_tissue               ? 
_entity_src_gen.pdbx_host_org_tissue_fraction      ? 
_entity_src_gen.pdbx_host_org_strain               ? 
_entity_src_gen.pdbx_host_org_variant              ? 
_entity_src_gen.pdbx_host_org_cell_line            ? 
_entity_src_gen.pdbx_host_org_atcc                 ? 
_entity_src_gen.pdbx_host_org_culture_collection   ? 
_entity_src_gen.pdbx_host_org_cell                 ? 
_entity_src_gen.pdbx_host_org_organelle            ? 
_entity_src_gen.pdbx_host_org_cellular_location    ? 
_entity_src_gen.pdbx_host_org_vector_type          ? 
_entity_src_gen.pdbx_host_org_vector               ? 
_entity_src_gen.host_org_details                   ? 
_entity_src_gen.expression_system_id               ? 
_entity_src_gen.plasmid_name                       ? 
_entity_src_gen.plasmid_details                    ? 
_entity_src_gen.pdbx_description                   ? 
# 
loop_
_chem_comp.id 
_chem_comp.type 
_chem_comp.mon_nstd_flag 
_chem_comp.name 
_chem_comp.pdbx_synonyms 
_chem_comp.formula 
_chem_comp.formula_weight 
ALA 'L-peptide linking' y ALANINE         ? 'C3 H7 N O2'     89.093  
ARG 'L-peptide linking' y ARGININE        ? 'C6 H15 N4 O2 1' 175.209 
ASN 'L-peptide linking' y ASPARAGINE      ? 'C4 H8 N2 O3'    132.118 
ASP 'L-peptide linking' y 'ASPARTIC ACID' ? 'C4 H7 N O4'     133.103 
CYS 'L-peptide linking' y CYSTEINE        ? 'C3 H7 N O2 S'   121.158 
GLN 'L-peptide linking' y GLUTAMINE       ? 'C5 H10 N2 O3'   146.144 
GLU 'L-peptide linking' y 'GLUTAMIC ACID' ? 'C5 H9 N O4'     147.129 
GLY 'peptide linking'   y GLYCINE         ? 'C2 H5 N O2'     75.067  
HIS 'L-peptide linking' y HISTIDINE       ? 'C6 H10 N3 O2 1' 156.162 
HOH non-polymer         . WATER           ? 'H2 O'           18.015  
ILE 'L-peptide linking' y ISOLEUCINE      ? 'C6 H13 N O2'    131.173 
LEU 'L-peptide linking' y LEUCINE         ? 'C6 H13 N O2'    131.173 
LYS 'L-peptide linking' y LYSINE          ? 'C6 H15 N2 O2 1' 147.195 
MET 'L-peptide linking' y METHIONINE      ? 'C5 H11 N O2 S'  149.211 
PHE 'L-peptide linking' y PHENYLALANINE   ? 'C9 H11 N O2'    165.189 
PRO 'L-peptide linking' y PROLINE         ? 'C5 H9 N O2'     115.130 
SER 'L-peptide linking' y SERINE          ? 'C3 H7 N O3'     105.093 
THR 'L-peptide linking' y THREONINE       ? 'C4 H9 N O3'     119.119 
TRP 'L-peptide linking' y TRYPTOPHAN      ? 'C11 H12 N2 O2'  204.225 
TYR 'L-peptide linking' y TYROSINE        ? 'C9 H11 N O3'    181.189 
VAL 'L-peptide linking' y VALINE          ? 'C5 H11 N O2'    117.146 
# 
loop_
_pdbx_poly_seq_scheme.asym_id 
_pdbx_poly_seq_scheme.entity_id 
_pdbx_poly_seq_scheme.seq_id 
_pdbx_poly_seq_scheme.mon_id 
_pdbx_poly_seq_scheme.ndb_seq_num 
_pdbx_poly_seq_scheme.pdb_seq_num 
_pdbx_poly_seq_scheme.auth_seq_num 
_pdbx_poly_seq_scheme.pdb_mon_id 
_pdbx_poly_seq_scheme.auth_mon_id 
_pdbx_poly_seq_scheme.pdb_strand_id 
_pdbx_poly_seq_scheme.pdb_ins_code 
_pdbx_poly_seq_scheme.hetero 
A 1 1   MET 1   0   ?   ?   ?   A . n 
A 1 2   THR 2   1   ?   ?   ?   A . n 
A 1 3   ALA 3   2   ?   ?   ?   A . n 
A 1 4   ILE 4   3   ?   ?   ?   A . n 
A 1 5   VAL 5   4   ?   ?   ?   A . n 
A 1 6   GLU 6   5   ?   ?   ?   A . n 
A 1 7   ALA 7   6   ?   ?   ?   A . n 
A 1 8   PRO 8   7   ?   ?   ?   A . n 
A 1 9   GLN 9   8   ?   ?   ?   A . n 
A 1 10  PRO 10  9   ?   ?   ?   A . n 
A 1 11  GLY 11  10  ?   ?   ?   A . n 
A 1 12  ALA 12  11  ?   ?   ?   A . n 
A 1 13  GLU 13  12  ?   ?   ?   A . n 
A 1 14  ALA 14  13  ?   ?   ?   A . n 
A 1 15  ILE 15  14  ?   ?   ?   A . n 
A 1 16  ALA 16  15  ?   ?   ?   A . n 
A 1 17  SER 17  16  ?   ?   ?   A . n 
A 1 18  PRO 18  17  17  PRO PRO A . n 
A 1 19  GLN 19  18  18  GLN GLN A . n 
A 1 20  ALA 20  19  19  ALA ALA A . n 
A 1 21  ALA 21  20  20  ALA ALA A . n 
A 1 22  VAL 22  21  21  VAL VAL A . n 
A 1 23  VAL 23  22  22  VAL VAL A . n 
A 1 24  ALA 24  23  23  ALA ALA A . n 
A 1 25  ILE 25  24  24  ILE ILE A . n 
A 1 26  MET 26  25  25  MET MET A . n 
A 1 27  ALA 27  26  26  ALA ALA A . n 
A 1 28  ALA 28  27  27  ALA ALA A . n 
A 1 29  ASP 29  28  28  ASP ASP A . n 
A 1 30  VAL 30  29  29  VAL VAL A . n 
A 1 31  GLN 31  30  30  GLN GLN A . n 
A 1 32  ILE 32  31  31  ILE ILE A . n 
A 1 33  ALA 33  32  32  ALA ALA A . n 
A 1 34  VAL 34  33  33  VAL VAL A . n 
A 1 35  VAL 35  34  34  VAL VAL A . n 
A 1 36  LEU 36  35  35  LEU LEU A . n 
A 1 37  ASP 37  36  36  ASP ASP A . n 
A 1 38  ALA 38  37  37  ALA ALA A . n 
A 1 39  HIS 39  38  38  HIS HIS A . n 
A 1 40  ALA 40  39  39  ALA ALA A . n 
A 1 41  PRO 41  40  40  PRO PRO A . n 
A 1 42  ILE 42  41  41  ILE ILE A . n 
A 1 43  SER 43  42  42  SER SER A . n 
A 1 44  VAL 44  43  43  VAL VAL A . n 
A 1 45  MET 45  44  44  MET MET A . n 
A 1 46  ILE 46  45  45  ILE ILE A . n 
A 1 47  ASP 47  46  46  ASP ASP A . n 
A 1 48  PRO 48  47  47  PRO PRO A . n 
A 1 49  LEU 49  48  48  LEU LEU A . n 
A 1 50  LEU 50  49  49  LEU LEU A . n 
A 1 51  LYS 51  50  50  LYS LYS A . n 
A 1 52  VAL 52  51  51  VAL VAL A . n 
A 1 53  VAL 53  52  52  VAL VAL A . n 
A 1 54  ASN 54  53  53  ASN ASN A . n 
A 1 55  THR 55  54  54  THR THR A . n 
A 1 56  ARG 56  55  55  ARG ARG A . n 
A 1 57  LEU 57  56  56  LEU LEU A . n 
A 1 58  ARG 58  57  57  ARG ARG A . n 
A 1 59  GLU 59  58  58  GLU GLU A . n 
A 1 60  LEU 60  59  59  LEU LEU A . n 
A 1 61  GLY 61  60  60  GLY GLY A . n 
A 1 62  VAL 62  61  61  VAL VAL A . n 
A 1 63  ALA 63  62  62  ALA ALA A . n 
A 1 64  PRO 64  63  63  PRO PRO A . n 
A 1 65  LEU 65  64  64  LEU LEU A . n 
A 1 66  GLU 66  65  65  GLU GLU A . n 
A 1 67  ALA 67  66  66  ALA ALA A . n 
A 1 68  LYS 68  67  67  LYS LYS A . n 
A 1 69  GLY 69  68  68  GLY GLY A . n 
A 1 70  ARG 70  69  69  ARG ARG A . n 
A 1 71  GLY 71  70  70  GLY GLY A . n 
A 1 72  ARG 72  71  71  ARG ARG A . n 
A 1 73  TRP 73  72  72  TRP TRP A . n 
A 1 74  MET 74  73  73  MET MET A . n 
A 1 75  LEU 75  74  74  LEU LEU A . n 
A 1 76  CYS 76  75  75  CYS CYS A . n 
A 1 77  LEU 77  76  76  LEU LEU A . n 
A 1 78  VAL 78  77  77  VAL VAL A . n 
A 1 79  ASP 79  78  78  ASP ASP A . n 
A 1 80  GLY 80  79  79  GLY GLY A . n 
A 1 81  THR 81  80  80  THR THR A . n 
A 1 82  PRO 82  81  81  PRO PRO A . n 
A 1 83  LEU 83  82  82  LEU LEU A . n 
A 1 84  ARG 84  83  83  ARG ARG A . n 
A 1 85  PRO 85  84  84  PRO PRO A . n 
A 1 86  ASN 86  85  85  ASN ASN A . n 
A 1 87  LEU 87  86  86  LEU LEU A . n 
A 1 88  SER 88  87  87  SER SER A . n 
A 1 89  LEU 89  88  88  LEU LEU A . n 
A 1 90  THR 90  89  89  THR THR A . n 
A 1 91  GLU 91  90  90  GLU GLU A . n 
A 1 92  GLN 92  91  91  GLN GLN A . n 
A 1 93  GLU 93  92  92  GLU GLU A . n 
A 1 94  VAL 94  93  93  VAL VAL A . n 
A 1 95  TYR 95  94  94  TYR TYR A . n 
A 1 96  ASP 96  95  95  ASP ASP A . n 
A 1 97  GLY 97  96  96  GLY GLY A . n 
A 1 98  ASP 98  97  97  ASP ASP A . n 
A 1 99  ARG 99  98  98  ARG ARG A . n 
A 1 100 LEU 100 99  99  LEU LEU A . n 
A 1 101 TRP 101 100 100 TRP TRP A . n 
A 1 102 LEU 102 101 101 LEU LEU A . n 
A 1 103 LYS 103 102 102 LYS LYS A . n 
A 1 104 PHE 104 103 103 PHE PHE A . n 
A 1 105 LEU 105 104 104 LEU LEU A . n 
A 1 106 GLU 106 105 105 GLU GLU A . n 
A 1 107 ASP 107 106 106 ASP ASP A . n 
A 1 108 THR 108 107 107 THR THR A . n 
A 1 109 GLU 109 108 ?   ?   ?   A . n 
A 1 110 HIS 110 109 ?   ?   ?   A . n 
A 1 111 ARG 111 110 ?   ?   ?   A . n 
A 1 112 SER 112 111 ?   ?   ?   A . n 
A 1 113 GLU 113 112 ?   ?   ?   A . n 
A 1 114 VAL 114 113 ?   ?   ?   A . n 
A 1 115 ILE 115 114 ?   ?   ?   A . n 
A 1 116 GLU 116 115 ?   ?   ?   A . n 
A 1 117 HIS 117 116 ?   ?   ?   A . n 
A 1 118 ILE 118 117 ?   ?   ?   A . n 
A 1 119 SER 119 118 ?   ?   ?   A . n 
A 1 120 THR 120 119 ?   ?   ?   A . n 
A 1 121 ALA 121 120 ?   ?   ?   A . n 
A 1 122 VAL 122 121 ?   ?   ?   A . n 
A 1 123 ALA 123 122 ?   ?   ?   A . n 
A 1 124 THR 124 123 ?   ?   ?   A . n 
A 1 125 ASN 125 124 ?   ?   ?   A . n 
A 1 126 LEU 126 125 ?   ?   ?   A . n 
A 1 127 SER 127 126 ?   ?   ?   A . n 
A 1 128 LYS 128 127 ?   ?   ?   A . n 
A 1 129 ARG 129 128 ?   ?   ?   A . n 
# 
loop_
_pdbx_nonpoly_scheme.asym_id 
_pdbx_nonpoly_scheme.entity_id 
_pdbx_nonpoly_scheme.mon_id 
_pdbx_nonpoly_scheme.ndb_seq_num 
_pdbx_nonpoly_scheme.pdb_seq_num 
_pdbx_nonpoly_scheme.auth_seq_num 
_pdbx_nonpoly_scheme.pdb_mon_id 
_pdbx_nonpoly_scheme.auth_mon_id 
_pdbx_nonpoly_scheme.pdb_strand_id 
_pdbx_nonpoly_scheme.pdb_ins_code 
B 2 HOH 1  201 9  HOH HOH A . 
B 2 HOH 2  202 10 HOH HOH A . 
B 2 HOH 3  203 21 HOH HOH A . 
B 2 HOH 4  204 41 HOH HOH A . 
B 2 HOH 5  205 28 HOH HOH A . 
B 2 HOH 6  206 39 HOH HOH A . 
B 2 HOH 7  207 1  HOH HOH A . 
B 2 HOH 8  208 35 HOH HOH A . 
B 2 HOH 9  209 34 HOH HOH A . 
B 2 HOH 10 210 24 HOH HOH A . 
B 2 HOH 11 211 36 HOH HOH A . 
B 2 HOH 12 212 5  HOH HOH A . 
B 2 HOH 13 213 37 HOH HOH A . 
B 2 HOH 14 214 18 HOH HOH A . 
B 2 HOH 15 215 3  HOH HOH A . 
B 2 HOH 16 216 14 HOH HOH A . 
B 2 HOH 17 217 20 HOH HOH A . 
B 2 HOH 18 218 22 HOH HOH A . 
B 2 HOH 19 219 4  HOH HOH A . 
B 2 HOH 20 220 19 HOH HOH A . 
B 2 HOH 21 221 23 HOH HOH A . 
B 2 HOH 22 222 13 HOH HOH A . 
B 2 HOH 23 223 29 HOH HOH A . 
B 2 HOH 24 224 6  HOH HOH A . 
B 2 HOH 25 225 8  HOH HOH A . 
B 2 HOH 26 226 17 HOH HOH A . 
B 2 HOH 27 227 11 HOH HOH A . 
B 2 HOH 28 228 16 HOH HOH A . 
B 2 HOH 29 229 32 HOH HOH A . 
B 2 HOH 30 230 38 HOH HOH A . 
B 2 HOH 31 231 26 HOH HOH A . 
B 2 HOH 32 232 15 HOH HOH A . 
B 2 HOH 33 233 7  HOH HOH A . 
B 2 HOH 34 234 33 HOH HOH A . 
B 2 HOH 35 235 27 HOH HOH A . 
B 2 HOH 36 236 40 HOH HOH A . 
B 2 HOH 37 237 2  HOH HOH A . 
B 2 HOH 38 238 25 HOH HOH A . 
B 2 HOH 39 239 31 HOH HOH A . 
B 2 HOH 40 240 12 HOH HOH A . 
B 2 HOH 41 241 30 HOH HOH A . 
# 
loop_
_software.citation_id 
_software.classification 
_software.compiler_name 
_software.compiler_version 
_software.contact_author 
_software.contact_author_email 
_software.date 
_software.description 
_software.dependencies 
_software.hardware 
_software.language 
_software.location 
_software.mods 
_software.name 
_software.os 
_software.os_version 
_software.type 
_software.version 
_software.pdbx_ordinal 
? refinement        ? ? ? ? ? ? ? ? ? ? ? REFMAC      ? ? ? 5.8.0258 1 
? 'data extraction' ? ? ? ? ? ? ? ? ? ? ? PDB_EXTRACT ? ? ? 3.27     2 
? 'data reduction'  ? ? ? ? ? ? ? ? ? ? ? XDS         ? ? ? .        3 
? 'data scaling'    ? ? ? ? ? ? ? ? ? ? ? Aimless     ? ? ? .        4 
? phasing           ? ? ? ? ? ? ? ? ? ? ? PHASER      ? ? ? .        5 
# 
_cell.angle_alpha                  90.000 
_cell.angle_alpha_esd              ? 
_cell.angle_beta                   90.000 
_cell.angle_beta_esd               ? 
_cell.angle_gamma                  90.000 
_cell.angle_gamma_esd              ? 
_cell.entry_id                     7B7J 
_cell.details                      ? 
_cell.formula_units_Z              ? 
_cell.length_a                     43.979 
_cell.length_a_esd                 ? 
_cell.length_b                     43.979 
_cell.length_b_esd                 ? 
_cell.length_c                     85.146 
_cell.length_c_esd                 ? 
_cell.volume                       ? 
_cell.volume_esd                   ? 
_cell.Z_PDB                        8 
_cell.reciprocal_angle_alpha       ? 
_cell.reciprocal_angle_beta        ? 
_cell.reciprocal_angle_gamma       ? 
_cell.reciprocal_angle_alpha_esd   ? 
_cell.reciprocal_angle_beta_esd    ? 
_cell.reciprocal_angle_gamma_esd   ? 
_cell.reciprocal_length_a          ? 
_cell.reciprocal_length_b          ? 
_cell.reciprocal_length_c          ? 
_cell.reciprocal_length_a_esd      ? 
_cell.reciprocal_length_b_esd      ? 
_cell.reciprocal_length_c_esd      ? 
_cell.pdbx_unique_axis             ? 
# 
_symmetry.entry_id                         7B7J 
_symmetry.cell_setting                     ? 
_symmetry.Int_Tables_number                96 
_symmetry.space_group_name_Hall            ? 
_symmetry.space_group_name_H-M             'P 43 21 2' 
_symmetry.pdbx_full_space_group_name_H-M   ? 
# 
_exptl.absorpt_coefficient_mu     ? 
_exptl.absorpt_correction_T_max   ? 
_exptl.absorpt_correction_T_min   ? 
_exptl.absorpt_correction_type    ? 
_exptl.absorpt_process_details    ? 
_exptl.entry_id                   7B7J 
_exptl.crystals_number            1 
_exptl.details                    ? 
_exptl.method                     'X-RAY DIFFRACTION' 
_exptl.method_details             ? 
# 
_exptl_crystal.colour                      ? 
_exptl_crystal.density_diffrn              ? 
_exptl_crystal.density_Matthews            ? 
_exptl_crystal.density_method              ? 
_exptl_crystal.density_percent_sol         ? 
_exptl_crystal.description                 ? 
_exptl_crystal.F_000                       ? 
_exptl_crystal.id                          1 
_exptl_crystal.preparation                 ? 
_exptl_crystal.size_max                    ? 
_exptl_crystal.size_mid                    ? 
_exptl_crystal.size_min                    ? 
_exptl_crystal.size_rad                    ? 
_exptl_crystal.colour_lustre               ? 
_exptl_crystal.colour_modifier             ? 
_exptl_crystal.colour_primary              ? 
_exptl_crystal.density_meas                ? 
_exptl_crystal.density_meas_esd            ? 
_exptl_crystal.density_meas_gt             ? 
_exptl_crystal.density_meas_lt             ? 
_exptl_crystal.density_meas_temp           ? 
_exptl_crystal.density_meas_temp_esd       ? 
_exptl_crystal.density_meas_temp_gt        ? 
_exptl_crystal.density_meas_temp_lt        ? 
_exptl_crystal.pdbx_crystal_image_url      ? 
_exptl_crystal.pdbx_crystal_image_format   ? 
_exptl_crystal.pdbx_mosaicity              ? 
_exptl_crystal.pdbx_mosaicity_esd          ? 
# 
_exptl_crystal_grow.apparatus       ? 
_exptl_crystal_grow.atmosphere      ? 
_exptl_crystal_grow.crystal_id      1 
_exptl_crystal_grow.details         ? 
_exptl_crystal_grow.method          'VAPOR DIFFUSION, SITTING DROP' 
_exptl_crystal_grow.method_ref      ? 
_exptl_crystal_grow.pH              ? 
_exptl_crystal_grow.pressure        ? 
_exptl_crystal_grow.pressure_esd    ? 
_exptl_crystal_grow.seeding         ? 
_exptl_crystal_grow.seeding_ref     ? 
_exptl_crystal_grow.temp            292 
_exptl_crystal_grow.temp_details    ? 
_exptl_crystal_grow.temp_esd        ? 
_exptl_crystal_grow.time            ? 
_exptl_crystal_grow.pdbx_details    '0.06 M MgCl2, CaCl2, 0.1 M Tris:bicine pH 8.5, 10 % OEG 20k, 20 % PEG MME 550' 
_exptl_crystal_grow.pdbx_pH_range   ? 
# 
_diffrn.ambient_environment              ? 
_diffrn.ambient_temp                     100 
_diffrn.ambient_temp_details             ? 
_diffrn.ambient_temp_esd                 ? 
_diffrn.crystal_id                       1 
_diffrn.crystal_support                  ? 
_diffrn.crystal_treatment                ? 
_diffrn.details                          ? 
_diffrn.id                               1 
_diffrn.ambient_pressure                 ? 
_diffrn.ambient_pressure_esd             ? 
_diffrn.ambient_pressure_gt              ? 
_diffrn.ambient_pressure_lt              ? 
_diffrn.ambient_temp_gt                  ? 
_diffrn.ambient_temp_lt                  ? 
_diffrn.pdbx_serial_crystal_experiment   N 
# 
_diffrn_detector.details                      ? 
_diffrn_detector.detector                     PIXEL 
_diffrn_detector.diffrn_id                    1 
_diffrn_detector.type                         'DECTRIS PILATUS3 S 6M' 
_diffrn_detector.area_resol_mean              ? 
_diffrn_detector.dtime                        ? 
_diffrn_detector.pdbx_frames_total            ? 
_diffrn_detector.pdbx_collection_time_total   ? 
_diffrn_detector.pdbx_collection_date         2017-12-21 
_diffrn_detector.pdbx_frequency               ? 
# 
_diffrn_radiation.collimation                      ? 
_diffrn_radiation.diffrn_id                        1 
_diffrn_radiation.filter_edge                      ? 
_diffrn_radiation.inhomogeneity                    ? 
_diffrn_radiation.monochromator                    ? 
_diffrn_radiation.polarisn_norm                    ? 
_diffrn_radiation.polarisn_ratio                   ? 
_diffrn_radiation.probe                            ? 
_diffrn_radiation.type                             ? 
_diffrn_radiation.xray_symbol                      ? 
_diffrn_radiation.wavelength_id                    1 
_diffrn_radiation.pdbx_monochromatic_or_laue_m_l   M 
_diffrn_radiation.pdbx_wavelength_list             ? 
_diffrn_radiation.pdbx_wavelength                  ? 
_diffrn_radiation.pdbx_diffrn_protocol             'SINGLE WAVELENGTH' 
_diffrn_radiation.pdbx_analyzer                    ? 
_diffrn_radiation.pdbx_scattering_type             x-ray 
# 
_diffrn_radiation_wavelength.id           1 
_diffrn_radiation_wavelength.wavelength   0.97 
_diffrn_radiation_wavelength.wt           1.0 
# 
_diffrn_source.current                     ? 
_diffrn_source.details                     ? 
_diffrn_source.diffrn_id                   1 
_diffrn_source.power                       ? 
_diffrn_source.size                        ? 
_diffrn_source.source                      SYNCHROTRON 
_diffrn_source.target                      ? 
_diffrn_source.type                        'PETRA III, EMBL c/o DESY BEAMLINE P13 (MX1)' 
_diffrn_source.voltage                     ? 
_diffrn_source.take-off_angle              ? 
_diffrn_source.pdbx_wavelength_list        0.97 
_diffrn_source.pdbx_wavelength             ? 
_diffrn_source.pdbx_synchrotron_beamline   'P13 (MX1)' 
_diffrn_source.pdbx_synchrotron_site       'PETRA III, EMBL c/o DESY' 
# 
_reflns.B_iso_Wilson_estimate            ? 
_reflns.entry_id                         7B7J 
_reflns.data_reduction_details           ? 
_reflns.data_reduction_method            ? 
_reflns.d_resolution_high                1.66 
_reflns.d_resolution_low                 42.57 
_reflns.details                          ? 
_reflns.limit_h_max                      ? 
_reflns.limit_h_min                      ? 
_reflns.limit_k_max                      ? 
_reflns.limit_k_min                      ? 
_reflns.limit_l_max                      ? 
_reflns.limit_l_min                      ? 
_reflns.number_all                       ? 
_reflns.number_obs                       10396 
_reflns.observed_criterion               ? 
_reflns.observed_criterion_F_max         ? 
_reflns.observed_criterion_F_min         ? 
_reflns.observed_criterion_I_max         ? 
_reflns.observed_criterion_I_min         ? 
_reflns.observed_criterion_sigma_F       ? 
_reflns.observed_criterion_sigma_I       ? 
_reflns.percent_possible_obs             99.2 
_reflns.R_free_details                   ? 
_reflns.Rmerge_F_all                     ? 
_reflns.Rmerge_F_obs                     ? 
_reflns.Friedel_coverage                 ? 
_reflns.number_gt                        ? 
_reflns.threshold_expression             ? 
_reflns.pdbx_redundancy                  6.1 
_reflns.pdbx_Rmerge_I_obs                0.049 
_reflns.pdbx_Rmerge_I_all                ? 
_reflns.pdbx_Rsym_value                  ? 
_reflns.pdbx_netI_over_av_sigmaI         ? 
_reflns.pdbx_netI_over_sigmaI            13.7 
_reflns.pdbx_res_netI_over_av_sigmaI_2   ? 
_reflns.pdbx_res_netI_over_sigmaI_2      ? 
_reflns.pdbx_chi_squared                 ? 
_reflns.pdbx_scaling_rejects             ? 
_reflns.pdbx_d_res_high_opt              ? 
_reflns.pdbx_d_res_low_opt               ? 
_reflns.pdbx_d_res_opt_method            ? 
_reflns.phase_calculation_details        ? 
_reflns.pdbx_Rrim_I_all                  ? 
_reflns.pdbx_Rpim_I_all                  ? 
_reflns.pdbx_d_opt                       ? 
_reflns.pdbx_number_measured_all         ? 
_reflns.pdbx_diffrn_id                   1 
_reflns.pdbx_ordinal                     1 
_reflns.pdbx_CC_half                     ? 
_reflns.pdbx_CC_star                     ? 
_reflns.pdbx_R_split                     ? 
# 
_reflns_shell.d_res_high                  1.66 
_reflns_shell.d_res_low                   1.69 
_reflns_shell.meanI_over_sigI_all         ? 
_reflns_shell.meanI_over_sigI_obs         ? 
_reflns_shell.number_measured_all         ? 
_reflns_shell.number_measured_obs         ? 
_reflns_shell.number_possible             ? 
_reflns_shell.number_unique_all           ? 
_reflns_shell.number_unique_obs           510 
_reflns_shell.percent_possible_all        99.4 
_reflns_shell.percent_possible_obs        ? 
_reflns_shell.Rmerge_F_all                ? 
_reflns_shell.Rmerge_F_obs                ? 
_reflns_shell.Rmerge_I_all                ? 
_reflns_shell.Rmerge_I_obs                1.522 
_reflns_shell.meanI_over_sigI_gt          ? 
_reflns_shell.meanI_over_uI_all           ? 
_reflns_shell.meanI_over_uI_gt            ? 
_reflns_shell.number_measured_gt          ? 
_reflns_shell.number_unique_gt            ? 
_reflns_shell.percent_possible_gt         ? 
_reflns_shell.Rmerge_F_gt                 ? 
_reflns_shell.Rmerge_I_gt                 ? 
_reflns_shell.pdbx_redundancy             ? 
_reflns_shell.pdbx_Rsym_value             ? 
_reflns_shell.pdbx_chi_squared            ? 
_reflns_shell.pdbx_netI_over_sigmaI_all   ? 
_reflns_shell.pdbx_netI_over_sigmaI_obs   ? 
_reflns_shell.pdbx_Rrim_I_all             ? 
_reflns_shell.pdbx_Rpim_I_all             ? 
_reflns_shell.pdbx_rejects                ? 
_reflns_shell.pdbx_ordinal                1 
_reflns_shell.pdbx_diffrn_id              1 
_reflns_shell.pdbx_CC_half                ? 
_reflns_shell.pdbx_CC_star                ? 
_reflns_shell.pdbx_R_split                ? 
# 
_refine.aniso_B[1][1]                            0.5900 
_refine.aniso_B[1][2]                            -0.0000 
_refine.aniso_B[1][3]                            -0.0000 
_refine.aniso_B[2][2]                            0.5900 
_refine.aniso_B[2][3]                            0.0000 
_refine.aniso_B[3][3]                            -1.1900 
_refine.B_iso_max                                106.070 
_refine.B_iso_mean                               37.5510 
_refine.B_iso_min                                22.090 
_refine.correlation_coeff_Fo_to_Fc               0.9720 
_refine.correlation_coeff_Fo_to_Fc_free          0.9640 
_refine.details                                  'HYDROGENS HAVE BEEN ADDED IN THE RIDING POSITIONS U VALUES      : WITH TLS ADDED' 
_refine.diff_density_max                         ? 
_refine.diff_density_max_esd                     ? 
_refine.diff_density_min                         ? 
_refine.diff_density_min_esd                     ? 
_refine.diff_density_rms                         ? 
_refine.diff_density_rms_esd                     ? 
_refine.entry_id                                 7B7J 
_refine.pdbx_refine_id                           'X-RAY DIFFRACTION' 
_refine.ls_abs_structure_details                 ? 
_refine.ls_abs_structure_Flack                   ? 
_refine.ls_abs_structure_Flack_esd               ? 
_refine.ls_abs_structure_Rogers                  ? 
_refine.ls_abs_structure_Rogers_esd              ? 
_refine.ls_d_res_high                            1.6600 
_refine.ls_d_res_low                             30.6100 
_refine.ls_extinction_coef                       ? 
_refine.ls_extinction_coef_esd                   ? 
_refine.ls_extinction_expression                 ? 
_refine.ls_extinction_method                     ? 
_refine.ls_goodness_of_fit_all                   ? 
_refine.ls_goodness_of_fit_all_esd               ? 
_refine.ls_goodness_of_fit_obs                   ? 
_refine.ls_goodness_of_fit_obs_esd               ? 
_refine.ls_hydrogen_treatment                    ? 
_refine.ls_matrix_type                           ? 
_refine.ls_number_constraints                    ? 
_refine.ls_number_parameters                     ? 
_refine.ls_number_reflns_all                     ? 
_refine.ls_number_reflns_obs                     9827 
_refine.ls_number_reflns_R_free                  521 
_refine.ls_number_reflns_R_work                  ? 
_refine.ls_number_restraints                     ? 
_refine.ls_percent_reflns_obs                    98.9300 
_refine.ls_percent_reflns_R_free                 5.0000 
_refine.ls_R_factor_all                          ? 
_refine.ls_R_factor_obs                          0.1830 
_refine.ls_R_factor_R_free                       0.2163 
_refine.ls_R_factor_R_free_error                 ? 
_refine.ls_R_factor_R_free_error_details         ? 
_refine.ls_R_factor_R_work                       0.1812 
_refine.ls_R_Fsqd_factor_obs                     ? 
_refine.ls_R_I_factor_obs                        ? 
_refine.ls_redundancy_reflns_all                 ? 
_refine.ls_redundancy_reflns_obs                 ? 
_refine.ls_restrained_S_all                      ? 
_refine.ls_restrained_S_obs                      ? 
_refine.ls_shift_over_esd_max                    ? 
_refine.ls_shift_over_esd_mean                   ? 
_refine.ls_structure_factor_coef                 ? 
_refine.ls_weighting_details                     ? 
_refine.ls_weighting_scheme                      ? 
_refine.ls_wR_factor_all                         ? 
_refine.ls_wR_factor_obs                         ? 
_refine.ls_wR_factor_R_free                      ? 
_refine.ls_wR_factor_R_work                      ? 
_refine.occupancy_max                            ? 
_refine.occupancy_min                            ? 
_refine.solvent_model_details                    MASK 
_refine.solvent_model_param_bsol                 ? 
_refine.solvent_model_param_ksol                 ? 
_refine.pdbx_R_complete                          ? 
_refine.ls_R_factor_gt                           ? 
_refine.ls_goodness_of_fit_gt                    ? 
_refine.ls_goodness_of_fit_ref                   ? 
_refine.ls_shift_over_su_max                     ? 
_refine.ls_shift_over_su_max_lt                  ? 
_refine.ls_shift_over_su_mean                    ? 
_refine.ls_shift_over_su_mean_lt                 ? 
_refine.pdbx_ls_sigma_I                          ? 
_refine.pdbx_ls_sigma_F                          0.000 
_refine.pdbx_ls_sigma_Fsqd                       ? 
_refine.pdbx_data_cutoff_high_absF               ? 
_refine.pdbx_data_cutoff_high_rms_absF           ? 
_refine.pdbx_data_cutoff_low_absF                ? 
_refine.pdbx_isotropic_thermal_model             ? 
_refine.pdbx_ls_cross_valid_method               THROUGHOUT 
_refine.pdbx_method_to_determine_struct          'MOLECULAR REPLACEMENT' 
_refine.pdbx_starting_model                      4KV2 
_refine.pdbx_stereochemistry_target_values       'MAXIMUM LIKELIHOOD' 
_refine.pdbx_R_Free_selection_details            RANDOM 
_refine.pdbx_stereochem_target_val_spec_case     ? 
_refine.pdbx_overall_ESU_R                       0.1010 
_refine.pdbx_overall_ESU_R_Free                  0.1010 
_refine.pdbx_solvent_vdw_probe_radii             1.2000 
_refine.pdbx_solvent_ion_probe_radii             0.8000 
_refine.pdbx_solvent_shrinkage_radii             0.8000 
_refine.pdbx_real_space_R                        ? 
_refine.pdbx_density_correlation                 ? 
_refine.pdbx_pd_number_of_powder_patterns        ? 
_refine.pdbx_pd_number_of_points                 ? 
_refine.pdbx_pd_meas_number_of_points            ? 
_refine.pdbx_pd_proc_ls_prof_R_factor            ? 
_refine.pdbx_pd_proc_ls_prof_wR_factor           ? 
_refine.pdbx_pd_Marquardt_correlation_coeff      ? 
_refine.pdbx_pd_Fsqrd_R_factor                   ? 
_refine.pdbx_pd_ls_matrix_band_width             ? 
_refine.pdbx_overall_phase_error                 ? 
_refine.pdbx_overall_SU_R_free_Cruickshank_DPI   ? 
_refine.pdbx_overall_SU_R_free_Blow_DPI          ? 
_refine.pdbx_overall_SU_R_Blow_DPI               ? 
_refine.pdbx_TLS_residual_ADP_flag               ? 
_refine.pdbx_diffrn_id                           1 
_refine.overall_SU_B                             5.3820 
_refine.overall_SU_ML                            0.0870 
_refine.overall_SU_R_Cruickshank_DPI             ? 
_refine.overall_SU_R_free                        ? 
_refine.overall_FOM_free_R_set                   ? 
_refine.overall_FOM_work_R_set                   ? 
_refine.pdbx_average_fsc_overall                 ? 
_refine.pdbx_average_fsc_work                    ? 
_refine.pdbx_average_fsc_free                    ? 
# 
_refine_hist.pdbx_refine_id                   'X-RAY DIFFRACTION' 
_refine_hist.cycle_id                         final 
_refine_hist.details                          ? 
_refine_hist.d_res_high                       1.6600 
_refine_hist.d_res_low                        30.6100 
_refine_hist.number_atoms_solvent             41 
_refine_hist.number_atoms_total               742 
_refine_hist.number_reflns_all                ? 
_refine_hist.number_reflns_obs                ? 
_refine_hist.number_reflns_R_free             ? 
_refine_hist.number_reflns_R_work             ? 
_refine_hist.R_factor_all                     ? 
_refine_hist.R_factor_obs                     ? 
_refine_hist.R_factor_R_free                  ? 
_refine_hist.R_factor_R_work                  ? 
_refine_hist.pdbx_number_residues_total       91 
_refine_hist.pdbx_B_iso_mean_ligand           ? 
_refine_hist.pdbx_B_iso_mean_solvent          39.94 
_refine_hist.pdbx_number_atoms_protein        701 
_refine_hist.pdbx_number_atoms_nucleic_acid   0 
_refine_hist.pdbx_number_atoms_ligand         0 
_refine_hist.pdbx_number_atoms_lipid          ? 
_refine_hist.pdbx_number_atoms_carb           ? 
_refine_hist.pdbx_pseudo_atom_details         ? 
# 
loop_
_refine_ls_restr.pdbx_refine_id 
_refine_ls_restr.criterion 
_refine_ls_restr.dev_ideal 
_refine_ls_restr.dev_ideal_target 
_refine_ls_restr.number 
_refine_ls_restr.rejects 
_refine_ls_restr.type 
_refine_ls_restr.weight 
_refine_ls_restr.pdbx_restraint_function 
'X-RAY DIFFRACTION' ? 0.032  0.013  713  ? r_bond_refined_d       ? ? 
'X-RAY DIFFRACTION' ? 0.004  0.017  714  ? r_bond_other_d         ? ? 
'X-RAY DIFFRACTION' ? 3.305  1.635  972  ? r_angle_refined_deg    ? ? 
'X-RAY DIFFRACTION' ? 1.795  1.574  1644 ? r_angle_other_deg      ? ? 
'X-RAY DIFFRACTION' ? 6.983  5.000  90   ? r_dihedral_angle_1_deg ? ? 
'X-RAY DIFFRACTION' ? 34.695 21.471 34   ? r_dihedral_angle_2_deg ? ? 
'X-RAY DIFFRACTION' ? 17.986 15.000 123  ? r_dihedral_angle_3_deg ? ? 
'X-RAY DIFFRACTION' ? 19.340 15.000 6    ? r_dihedral_angle_4_deg ? ? 
'X-RAY DIFFRACTION' ? 0.211  0.200  94   ? r_chiral_restr         ? ? 
'X-RAY DIFFRACTION' ? 0.024  0.020  780  ? r_gen_planes_refined   ? ? 
'X-RAY DIFFRACTION' ? 0.002  0.020  138  ? r_gen_planes_other     ? ? 
# 
_refine_ls_shell.pdbx_refine_id                   'X-RAY DIFFRACTION' 
_refine_ls_shell.d_res_high                       1.6600 
_refine_ls_shell.d_res_low                        1.7030 
_refine_ls_shell.number_reflns_all                744 
_refine_ls_shell.number_reflns_obs                ? 
_refine_ls_shell.number_reflns_R_free             36 
_refine_ls_shell.number_reflns_R_work             708 
_refine_ls_shell.percent_reflns_obs               99.4700 
_refine_ls_shell.percent_reflns_R_free            ? 
_refine_ls_shell.R_factor_all                     ? 
_refine_ls_shell.R_factor_obs                     ? 
_refine_ls_shell.R_factor_R_free                  0.3320 
_refine_ls_shell.R_factor_R_free_error            0.0000 
_refine_ls_shell.R_factor_R_work                  0.3160 
_refine_ls_shell.redundancy_reflns_all            ? 
_refine_ls_shell.redundancy_reflns_obs            ? 
_refine_ls_shell.wR_factor_all                    ? 
_refine_ls_shell.wR_factor_obs                    ? 
_refine_ls_shell.wR_factor_R_free                 ? 
_refine_ls_shell.wR_factor_R_work                 ? 
_refine_ls_shell.pdbx_R_complete                  ? 
_refine_ls_shell.pdbx_total_number_of_bins_used   20 
_refine_ls_shell.pdbx_phase_error                 ? 
_refine_ls_shell.pdbx_fsc_work                    ? 
_refine_ls_shell.pdbx_fsc_free                    ? 
# 
_struct.entry_id                     7B7J 
_struct.title                        'EccD5 ubiqutin like domain from Mycobacterium xenopi' 
_struct.pdbx_model_details           ? 
_struct.pdbx_formula_weight          ? 
_struct.pdbx_formula_weight_method   ? 
_struct.pdbx_model_type_details      ? 
_struct.pdbx_CASP_flag               N 
# 
_struct_keywords.entry_id        7B7J 
_struct_keywords.text            'ubiqutin-like cytosolic ESX secretion, MEMBRANE PROTEIN' 
_struct_keywords.pdbx_keywords   'MEMBRANE PROTEIN' 
# 
loop_
_struct_asym.id 
_struct_asym.pdbx_blank_PDB_chainid_flag 
_struct_asym.pdbx_modified 
_struct_asym.entity_id 
_struct_asym.details 
A N N 1 ? 
B N N 2 ? 
# 
_struct_ref.id                         1 
_struct_ref.db_name                    UNP 
_struct_ref.db_code                    A0A2X1TKE2_MYCXE 
_struct_ref.pdbx_db_accession          A0A2X1TKE2 
_struct_ref.pdbx_db_isoform            ? 
_struct_ref.entity_id                  1 
_struct_ref.pdbx_seq_one_letter_code   
;MTAIVEAPQPGAEAIASPQAAVVAIMAADVQIAVVLDAHAPISVMIDPLLKVVNTRLRELGVAPLEAKGRGRWMLCLVDG
TPLRPNLSLTEQEVYDGDRLWLKFLEDTEHRSEVIEHISTAVATNLSKR
;
_struct_ref.pdbx_align_begin           1 
# 
_struct_ref_seq.align_id                      1 
_struct_ref_seq.ref_id                        1 
_struct_ref_seq.pdbx_PDB_id_code              7B7J 
_struct_ref_seq.pdbx_strand_id                A 
_struct_ref_seq.seq_align_beg                 1 
_struct_ref_seq.pdbx_seq_align_beg_ins_code   ? 
_struct_ref_seq.seq_align_end                 129 
_struct_ref_seq.pdbx_seq_align_end_ins_code   ? 
_struct_ref_seq.pdbx_db_accession             A0A2X1TKE2 
_struct_ref_seq.db_align_beg                  1 
_struct_ref_seq.pdbx_db_align_beg_ins_code    ? 
_struct_ref_seq.db_align_end                  129 
_struct_ref_seq.pdbx_db_align_end_ins_code    ? 
_struct_ref_seq.pdbx_auth_seq_align_beg       0 
_struct_ref_seq.pdbx_auth_seq_align_end       128 
# 
_pdbx_struct_assembly.id                   1 
_pdbx_struct_assembly.details              author_defined_assembly 
_pdbx_struct_assembly.method_details       ? 
_pdbx_struct_assembly.oligomeric_details   monomeric 
_pdbx_struct_assembly.oligomeric_count     1 
# 
loop_
_pdbx_struct_assembly_prop.biol_id 
_pdbx_struct_assembly_prop.type 
_pdbx_struct_assembly_prop.value 
_pdbx_struct_assembly_prop.details 
1 'ABSA (A^2)' 0    ? 
1 MORE         0    ? 
1 'SSA (A^2)'  5870 ? 
# 
_pdbx_struct_assembly_gen.assembly_id       1 
_pdbx_struct_assembly_gen.oper_expression   1 
_pdbx_struct_assembly_gen.asym_id_list      A,B 
# 
_pdbx_struct_assembly_auth_evidence.id                     1 
_pdbx_struct_assembly_auth_evidence.assembly_id            1 
_pdbx_struct_assembly_auth_evidence.experimental_support   'gel filtration' 
_pdbx_struct_assembly_auth_evidence.details                ? 
# 
_pdbx_struct_oper_list.id                   1 
_pdbx_struct_oper_list.type                 'identity operation' 
_pdbx_struct_oper_list.name                 1_555 
_pdbx_struct_oper_list.symmetry_operation   x,y,z 
_pdbx_struct_oper_list.matrix[1][1]         1.0000000000 
_pdbx_struct_oper_list.matrix[1][2]         0.0000000000 
_pdbx_struct_oper_list.matrix[1][3]         0.0000000000 
_pdbx_struct_oper_list.vector[1]            0.0000000000 
_pdbx_struct_oper_list.matrix[2][1]         0.0000000000 
_pdbx_struct_oper_list.matrix[2][2]         1.0000000000 
_pdbx_struct_oper_list.matrix[2][3]         0.0000000000 
_pdbx_struct_oper_list.vector[2]            0.0000000000 
_pdbx_struct_oper_list.matrix[3][1]         0.0000000000 
_pdbx_struct_oper_list.matrix[3][2]         0.0000000000 
_pdbx_struct_oper_list.matrix[3][3]         1.0000000000 
_pdbx_struct_oper_list.vector[3]            0.0000000000 
# 
loop_
_struct_conf.conf_type_id 
_struct_conf.id 
_struct_conf.pdbx_PDB_helix_id 
_struct_conf.beg_label_comp_id 
_struct_conf.beg_label_asym_id 
_struct_conf.beg_label_seq_id 
_struct_conf.pdbx_beg_PDB_ins_code 
_struct_conf.end_label_comp_id 
_struct_conf.end_label_asym_id 
_struct_conf.end_label_seq_id 
_struct_conf.pdbx_end_PDB_ins_code 
_struct_conf.beg_auth_comp_id 
_struct_conf.beg_auth_asym_id 
_struct_conf.beg_auth_seq_id 
_struct_conf.end_auth_comp_id 
_struct_conf.end_auth_asym_id 
_struct_conf.end_auth_seq_id 
_struct_conf.pdbx_PDB_helix_class 
_struct_conf.details 
_struct_conf.pdbx_PDB_helix_length 
HELX_P HELX_P1 AA1 PRO A 41 ? GLY A 61 ? PRO A 40 GLY A 60 1 ? 21 
HELX_P HELX_P2 AA2 LEU A 89 ? GLU A 93 ? LEU A 88 GLU A 92 5 ? 5  
# 
_struct_conf_type.id          HELX_P 
_struct_conf_type.criteria    ? 
_struct_conf_type.reference   ? 
# 
_struct_sheet.id               AA1 
_struct_sheet.type             ? 
_struct_sheet.number_strands   4 
_struct_sheet.details          ? 
# 
loop_
_struct_sheet_order.sheet_id 
_struct_sheet_order.range_id_1 
_struct_sheet_order.range_id_2 
_struct_sheet_order.offset 
_struct_sheet_order.sense 
AA1 1 2 ? anti-parallel 
AA1 2 3 ? parallel      
AA1 3 4 ? anti-parallel 
# 
loop_
_struct_sheet_range.sheet_id 
_struct_sheet_range.id 
_struct_sheet_range.beg_label_comp_id 
_struct_sheet_range.beg_label_asym_id 
_struct_sheet_range.beg_label_seq_id 
_struct_sheet_range.pdbx_beg_PDB_ins_code 
_struct_sheet_range.end_label_comp_id 
_struct_sheet_range.end_label_asym_id 
_struct_sheet_range.end_label_seq_id 
_struct_sheet_range.pdbx_end_PDB_ins_code 
_struct_sheet_range.beg_auth_comp_id 
_struct_sheet_range.beg_auth_asym_id 
_struct_sheet_range.beg_auth_seq_id 
_struct_sheet_range.end_auth_comp_id 
_struct_sheet_range.end_auth_asym_id 
_struct_sheet_range.end_auth_seq_id 
AA1 1 VAL A 30 ? ASP A 37  ? VAL A 29 ASP A 36  
AA1 2 ALA A 20 ? ALA A 27  ? ALA A 19 ALA A 26  
AA1 3 ARG A 99 ? ASP A 107 ? ARG A 98 ASP A 106 
AA1 4 ARG A 70 ? CYS A 76  ? ARG A 69 CYS A 75  
# 
loop_
_pdbx_struct_sheet_hbond.sheet_id 
_pdbx_struct_sheet_hbond.range_id_1 
_pdbx_struct_sheet_hbond.range_id_2 
_pdbx_struct_sheet_hbond.range_1_label_atom_id 
_pdbx_struct_sheet_hbond.range_1_label_comp_id 
_pdbx_struct_sheet_hbond.range_1_label_asym_id 
_pdbx_struct_sheet_hbond.range_1_label_seq_id 
_pdbx_struct_sheet_hbond.range_1_PDB_ins_code 
_pdbx_struct_sheet_hbond.range_1_auth_atom_id 
_pdbx_struct_sheet_hbond.range_1_auth_comp_id 
_pdbx_struct_sheet_hbond.range_1_auth_asym_id 
_pdbx_struct_sheet_hbond.range_1_auth_seq_id 
_pdbx_struct_sheet_hbond.range_2_label_atom_id 
_pdbx_struct_sheet_hbond.range_2_label_comp_id 
_pdbx_struct_sheet_hbond.range_2_label_asym_id 
_pdbx_struct_sheet_hbond.range_2_label_seq_id 
_pdbx_struct_sheet_hbond.range_2_PDB_ins_code 
_pdbx_struct_sheet_hbond.range_2_auth_atom_id 
_pdbx_struct_sheet_hbond.range_2_auth_comp_id 
_pdbx_struct_sheet_hbond.range_2_auth_asym_id 
_pdbx_struct_sheet_hbond.range_2_auth_seq_id 
AA1 1 2 O ILE A 32  ? O ILE A 31  N ILE A 25  ? N ILE A 24 
AA1 2 3 N MET A 26  ? N MET A 25  O LEU A 100 ? O LEU A 99 
AA1 3 4 O ASP A 107 ? O ASP A 106 N ARG A 70  ? N ARG A 69 
# 
_pdbx_validate_close_contact.id               1 
_pdbx_validate_close_contact.PDB_model_num    1 
_pdbx_validate_close_contact.auth_atom_id_1   O 
_pdbx_validate_close_contact.auth_asym_id_1   A 
_pdbx_validate_close_contact.auth_comp_id_1   HOH 
_pdbx_validate_close_contact.auth_seq_id_1    221 
_pdbx_validate_close_contact.PDB_ins_code_1   ? 
_pdbx_validate_close_contact.label_alt_id_1   ? 
_pdbx_validate_close_contact.auth_atom_id_2   O 
_pdbx_validate_close_contact.auth_asym_id_2   A 
_pdbx_validate_close_contact.auth_comp_id_2   HOH 
_pdbx_validate_close_contact.auth_seq_id_2    241 
_pdbx_validate_close_contact.PDB_ins_code_2   ? 
_pdbx_validate_close_contact.label_alt_id_2   ? 
_pdbx_validate_close_contact.dist             2.01 
# 
loop_
_pdbx_validate_symm_contact.id 
_pdbx_validate_symm_contact.PDB_model_num 
_pdbx_validate_symm_contact.auth_atom_id_1 
_pdbx_validate_symm_contact.auth_asym_id_1 
_pdbx_validate_symm_contact.auth_comp_id_1 
_pdbx_validate_symm_contact.auth_seq_id_1 
_pdbx_validate_symm_contact.PDB_ins_code_1 
_pdbx_validate_symm_contact.label_alt_id_1 
_pdbx_validate_symm_contact.site_symmetry_1 
_pdbx_validate_symm_contact.auth_atom_id_2 
_pdbx_validate_symm_contact.auth_asym_id_2 
_pdbx_validate_symm_contact.auth_comp_id_2 
_pdbx_validate_symm_contact.auth_seq_id_2 
_pdbx_validate_symm_contact.PDB_ins_code_2 
_pdbx_validate_symm_contact.label_alt_id_2 
_pdbx_validate_symm_contact.site_symmetry_2 
_pdbx_validate_symm_contact.dist 
1 1 NH1 A ARG 57 ? ? 1_555 CZ  A ARG 69 ? ? 8_557 1.41 
2 1 NH1 A ARG 57 ? ? 1_555 NE  A ARG 69 ? ? 8_557 1.78 
3 1 NH1 A ARG 57 ? ? 1_555 NH1 A ARG 69 ? ? 8_557 1.84 
4 1 NH1 A ARG 57 ? ? 1_555 NH2 A ARG 69 ? ? 8_557 2.15 
# 
loop_
_pdbx_validate_rmsd_bond.id 
_pdbx_validate_rmsd_bond.PDB_model_num 
_pdbx_validate_rmsd_bond.auth_atom_id_1 
_pdbx_validate_rmsd_bond.auth_asym_id_1 
_pdbx_validate_rmsd_bond.auth_comp_id_1 
_pdbx_validate_rmsd_bond.auth_seq_id_1 
_pdbx_validate_rmsd_bond.PDB_ins_code_1 
_pdbx_validate_rmsd_bond.label_alt_id_1 
_pdbx_validate_rmsd_bond.auth_atom_id_2 
_pdbx_validate_rmsd_bond.auth_asym_id_2 
_pdbx_validate_rmsd_bond.auth_comp_id_2 
_pdbx_validate_rmsd_bond.auth_seq_id_2 
_pdbx_validate_rmsd_bond.PDB_ins_code_2 
_pdbx_validate_rmsd_bond.label_alt_id_2 
_pdbx_validate_rmsd_bond.bond_value 
_pdbx_validate_rmsd_bond.bond_target_value 
_pdbx_validate_rmsd_bond.bond_deviation 
_pdbx_validate_rmsd_bond.bond_standard_deviation 
_pdbx_validate_rmsd_bond.linker_flag 
1 1 C A GLY 79  ? ? O A GLY 79  ? ? 1.347 1.232 0.115  0.016 N 
2 1 C A GLU 105 ? ? N A ASP 106 ? ? 1.144 1.336 -0.192 0.023 Y 
# 
loop_
_pdbx_validate_rmsd_angle.id 
_pdbx_validate_rmsd_angle.PDB_model_num 
_pdbx_validate_rmsd_angle.auth_atom_id_1 
_pdbx_validate_rmsd_angle.auth_asym_id_1 
_pdbx_validate_rmsd_angle.auth_comp_id_1 
_pdbx_validate_rmsd_angle.auth_seq_id_1 
_pdbx_validate_rmsd_angle.PDB_ins_code_1 
_pdbx_validate_rmsd_angle.label_alt_id_1 
_pdbx_validate_rmsd_angle.auth_atom_id_2 
_pdbx_validate_rmsd_angle.auth_asym_id_2 
_pdbx_validate_rmsd_angle.auth_comp_id_2 
_pdbx_validate_rmsd_angle.auth_seq_id_2 
_pdbx_validate_rmsd_angle.PDB_ins_code_2 
_pdbx_validate_rmsd_angle.label_alt_id_2 
_pdbx_validate_rmsd_angle.auth_atom_id_3 
_pdbx_validate_rmsd_angle.auth_asym_id_3 
_pdbx_validate_rmsd_angle.auth_comp_id_3 
_pdbx_validate_rmsd_angle.auth_seq_id_3 
_pdbx_validate_rmsd_angle.PDB_ins_code_3 
_pdbx_validate_rmsd_angle.label_alt_id_3 
_pdbx_validate_rmsd_angle.angle_value 
_pdbx_validate_rmsd_angle.angle_target_value 
_pdbx_validate_rmsd_angle.angle_deviation 
_pdbx_validate_rmsd_angle.angle_standard_deviation 
_pdbx_validate_rmsd_angle.linker_flag 
1  1 CG1 A VAL 22 ? ? CB A VAL 22 ? ? CG2 A VAL 22 ? ? 100.65 110.90 -10.25 1.60 N 
2  1 CB  A ASP 46 ? ? CG A ASP 46 ? ? OD1 A ASP 46 ? ? 125.05 118.30 6.75   0.90 N 
3  1 NE  A ARG 55 ? ? CZ A ARG 55 ? ? NH1 A ARG 55 ? ? 117.11 120.30 -3.19  0.50 N 
4  1 CB  A LYS 67 ? ? CA A LYS 67 ? ? C   A LYS 67 ? ? 137.47 110.40 27.07  2.00 N 
5  1 N   A LYS 67 ? ? CA A LYS 67 ? ? C   A LYS 67 ? ? 90.02  111.00 -20.98 2.70 N 
6  1 CG  A ARG 71 ? ? CD A ARG 71 ? ? NE  A ARG 71 ? ? 96.71  111.80 -15.09 2.10 N 
7  1 NE  A ARG 71 ? ? CZ A ARG 71 ? ? NH2 A ARG 71 ? ? 116.50 120.30 -3.80  0.50 N 
8  1 CB  A LEU 74 ? ? CG A LEU 74 ? ? CD1 A LEU 74 ? ? 100.73 111.00 -10.27 1.70 N 
9  1 CG  A ARG 83 ? ? CD A ARG 83 ? ? NE  A ARG 83 ? ? 96.95  111.80 -14.85 2.10 N 
10 1 CB  A TYR 94 ? ? CG A TYR 94 ? ? CD2 A TYR 94 ? ? 117.30 121.00 -3.70  0.60 N 
# 
_pdbx_validate_planes.id              1 
_pdbx_validate_planes.PDB_model_num   1 
_pdbx_validate_planes.auth_comp_id    ARG 
_pdbx_validate_planes.auth_asym_id    A 
_pdbx_validate_planes.auth_seq_id     98 
_pdbx_validate_planes.PDB_ins_code    ? 
_pdbx_validate_planes.label_alt_id    ? 
_pdbx_validate_planes.rmsd            0.069 
_pdbx_validate_planes.type            'SIDE CHAIN' 
# 
_pdbx_validate_main_chain_plane.id                       1 
_pdbx_validate_main_chain_plane.PDB_model_num            1 
_pdbx_validate_main_chain_plane.auth_comp_id             GLY 
_pdbx_validate_main_chain_plane.auth_asym_id             A 
_pdbx_validate_main_chain_plane.auth_seq_id              79 
_pdbx_validate_main_chain_plane.PDB_ins_code             ? 
_pdbx_validate_main_chain_plane.label_alt_id             ? 
_pdbx_validate_main_chain_plane.improper_torsion_angle   10.56 
# 
_pdbx_validate_polymer_linkage.id               1 
_pdbx_validate_polymer_linkage.PDB_model_num    1 
_pdbx_validate_polymer_linkage.auth_atom_id_1   C 
_pdbx_validate_polymer_linkage.auth_asym_id_1   A 
_pdbx_validate_polymer_linkage.auth_comp_id_1   GLU 
_pdbx_validate_polymer_linkage.auth_seq_id_1    105 
_pdbx_validate_polymer_linkage.PDB_ins_code_1   ? 
_pdbx_validate_polymer_linkage.label_alt_id_1   ? 
_pdbx_validate_polymer_linkage.auth_atom_id_2   N 
_pdbx_validate_polymer_linkage.auth_asym_id_2   A 
_pdbx_validate_polymer_linkage.auth_comp_id_2   ASP 
_pdbx_validate_polymer_linkage.auth_seq_id_2    106 
_pdbx_validate_polymer_linkage.PDB_ins_code_2   ? 
_pdbx_validate_polymer_linkage.label_alt_id_2   ? 
_pdbx_validate_polymer_linkage.dist             1.14 
# 
_pdbx_refine_tls.id               1 
_pdbx_refine_tls.pdbx_refine_id   'X-RAY DIFFRACTION' 
_pdbx_refine_tls.details          ? 
_pdbx_refine_tls.method           refined 
_pdbx_refine_tls.origin_x         0.2207 
_pdbx_refine_tls.origin_y         0.0685 
_pdbx_refine_tls.origin_z         -0.1482 
_pdbx_refine_tls.T[1][1]          0.0297 
_pdbx_refine_tls.T[1][1]_esd      ? 
_pdbx_refine_tls.T[1][2]          -0.0147 
_pdbx_refine_tls.T[1][2]_esd      ? 
_pdbx_refine_tls.T[1][3]          0.0197 
_pdbx_refine_tls.T[1][3]_esd      ? 
_pdbx_refine_tls.T[2][2]          0.0230 
_pdbx_refine_tls.T[2][2]_esd      ? 
_pdbx_refine_tls.T[2][3]          0.0124 
_pdbx_refine_tls.T[2][3]_esd      ? 
_pdbx_refine_tls.T[3][3]          0.1019 
_pdbx_refine_tls.T[3][3]_esd      ? 
_pdbx_refine_tls.L[1][1]          2.5124 
_pdbx_refine_tls.L[1][1]_esd      ? 
_pdbx_refine_tls.L[1][2]          -0.7163 
_pdbx_refine_tls.L[1][2]_esd      ? 
_pdbx_refine_tls.L[1][3]          -0.8696 
_pdbx_refine_tls.L[1][3]_esd      ? 
_pdbx_refine_tls.L[2][2]          2.9087 
_pdbx_refine_tls.L[2][2]_esd      ? 
_pdbx_refine_tls.L[2][3]          -0.3679 
_pdbx_refine_tls.L[2][3]_esd      ? 
_pdbx_refine_tls.L[3][3]          2.8837 
_pdbx_refine_tls.L[3][3]_esd      ? 
_pdbx_refine_tls.S[1][1]          0.0852 
_pdbx_refine_tls.S[1][1]_esd      ? 
_pdbx_refine_tls.S[1][2]          -0.0298 
_pdbx_refine_tls.S[1][2]_esd      ? 
_pdbx_refine_tls.S[1][3]          0.3190 
_pdbx_refine_tls.S[1][3]_esd      ? 
_pdbx_refine_tls.S[2][1]          0.0967 
_pdbx_refine_tls.S[2][1]_esd      ? 
_pdbx_refine_tls.S[2][2]          0.0135 
_pdbx_refine_tls.S[2][2]_esd      ? 
_pdbx_refine_tls.S[2][3]          -0.2015 
_pdbx_refine_tls.S[2][3]_esd      ? 
_pdbx_refine_tls.S[3][1]          -0.2658 
_pdbx_refine_tls.S[3][1]_esd      ? 
_pdbx_refine_tls.S[3][2]          0.2058 
_pdbx_refine_tls.S[3][2]_esd      ? 
_pdbx_refine_tls.S[3][3]          -0.0987 
_pdbx_refine_tls.S[3][3]_esd      ? 
# 
_pdbx_refine_tls_group.id                  1 
_pdbx_refine_tls_group.pdbx_refine_id      'X-RAY DIFFRACTION' 
_pdbx_refine_tls_group.refine_tls_id       1 
_pdbx_refine_tls_group.beg_label_asym_id   ? 
_pdbx_refine_tls_group.beg_label_seq_id    ? 
_pdbx_refine_tls_group.beg_auth_asym_id    A 
_pdbx_refine_tls_group.beg_auth_seq_id     17 
_pdbx_refine_tls_group.beg_PDB_ins_code    ? 
_pdbx_refine_tls_group.end_label_asym_id   ? 
_pdbx_refine_tls_group.end_label_seq_id    ? 
_pdbx_refine_tls_group.end_auth_asym_id    A 
_pdbx_refine_tls_group.end_auth_seq_id     107 
_pdbx_refine_tls_group.end_PDB_ins_code    ? 
_pdbx_refine_tls_group.selection           ? 
_pdbx_refine_tls_group.selection_details   ? 
# 
loop_
_pdbx_unobs_or_zero_occ_residues.id 
_pdbx_unobs_or_zero_occ_residues.PDB_model_num 
_pdbx_unobs_or_zero_occ_residues.polymer_flag 
_pdbx_unobs_or_zero_occ_residues.occupancy_flag 
_pdbx_unobs_or_zero_occ_residues.auth_asym_id 
_pdbx_unobs_or_zero_occ_residues.auth_comp_id 
_pdbx_unobs_or_zero_occ_residues.auth_seq_id 
_pdbx_unobs_or_zero_occ_residues.PDB_ins_code 
_pdbx_unobs_or_zero_occ_residues.label_asym_id 
_pdbx_unobs_or_zero_occ_residues.label_comp_id 
_pdbx_unobs_or_zero_occ_residues.label_seq_id 
1  1 Y 1 A MET 0   ? A MET 1   
2  1 Y 1 A THR 1   ? A THR 2   
3  1 Y 1 A ALA 2   ? A ALA 3   
4  1 Y 1 A ILE 3   ? A ILE 4   
5  1 Y 1 A VAL 4   ? A VAL 5   
6  1 Y 1 A GLU 5   ? A GLU 6   
7  1 Y 1 A ALA 6   ? A ALA 7   
8  1 Y 1 A PRO 7   ? A PRO 8   
9  1 Y 1 A GLN 8   ? A GLN 9   
10 1 Y 1 A PRO 9   ? A PRO 10  
11 1 Y 1 A GLY 10  ? A GLY 11  
12 1 Y 1 A ALA 11  ? A ALA 12  
13 1 Y 1 A GLU 12  ? A GLU 13  
14 1 Y 1 A ALA 13  ? A ALA 14  
15 1 Y 1 A ILE 14  ? A ILE 15  
16 1 Y 1 A ALA 15  ? A ALA 16  
17 1 Y 1 A SER 16  ? A SER 17  
18 1 Y 1 A GLU 108 ? A GLU 109 
19 1 Y 1 A HIS 109 ? A HIS 110 
20 1 Y 1 A ARG 110 ? A ARG 111 
21 1 Y 1 A SER 111 ? A SER 112 
22 1 Y 1 A GLU 112 ? A GLU 113 
23 1 Y 1 A VAL 113 ? A VAL 114 
24 1 Y 1 A ILE 114 ? A ILE 115 
25 1 Y 1 A GLU 115 ? A GLU 116 
26 1 Y 1 A HIS 116 ? A HIS 117 
27 1 Y 1 A ILE 117 ? A ILE 118 
28 1 Y 1 A SER 118 ? A SER 119 
29 1 Y 1 A THR 119 ? A THR 120 
30 1 Y 1 A ALA 120 ? A ALA 121 
31 1 Y 1 A VAL 121 ? A VAL 122 
32 1 Y 1 A ALA 122 ? A ALA 123 
33 1 Y 1 A THR 123 ? A THR 124 
34 1 Y 1 A ASN 124 ? A ASN 125 
35 1 Y 1 A LEU 125 ? A LEU 126 
36 1 Y 1 A SER 126 ? A SER 127 
37 1 Y 1 A LYS 127 ? A LYS 128 
38 1 Y 1 A ARG 128 ? A ARG 129 
# 
loop_
_chem_comp_atom.comp_id 
_chem_comp_atom.atom_id 
_chem_comp_atom.type_symbol 
_chem_comp_atom.pdbx_aromatic_flag 
_chem_comp_atom.pdbx_stereo_config 
_chem_comp_atom.pdbx_ordinal 
ALA N    N N N 1   
ALA CA   C N S 2   
ALA C    C N N 3   
ALA O    O N N 4   
ALA CB   C N N 5   
ALA OXT  O N N 6   
ALA H    H N N 7   
ALA H2   H N N 8   
ALA HA   H N N 9   
ALA HB1  H N N 10  
ALA HB2  H N N 11  
ALA HB3  H N N 12  
ALA HXT  H N N 13  
ARG N    N N N 14  
ARG CA   C N S 15  
ARG C    C N N 16  
ARG O    O N N 17  
ARG CB   C N N 18  
ARG CG   C N N 19  
ARG CD   C N N 20  
ARG NE   N N N 21  
ARG CZ   C N N 22  
ARG NH1  N N N 23  
ARG NH2  N N N 24  
ARG OXT  O N N 25  
ARG H    H N N 26  
ARG H2   H N N 27  
ARG HA   H N N 28  
ARG HB2  H N N 29  
ARG HB3  H N N 30  
ARG HG2  H N N 31  
ARG HG3  H N N 32  
ARG HD2  H N N 33  
ARG HD3  H N N 34  
ARG HE   H N N 35  
ARG HH11 H N N 36  
ARG HH12 H N N 37  
ARG HH21 H N N 38  
ARG HH22 H N N 39  
ARG HXT  H N N 40  
ASN N    N N N 41  
ASN CA   C N S 42  
ASN C    C N N 43  
ASN O    O N N 44  
ASN CB   C N N 45  
ASN CG   C N N 46  
ASN OD1  O N N 47  
ASN ND2  N N N 48  
ASN OXT  O N N 49  
ASN H    H N N 50  
ASN H2   H N N 51  
ASN HA   H N N 52  
ASN HB2  H N N 53  
ASN HB3  H N N 54  
ASN HD21 H N N 55  
ASN HD22 H N N 56  
ASN HXT  H N N 57  
ASP N    N N N 58  
ASP CA   C N S 59  
ASP C    C N N 60  
ASP O    O N N 61  
ASP CB   C N N 62  
ASP CG   C N N 63  
ASP OD1  O N N 64  
ASP OD2  O N N 65  
ASP OXT  O N N 66  
ASP H    H N N 67  
ASP H2   H N N 68  
ASP HA   H N N 69  
ASP HB2  H N N 70  
ASP HB3  H N N 71  
ASP HD2  H N N 72  
ASP HXT  H N N 73  
CYS N    N N N 74  
CYS CA   C N R 75  
CYS C    C N N 76  
CYS O    O N N 77  
CYS CB   C N N 78  
CYS SG   S N N 79  
CYS OXT  O N N 80  
CYS H    H N N 81  
CYS H2   H N N 82  
CYS HA   H N N 83  
CYS HB2  H N N 84  
CYS HB3  H N N 85  
CYS HG   H N N 86  
CYS HXT  H N N 87  
GLN N    N N N 88  
GLN CA   C N S 89  
GLN C    C N N 90  
GLN O    O N N 91  
GLN CB   C N N 92  
GLN CG   C N N 93  
GLN CD   C N N 94  
GLN OE1  O N N 95  
GLN NE2  N N N 96  
GLN OXT  O N N 97  
GLN H    H N N 98  
GLN H2   H N N 99  
GLN HA   H N N 100 
GLN HB2  H N N 101 
GLN HB3  H N N 102 
GLN HG2  H N N 103 
GLN HG3  H N N 104 
GLN HE21 H N N 105 
GLN HE22 H N N 106 
GLN HXT  H N N 107 
GLU N    N N N 108 
GLU CA   C N S 109 
GLU C    C N N 110 
GLU O    O N N 111 
GLU CB   C N N 112 
GLU CG   C N N 113 
GLU CD   C N N 114 
GLU OE1  O N N 115 
GLU OE2  O N N 116 
GLU OXT  O N N 117 
GLU H    H N N 118 
GLU H2   H N N 119 
GLU HA   H N N 120 
GLU HB2  H N N 121 
GLU HB3  H N N 122 
GLU HG2  H N N 123 
GLU HG3  H N N 124 
GLU HE2  H N N 125 
GLU HXT  H N N 126 
GLY N    N N N 127 
GLY CA   C N N 128 
GLY C    C N N 129 
GLY O    O N N 130 
GLY OXT  O N N 131 
GLY H    H N N 132 
GLY H2   H N N 133 
GLY HA2  H N N 134 
GLY HA3  H N N 135 
GLY HXT  H N N 136 
HIS N    N N N 137 
HIS CA   C N S 138 
HIS C    C N N 139 
HIS O    O N N 140 
HIS CB   C N N 141 
HIS CG   C Y N 142 
HIS ND1  N Y N 143 
HIS CD2  C Y N 144 
HIS CE1  C Y N 145 
HIS NE2  N Y N 146 
HIS OXT  O N N 147 
HIS H    H N N 148 
HIS H2   H N N 149 
HIS HA   H N N 150 
HIS HB2  H N N 151 
HIS HB3  H N N 152 
HIS HD1  H N N 153 
HIS HD2  H N N 154 
HIS HE1  H N N 155 
HIS HE2  H N N 156 
HIS HXT  H N N 157 
HOH O    O N N 158 
HOH H1   H N N 159 
HOH H2   H N N 160 
ILE N    N N N 161 
ILE CA   C N S 162 
ILE C    C N N 163 
ILE O    O N N 164 
ILE CB   C N S 165 
ILE CG1  C N N 166 
ILE CG2  C N N 167 
ILE CD1  C N N 168 
ILE OXT  O N N 169 
ILE H    H N N 170 
ILE H2   H N N 171 
ILE HA   H N N 172 
ILE HB   H N N 173 
ILE HG12 H N N 174 
ILE HG13 H N N 175 
ILE HG21 H N N 176 
ILE HG22 H N N 177 
ILE HG23 H N N 178 
ILE HD11 H N N 179 
ILE HD12 H N N 180 
ILE HD13 H N N 181 
ILE HXT  H N N 182 
LEU N    N N N 183 
LEU CA   C N S 184 
LEU C    C N N 185 
LEU O    O N N 186 
LEU CB   C N N 187 
LEU CG   C N N 188 
LEU CD1  C N N 189 
LEU CD2  C N N 190 
LEU OXT  O N N 191 
LEU H    H N N 192 
LEU H2   H N N 193 
LEU HA   H N N 194 
LEU HB2  H N N 195 
LEU HB3  H N N 196 
LEU HG   H N N 197 
LEU HD11 H N N 198 
LEU HD12 H N N 199 
LEU HD13 H N N 200 
LEU HD21 H N N 201 
LEU HD22 H N N 202 
LEU HD23 H N N 203 
LEU HXT  H N N 204 
LYS N    N N N 205 
LYS CA   C N S 206 
LYS C    C N N 207 
LYS O    O N N 208 
LYS CB   C N N 209 
LYS CG   C N N 210 
LYS CD   C N N 211 
LYS CE   C N N 212 
LYS NZ   N N N 213 
LYS OXT  O N N 214 
LYS H    H N N 215 
LYS H2   H N N 216 
LYS HA   H N N 217 
LYS HB2  H N N 218 
LYS HB3  H N N 219 
LYS HG2  H N N 220 
LYS HG3  H N N 221 
LYS HD2  H N N 222 
LYS HD3  H N N 223 
LYS HE2  H N N 224 
LYS HE3  H N N 225 
LYS HZ1  H N N 226 
LYS HZ2  H N N 227 
LYS HZ3  H N N 228 
LYS HXT  H N N 229 
MET N    N N N 230 
MET CA   C N S 231 
MET C    C N N 232 
MET O    O N N 233 
MET CB   C N N 234 
MET CG   C N N 235 
MET SD   S N N 236 
MET CE   C N N 237 
MET OXT  O N N 238 
MET H    H N N 239 
MET H2   H N N 240 
MET HA   H N N 241 
MET HB2  H N N 242 
MET HB3  H N N 243 
MET HG2  H N N 244 
MET HG3  H N N 245 
MET HE1  H N N 246 
MET HE2  H N N 247 
MET HE3  H N N 248 
MET HXT  H N N 249 
PHE N    N N N 250 
PHE CA   C N S 251 
PHE C    C N N 252 
PHE O    O N N 253 
PHE CB   C N N 254 
PHE CG   C Y N 255 
PHE CD1  C Y N 256 
PHE CD2  C Y N 257 
PHE CE1  C Y N 258 
PHE CE2  C Y N 259 
PHE CZ   C Y N 260 
PHE OXT  O N N 261 
PHE H    H N N 262 
PHE H2   H N N 263 
PHE HA   H N N 264 
PHE HB2  H N N 265 
PHE HB3  H N N 266 
PHE HD1  H N N 267 
PHE HD2  H N N 268 
PHE HE1  H N N 269 
PHE HE2  H N N 270 
PHE HZ   H N N 271 
PHE HXT  H N N 272 
PRO N    N N N 273 
PRO CA   C N S 274 
PRO C    C N N 275 
PRO O    O N N 276 
PRO CB   C N N 277 
PRO CG   C N N 278 
PRO CD   C N N 279 
PRO OXT  O N N 280 
PRO H    H N N 281 
PRO HA   H N N 282 
PRO HB2  H N N 283 
PRO HB3  H N N 284 
PRO HG2  H N N 285 
PRO HG3  H N N 286 
PRO HD2  H N N 287 
PRO HD3  H N N 288 
PRO HXT  H N N 289 
SER N    N N N 290 
SER CA   C N S 291 
SER C    C N N 292 
SER O    O N N 293 
SER CB   C N N 294 
SER OG   O N N 295 
SER OXT  O N N 296 
SER H    H N N 297 
SER H2   H N N 298 
SER HA   H N N 299 
SER HB2  H N N 300 
SER HB3  H N N 301 
SER HG   H N N 302 
SER HXT  H N N 303 
THR N    N N N 304 
THR CA   C N S 305 
THR C    C N N 306 
THR O    O N N 307 
THR CB   C N R 308 
THR OG1  O N N 309 
THR CG2  C N N 310 
THR OXT  O N N 311 
THR H    H N N 312 
THR H2   H N N 313 
THR HA   H N N 314 
THR HB   H N N 315 
THR HG1  H N N 316 
THR HG21 H N N 317 
THR HG22 H N N 318 
THR HG23 H N N 319 
THR HXT  H N N 320 
TRP N    N N N 321 
TRP CA   C N S 322 
TRP C    C N N 323 
TRP O    O N N 324 
TRP CB   C N N 325 
TRP CG   C Y N 326 
TRP CD1  C Y N 327 
TRP CD2  C Y N 328 
TRP NE1  N Y N 329 
TRP CE2  C Y N 330 
TRP CE3  C Y N 331 
TRP CZ2  C Y N 332 
TRP CZ3  C Y N 333 
TRP CH2  C Y N 334 
TRP OXT  O N N 335 
TRP H    H N N 336 
TRP H2   H N N 337 
TRP HA   H N N 338 
TRP HB2  H N N 339 
TRP HB3  H N N 340 
TRP HD1  H N N 341 
TRP HE1  H N N 342 
TRP HE3  H N N 343 
TRP HZ2  H N N 344 
TRP HZ3  H N N 345 
TRP HH2  H N N 346 
TRP HXT  H N N 347 
TYR N    N N N 348 
TYR CA   C N S 349 
TYR C    C N N 350 
TYR O    O N N 351 
TYR CB   C N N 352 
TYR CG   C Y N 353 
TYR CD1  C Y N 354 
TYR CD2  C Y N 355 
TYR CE1  C Y N 356 
TYR CE2  C Y N 357 
TYR CZ   C Y N 358 
TYR OH   O N N 359 
TYR OXT  O N N 360 
TYR H    H N N 361 
TYR H2   H N N 362 
TYR HA   H N N 363 
TYR HB2  H N N 364 
TYR HB3  H N N 365 
TYR HD1  H N N 366 
TYR HD2  H N N 367 
TYR HE1  H N N 368 
TYR HE2  H N N 369 
TYR HH   H N N 370 
TYR HXT  H N N 371 
VAL N    N N N 372 
VAL CA   C N S 373 
VAL C    C N N 374 
VAL O    O N N 375 
VAL CB   C N N 376 
VAL CG1  C N N 377 
VAL CG2  C N N 378 
VAL OXT  O N N 379 
VAL H    H N N 380 
VAL H2   H N N 381 
VAL HA   H N N 382 
VAL HB   H N N 383 
VAL HG11 H N N 384 
VAL HG12 H N N 385 
VAL HG13 H N N 386 
VAL HG21 H N N 387 
VAL HG22 H N N 388 
VAL HG23 H N N 389 
VAL HXT  H N N 390 
# 
loop_
_chem_comp_bond.comp_id 
_chem_comp_bond.atom_id_1 
_chem_comp_bond.atom_id_2 
_chem_comp_bond.value_order 
_chem_comp_bond.pdbx_aromatic_flag 
_chem_comp_bond.pdbx_stereo_config 
_chem_comp_bond.pdbx_ordinal 
ALA N   CA   sing N N 1   
ALA N   H    sing N N 2   
ALA N   H2   sing N N 3   
ALA CA  C    sing N N 4   
ALA CA  CB   sing N N 5   
ALA CA  HA   sing N N 6   
ALA C   O    doub N N 7   
ALA C   OXT  sing N N 8   
ALA CB  HB1  sing N N 9   
ALA CB  HB2  sing N N 10  
ALA CB  HB3  sing N N 11  
ALA OXT HXT  sing N N 12  
ARG N   CA   sing N N 13  
ARG N   H    sing N N 14  
ARG N   H2   sing N N 15  
ARG CA  C    sing N N 16  
ARG CA  CB   sing N N 17  
ARG CA  HA   sing N N 18  
ARG C   O    doub N N 19  
ARG C   OXT  sing N N 20  
ARG CB  CG   sing N N 21  
ARG CB  HB2  sing N N 22  
ARG CB  HB3  sing N N 23  
ARG CG  CD   sing N N 24  
ARG CG  HG2  sing N N 25  
ARG CG  HG3  sing N N 26  
ARG CD  NE   sing N N 27  
ARG CD  HD2  sing N N 28  
ARG CD  HD3  sing N N 29  
ARG NE  CZ   sing N N 30  
ARG NE  HE   sing N N 31  
ARG CZ  NH1  sing N N 32  
ARG CZ  NH2  doub N N 33  
ARG NH1 HH11 sing N N 34  
ARG NH1 HH12 sing N N 35  
ARG NH2 HH21 sing N N 36  
ARG NH2 HH22 sing N N 37  
ARG OXT HXT  sing N N 38  
ASN N   CA   sing N N 39  
ASN N   H    sing N N 40  
ASN N   H2   sing N N 41  
ASN CA  C    sing N N 42  
ASN CA  CB   sing N N 43  
ASN CA  HA   sing N N 44  
ASN C   O    doub N N 45  
ASN C   OXT  sing N N 46  
ASN CB  CG   sing N N 47  
ASN CB  HB2  sing N N 48  
ASN CB  HB3  sing N N 49  
ASN CG  OD1  doub N N 50  
ASN CG  ND2  sing N N 51  
ASN ND2 HD21 sing N N 52  
ASN ND2 HD22 sing N N 53  
ASN OXT HXT  sing N N 54  
ASP N   CA   sing N N 55  
ASP N   H    sing N N 56  
ASP N   H2   sing N N 57  
ASP CA  C    sing N N 58  
ASP CA  CB   sing N N 59  
ASP CA  HA   sing N N 60  
ASP C   O    doub N N 61  
ASP C   OXT  sing N N 62  
ASP CB  CG   sing N N 63  
ASP CB  HB2  sing N N 64  
ASP CB  HB3  sing N N 65  
ASP CG  OD1  doub N N 66  
ASP CG  OD2  sing N N 67  
ASP OD2 HD2  sing N N 68  
ASP OXT HXT  sing N N 69  
CYS N   CA   sing N N 70  
CYS N   H    sing N N 71  
CYS N   H2   sing N N 72  
CYS CA  C    sing N N 73  
CYS CA  CB   sing N N 74  
CYS CA  HA   sing N N 75  
CYS C   O    doub N N 76  
CYS C   OXT  sing N N 77  
CYS CB  SG   sing N N 78  
CYS CB  HB2  sing N N 79  
CYS CB  HB3  sing N N 80  
CYS SG  HG   sing N N 81  
CYS OXT HXT  sing N N 82  
GLN N   CA   sing N N 83  
GLN N   H    sing N N 84  
GLN N   H2   sing N N 85  
GLN CA  C    sing N N 86  
GLN CA  CB   sing N N 87  
GLN CA  HA   sing N N 88  
GLN C   O    doub N N 89  
GLN C   OXT  sing N N 90  
GLN CB  CG   sing N N 91  
GLN CB  HB2  sing N N 92  
GLN CB  HB3  sing N N 93  
GLN CG  CD   sing N N 94  
GLN CG  HG2  sing N N 95  
GLN CG  HG3  sing N N 96  
GLN CD  OE1  doub N N 97  
GLN CD  NE2  sing N N 98  
GLN NE2 HE21 sing N N 99  
GLN NE2 HE22 sing N N 100 
GLN OXT HXT  sing N N 101 
GLU N   CA   sing N N 102 
GLU N   H    sing N N 103 
GLU N   H2   sing N N 104 
GLU CA  C    sing N N 105 
GLU CA  CB   sing N N 106 
GLU CA  HA   sing N N 107 
GLU C   O    doub N N 108 
GLU C   OXT  sing N N 109 
GLU CB  CG   sing N N 110 
GLU CB  HB2  sing N N 111 
GLU CB  HB3  sing N N 112 
GLU CG  CD   sing N N 113 
GLU CG  HG2  sing N N 114 
GLU CG  HG3  sing N N 115 
GLU CD  OE1  doub N N 116 
GLU CD  OE2  sing N N 117 
GLU OE2 HE2  sing N N 118 
GLU OXT HXT  sing N N 119 
GLY N   CA   sing N N 120 
GLY N   H    sing N N 121 
GLY N   H2   sing N N 122 
GLY CA  C    sing N N 123 
GLY CA  HA2  sing N N 124 
GLY CA  HA3  sing N N 125 
GLY C   O    doub N N 126 
GLY C   OXT  sing N N 127 
GLY OXT HXT  sing N N 128 
HIS N   CA   sing N N 129 
HIS N   H    sing N N 130 
HIS N   H2   sing N N 131 
HIS CA  C    sing N N 132 
HIS CA  CB   sing N N 133 
HIS CA  HA   sing N N 134 
HIS C   O    doub N N 135 
HIS C   OXT  sing N N 136 
HIS CB  CG   sing N N 137 
HIS CB  HB2  sing N N 138 
HIS CB  HB3  sing N N 139 
HIS CG  ND1  sing Y N 140 
HIS CG  CD2  doub Y N 141 
HIS ND1 CE1  doub Y N 142 
HIS ND1 HD1  sing N N 143 
HIS CD2 NE2  sing Y N 144 
HIS CD2 HD2  sing N N 145 
HIS CE1 NE2  sing Y N 146 
HIS CE1 HE1  sing N N 147 
HIS NE2 HE2  sing N N 148 
HIS OXT HXT  sing N N 149 
HOH O   H1   sing N N 150 
HOH O   H2   sing N N 151 
ILE N   CA   sing N N 152 
ILE N   H    sing N N 153 
ILE N   H2   sing N N 154 
ILE CA  C    sing N N 155 
ILE CA  CB   sing N N 156 
ILE CA  HA   sing N N 157 
ILE C   O    doub N N 158 
ILE C   OXT  sing N N 159 
ILE CB  CG1  sing N N 160 
ILE CB  CG2  sing N N 161 
ILE CB  HB   sing N N 162 
ILE CG1 CD1  sing N N 163 
ILE CG1 HG12 sing N N 164 
ILE CG1 HG13 sing N N 165 
ILE CG2 HG21 sing N N 166 
ILE CG2 HG22 sing N N 167 
ILE CG2 HG23 sing N N 168 
ILE CD1 HD11 sing N N 169 
ILE CD1 HD12 sing N N 170 
ILE CD1 HD13 sing N N 171 
ILE OXT HXT  sing N N 172 
LEU N   CA   sing N N 173 
LEU N   H    sing N N 174 
LEU N   H2   sing N N 175 
LEU CA  C    sing N N 176 
LEU CA  CB   sing N N 177 
LEU CA  HA   sing N N 178 
LEU C   O    doub N N 179 
LEU C   OXT  sing N N 180 
LEU CB  CG   sing N N 181 
LEU CB  HB2  sing N N 182 
LEU CB  HB3  sing N N 183 
LEU CG  CD1  sing N N 184 
LEU CG  CD2  sing N N 185 
LEU CG  HG   sing N N 186 
LEU CD1 HD11 sing N N 187 
LEU CD1 HD12 sing N N 188 
LEU CD1 HD13 sing N N 189 
LEU CD2 HD21 sing N N 190 
LEU CD2 HD22 sing N N 191 
LEU CD2 HD23 sing N N 192 
LEU OXT HXT  sing N N 193 
LYS N   CA   sing N N 194 
LYS N   H    sing N N 195 
LYS N   H2   sing N N 196 
LYS CA  C    sing N N 197 
LYS CA  CB   sing N N 198 
LYS CA  HA   sing N N 199 
LYS C   O    doub N N 200 
LYS C   OXT  sing N N 201 
LYS CB  CG   sing N N 202 
LYS CB  HB2  sing N N 203 
LYS CB  HB3  sing N N 204 
LYS CG  CD   sing N N 205 
LYS CG  HG2  sing N N 206 
LYS CG  HG3  sing N N 207 
LYS CD  CE   sing N N 208 
LYS CD  HD2  sing N N 209 
LYS CD  HD3  sing N N 210 
LYS CE  NZ   sing N N 211 
LYS CE  HE2  sing N N 212 
LYS CE  HE3  sing N N 213 
LYS NZ  HZ1  sing N N 214 
LYS NZ  HZ2  sing N N 215 
LYS NZ  HZ3  sing N N 216 
LYS OXT HXT  sing N N 217 
MET N   CA   sing N N 218 
MET N   H    sing N N 219 
MET N   H2   sing N N 220 
MET CA  C    sing N N 221 
MET CA  CB   sing N N 222 
MET CA  HA   sing N N 223 
MET C   O    doub N N 224 
MET C   OXT  sing N N 225 
MET CB  CG   sing N N 226 
MET CB  HB2  sing N N 227 
MET CB  HB3  sing N N 228 
MET CG  SD   sing N N 229 
MET CG  HG2  sing N N 230 
MET CG  HG3  sing N N 231 
MET SD  CE   sing N N 232 
MET CE  HE1  sing N N 233 
MET CE  HE2  sing N N 234 
MET CE  HE3  sing N N 235 
MET OXT HXT  sing N N 236 
PHE N   CA   sing N N 237 
PHE N   H    sing N N 238 
PHE N   H2   sing N N 239 
PHE CA  C    sing N N 240 
PHE CA  CB   sing N N 241 
PHE CA  HA   sing N N 242 
PHE C   O    doub N N 243 
PHE C   OXT  sing N N 244 
PHE CB  CG   sing N N 245 
PHE CB  HB2  sing N N 246 
PHE CB  HB3  sing N N 247 
PHE CG  CD1  doub Y N 248 
PHE CG  CD2  sing Y N 249 
PHE CD1 CE1  sing Y N 250 
PHE CD1 HD1  sing N N 251 
PHE CD2 CE2  doub Y N 252 
PHE CD2 HD2  sing N N 253 
PHE CE1 CZ   doub Y N 254 
PHE CE1 HE1  sing N N 255 
PHE CE2 CZ   sing Y N 256 
PHE CE2 HE2  sing N N 257 
PHE CZ  HZ   sing N N 258 
PHE OXT HXT  sing N N 259 
PRO N   CA   sing N N 260 
PRO N   CD   sing N N 261 
PRO N   H    sing N N 262 
PRO CA  C    sing N N 263 
PRO CA  CB   sing N N 264 
PRO CA  HA   sing N N 265 
PRO C   O    doub N N 266 
PRO C   OXT  sing N N 267 
PRO CB  CG   sing N N 268 
PRO CB  HB2  sing N N 269 
PRO CB  HB3  sing N N 270 
PRO CG  CD   sing N N 271 
PRO CG  HG2  sing N N 272 
PRO CG  HG3  sing N N 273 
PRO CD  HD2  sing N N 274 
PRO CD  HD3  sing N N 275 
PRO OXT HXT  sing N N 276 
SER N   CA   sing N N 277 
SER N   H    sing N N 278 
SER N   H2   sing N N 279 
SER CA  C    sing N N 280 
SER CA  CB   sing N N 281 
SER CA  HA   sing N N 282 
SER C   O    doub N N 283 
SER C   OXT  sing N N 284 
SER CB  OG   sing N N 285 
SER CB  HB2  sing N N 286 
SER CB  HB3  sing N N 287 
SER OG  HG   sing N N 288 
SER OXT HXT  sing N N 289 
THR N   CA   sing N N 290 
THR N   H    sing N N 291 
THR N   H2   sing N N 292 
THR CA  C    sing N N 293 
THR CA  CB   sing N N 294 
THR CA  HA   sing N N 295 
THR C   O    doub N N 296 
THR C   OXT  sing N N 297 
THR CB  OG1  sing N N 298 
THR CB  CG2  sing N N 299 
THR CB  HB   sing N N 300 
THR OG1 HG1  sing N N 301 
THR CG2 HG21 sing N N 302 
THR CG2 HG22 sing N N 303 
THR CG2 HG23 sing N N 304 
THR OXT HXT  sing N N 305 
TRP N   CA   sing N N 306 
TRP N   H    sing N N 307 
TRP N   H2   sing N N 308 
TRP CA  C    sing N N 309 
TRP CA  CB   sing N N 310 
TRP CA  HA   sing N N 311 
TRP C   O    doub N N 312 
TRP C   OXT  sing N N 313 
TRP CB  CG   sing N N 314 
TRP CB  HB2  sing N N 315 
TRP CB  HB3  sing N N 316 
TRP CG  CD1  doub Y N 317 
TRP CG  CD2  sing Y N 318 
TRP CD1 NE1  sing Y N 319 
TRP CD1 HD1  sing N N 320 
TRP CD2 CE2  doub Y N 321 
TRP CD2 CE3  sing Y N 322 
TRP NE1 CE2  sing Y N 323 
TRP NE1 HE1  sing N N 324 
TRP CE2 CZ2  sing Y N 325 
TRP CE3 CZ3  doub Y N 326 
TRP CE3 HE3  sing N N 327 
TRP CZ2 CH2  doub Y N 328 
TRP CZ2 HZ2  sing N N 329 
TRP CZ3 CH2  sing Y N 330 
TRP CZ3 HZ3  sing N N 331 
TRP CH2 HH2  sing N N 332 
TRP OXT HXT  sing N N 333 
TYR N   CA   sing N N 334 
TYR N   H    sing N N 335 
TYR N   H2   sing N N 336 
TYR CA  C    sing N N 337 
TYR CA  CB   sing N N 338 
TYR CA  HA   sing N N 339 
TYR C   O    doub N N 340 
TYR C   OXT  sing N N 341 
TYR CB  CG   sing N N 342 
TYR CB  HB2  sing N N 343 
TYR CB  HB3  sing N N 344 
TYR CG  CD1  doub Y N 345 
TYR CG  CD2  sing Y N 346 
TYR CD1 CE1  sing Y N 347 
TYR CD1 HD1  sing N N 348 
TYR CD2 CE2  doub Y N 349 
TYR CD2 HD2  sing N N 350 
TYR CE1 CZ   doub Y N 351 
TYR CE1 HE1  sing N N 352 
TYR CE2 CZ   sing Y N 353 
TYR CE2 HE2  sing N N 354 
TYR CZ  OH   sing N N 355 
TYR OH  HH   sing N N 356 
TYR OXT HXT  sing N N 357 
VAL N   CA   sing N N 358 
VAL N   H    sing N N 359 
VAL N   H2   sing N N 360 
VAL CA  C    sing N N 361 
VAL CA  CB   sing N N 362 
VAL CA  HA   sing N N 363 
VAL C   O    doub N N 364 
VAL C   OXT  sing N N 365 
VAL CB  CG1  sing N N 366 
VAL CB  CG2  sing N N 367 
VAL CB  HB   sing N N 368 
VAL CG1 HG11 sing N N 369 
VAL CG1 HG12 sing N N 370 
VAL CG1 HG13 sing N N 371 
VAL CG2 HG21 sing N N 372 
VAL CG2 HG22 sing N N 373 
VAL CG2 HG23 sing N N 374 
VAL OXT HXT  sing N N 375 
# 
_pdbx_initial_refinement_model.id               1 
_pdbx_initial_refinement_model.entity_id_list   ? 
_pdbx_initial_refinement_model.type             'experimental model' 
_pdbx_initial_refinement_model.source_name      PDB 
_pdbx_initial_refinement_model.accession_code   4KV2 
_pdbx_initial_refinement_model.details          ? 
# 
_atom_sites.entry_id                    7B7J 
_atom_sites.Cartn_transf_matrix[1][1]   ? 
_atom_sites.Cartn_transf_matrix[1][2]   ? 
_atom_sites.Cartn_transf_matrix[1][3]   ? 
_atom_sites.Cartn_transf_matrix[2][1]   ? 
_atom_sites.Cartn_transf_matrix[2][2]   ? 
_atom_sites.Cartn_transf_matrix[2][3]   ? 
_atom_sites.Cartn_transf_matrix[3][1]   ? 
_atom_sites.Cartn_transf_matrix[3][2]   ? 
_atom_sites.Cartn_transf_matrix[3][3]   ? 
_atom_sites.Cartn_transf_vector[1]      ? 
_atom_sites.Cartn_transf_vector[2]      ? 
_atom_sites.Cartn_transf_vector[3]      ? 
_atom_sites.fract_transf_matrix[1][1]   0.01251924 
_atom_sites.fract_transf_matrix[1][2]   -0.01880699 
_atom_sites.fract_transf_matrix[1][3]   -0.00256558 
_atom_sites.fract_transf_matrix[2][1]   -0.00726733 
_atom_sites.fract_transf_matrix[2][2]   -0.00191008 
_atom_sites.fract_transf_matrix[2][3]   -0.02146052 
_atom_sites.fract_transf_matrix[3][1]   0.00905739 
_atom_sites.fract_transf_matrix[3][2]   0.00652688 
_atom_sites.fract_transf_matrix[3][3]   -0.00364809 
_atom_sites.fract_transf_vector[1]      0.216904 
_atom_sites.fract_transf_vector[2]      0.210369 
_atom_sites.fract_transf_vector[3]      1.151095 
_atom_sites.solution_primary            ? 
_atom_sites.solution_secondary          ? 
_atom_sites.solution_hydrogens          ? 
_atom_sites.special_details             ? 
# 
loop_
_atom_type.symbol 
C 
N 
O 
S 
# 
loop_
_atom_site.group_PDB 
_atom_site.id 
_atom_site.type_symbol 
_atom_site.label_atom_id 
_atom_site.label_alt_id 
_atom_site.label_comp_id 
_atom_site.label_asym_id 
_atom_site.label_entity_id 
_atom_site.label_seq_id 
_atom_site.pdbx_PDB_ins_code 
_atom_site.Cartn_x 
_atom_site.Cartn_y 
_atom_site.Cartn_z 
_atom_site.occupancy 
_atom_site.B_iso_or_equiv 
_atom_site.pdbx_formal_charge 
_atom_site.auth_seq_id 
_atom_site.auth_comp_id 
_atom_site.auth_asym_id 
_atom_site.auth_atom_id 
_atom_site.pdbx_PDB_model_num 
ATOM   1   N N   . PRO A 1 18  ? -19.631 1.661   -8.204  1.00 72.28  ? 17  PRO A N   1 
ATOM   2   C CA  . PRO A 1 18  ? -18.146 1.802   -8.417  1.00 73.09  ? 17  PRO A CA  1 
ATOM   3   C C   . PRO A 1 18  ? -17.488 0.440   -8.177  1.00 66.87  ? 17  PRO A C   1 
ATOM   4   O O   . PRO A 1 18  ? -17.830 -0.151  -7.152  1.00 63.59  ? 17  PRO A O   1 
ATOM   5   C CB  . PRO A 1 18  ? -17.589 2.721   -7.302  1.00 68.23  ? 17  PRO A CB  1 
ATOM   6   C CG  . PRO A 1 18  ? -18.658 2.505   -6.219  1.00 66.94  ? 17  PRO A CG  1 
ATOM   7   C CD  . PRO A 1 18  ? -19.949 2.515   -7.039  1.00 69.87  ? 17  PRO A CD  1 
ATOM   8   N N   . GLN A 1 19  ? -16.497 0.029   -8.972  1.00 55.92  ? 18  GLN A N   1 
ATOM   9   C CA  . GLN A 1 19  ? -15.810 -1.264  -8.717  1.00 45.39  ? 18  GLN A CA  1 
ATOM   10  C C   . GLN A 1 19  ? -14.783 -1.164  -7.585  1.00 38.27  ? 18  GLN A C   1 
ATOM   11  O O   . GLN A 1 19  ? -14.133 -0.125  -7.447  1.00 34.84  ? 18  GLN A O   1 
ATOM   12  C CB  . GLN A 1 19  ? -15.176 -1.830  -9.980  1.00 56.13  ? 18  GLN A CB  1 
ATOM   13  C CG  . GLN A 1 19  ? -15.603 -3.248  -10.306 1.00 55.56  ? 18  GLN A CG  1 
ATOM   14  C CD  . GLN A 1 19  ? -15.328 -3.576  -11.753 1.00 66.60  ? 18  GLN A CD  1 
ATOM   15  O OE1 . GLN A 1 19  ? -15.502 -2.747  -12.645 1.00 58.88  ? 18  GLN A OE1 1 
ATOM   16  N NE2 . GLN A 1 19  ? -14.885 -4.798  -11.992 1.00 52.60  ? 18  GLN A NE2 1 
ATOM   17  N N   . ALA A 1 20  ? -14.651 -2.249  -6.828  1.00 34.65  ? 19  ALA A N   1 
ATOM   18  C CA  . ALA A 1 20  ? -13.715 -2.263  -5.691  1.00 36.59  ? 19  ALA A CA  1 
ATOM   19  C C   . ALA A 1 20  ? -12.805 -3.480  -5.766  1.00 33.71  ? 19  ALA A C   1 
ATOM   20  O O   . ALA A 1 20  ? -13.115 -4.398  -6.516  1.00 33.72  ? 19  ALA A O   1 
ATOM   21  C CB  . ALA A 1 20  ? -14.482 -2.290  -4.408  1.00 41.16  ? 19  ALA A CB  1 
ATOM   22  N N   . ALA A 1 21  ? -11.690 -3.426  -5.055  1.00 28.22  ? 20  ALA A N   1 
ATOM   23  C CA  . ALA A 1 21  ? -10.779 -4.582  -4.943  1.00 28.88  ? 20  ALA A CA  1 
ATOM   24  C C   . ALA A 1 21  ? -10.572 -4.739  -3.443  1.00 30.63  ? 20  ALA A C   1 
ATOM   25  O O   . ALA A 1 21  ? -10.160 -3.802  -2.733  1.00 30.64  ? 20  ALA A O   1 
ATOM   26  C CB  . ALA A 1 21  ? -9.492  -4.290  -5.717  1.00 31.97  ? 20  ALA A CB  1 
ATOM   27  N N   . VAL A 1 22  ? -10.630 -5.974  -2.965  1.00 27.83  ? 21  VAL A N   1 
ATOM   28  C CA  . VAL A 1 22  ? -10.277 -6.353  -1.590  1.00 25.59  ? 21  VAL A CA  1 
ATOM   29  C C   . VAL A 1 22  ? -8.807  -6.878  -1.612  1.00 28.56  ? 21  VAL A C   1 
ATOM   30  O O   . VAL A 1 22  ? -8.536  -7.946  -2.230  1.00 30.92  ? 21  VAL A O   1 
ATOM   31  C CB  . VAL A 1 22  ? -11.266 -7.468  -1.181  1.00 29.46  ? 21  VAL A CB  1 
ATOM   32  C CG1 . VAL A 1 22  ? -10.872 -7.979  0.251   1.00 30.90  ? 21  VAL A CG1 1 
ATOM   33  C CG2 . VAL A 1 22  ? -12.700 -6.997  -1.248  1.00 30.88  ? 21  VAL A CG2 1 
ATOM   34  N N   . VAL A 1 23  ? -7.934  -6.150  -0.894  1.00 29.09  ? 22  VAL A N   1 
ATOM   35  C CA  . VAL A 1 23  ? -6.509  -6.401  -0.973  1.00 27.40  ? 22  VAL A CA  1 
ATOM   36  C C   . VAL A 1 23  ? -6.015  -6.634  0.421   1.00 29.86  ? 22  VAL A C   1 
ATOM   37  O O   . VAL A 1 23  ? -6.467  -5.955  1.285   1.00 28.55  ? 22  VAL A O   1 
ATOM   38  C CB  . VAL A 1 23  ? -5.855  -5.302  -1.740  1.00 30.48  ? 22  VAL A CB  1 
ATOM   39  C CG1 . VAL A 1 23  ? -6.443  -4.905  -3.070  1.00 30.20  ? 22  VAL A CG1 1 
ATOM   40  C CG2 . VAL A 1 23  ? -5.768  -4.019  -1.095  1.00 37.99  ? 22  VAL A CG2 1 
ATOM   41  N N   . ALA A 1 24  ? -4.973  -7.393  0.504   1.00 24.05  ? 23  ALA A N   1 
ATOM   42  C CA  . ALA A 1 24  ? -4.218  -7.568  1.741   1.00 25.30  ? 23  ALA A CA  1 
ATOM   43  C C   . ALA A 1 24  ? -2.939  -6.682  1.690   1.00 25.76  ? 23  ALA A C   1 
ATOM   44  O O   . ALA A 1 24  ? -2.240  -6.807  0.668   1.00 26.28  ? 23  ALA A O   1 
ATOM   45  C CB  . ALA A 1 24  ? -3.905  -8.956  1.818   1.00 25.82  ? 23  ALA A CB  1 
ATOM   46  N N   . ILE A 1 25  ? -2.815  -5.751  2.615   1.00 22.09  ? 24  ILE A N   1 
ATOM   47  C CA  . ILE A 1 25  ? -1.638  -4.871  2.741   1.00 22.49  ? 24  ILE A CA  1 
ATOM   48  C C   . ILE A 1 25  ? -0.684  -5.354  3.842   1.00 25.58  ? 24  ILE A C   1 
ATOM   49  O O   . ILE A 1 25  ? -1.198  -5.579  4.988   1.00 29.44  ? 24  ILE A O   1 
ATOM   50  C CB  . ILE A 1 25  ? -2.042  -3.376  2.904   1.00 26.18  ? 24  ILE A CB  1 
ATOM   51  C CG1 . ILE A 1 25  ? -3.044  -3.011  1.830   1.00 26.84  ? 24  ILE A CG1 1 
ATOM   52  C CG2 . ILE A 1 25  ? -0.827  -2.532  2.910   1.00 27.49  ? 24  ILE A CG2 1 
ATOM   53  C CD1 . ILE A 1 25  ? -2.489  -2.936  0.454   1.00 25.64  ? 24  ILE A CD1 1 
ATOM   54  N N   . MET A 1 26  ? 0.572   -5.629  3.476   1.00 25.77  ? 25  MET A N   1 
ATOM   55  C CA  . MET A 1 26  ? 1.506   -6.011  4.541   1.00 28.59  ? 25  MET A CA  1 
ATOM   56  C C   . MET A 1 26  ? 2.217   -4.715  4.944   1.00 26.54  ? 25  MET A C   1 
ATOM   57  O O   . MET A 1 26  ? 2.902   -4.090  4.055   1.00 26.67  ? 25  MET A O   1 
ATOM   58  C CB  . MET A 1 26  ? 2.434   -7.093  4.076   1.00 27.01  ? 25  MET A CB  1 
ATOM   59  C CG  . MET A 1 26  ? 1.796   -8.244  3.508   1.00 30.98  ? 25  MET A CG  1 
ATOM   60  S SD  . MET A 1 26  ? 0.895   -9.157  4.831   1.00 34.34  ? 25  MET A SD  1 
ATOM   61  C CE  . MET A 1 26  ? 2.081   -9.563  6.050   1.00 37.02  ? 25  MET A CE  1 
ATOM   62  N N   . ALA A 1 27  ? 2.344   -4.457  6.268   1.00 26.63  ? 26  ALA A N   1 
ATOM   63  C CA  . ALA A 1 27  ? 3.125   -3.294  6.754   1.00 34.22  ? 26  ALA A CA  1 
ATOM   64  C C   . ALA A 1 27  ? 3.717   -3.717  8.041   1.00 30.92  ? 26  ALA A C   1 
ATOM   65  O O   . ALA A 1 27  ? 2.953   -4.207  8.913   1.00 30.71  ? 26  ALA A O   1 
ATOM   66  C CB  . ALA A 1 27  ? 2.185   -2.117  7.042   1.00 36.44  ? 26  ALA A CB  1 
ATOM   67  N N   . ALA A 1 28  ? 4.975   -3.526  8.335   1.00 33.39  ? 27  ALA A N   1 
ATOM   68  C CA  . ALA A 1 28  ? 5.521   -3.906  9.630   1.00 37.67  ? 27  ALA A CA  1 
ATOM   69  C C   . ALA A 1 28  ? 5.132   -5.328  10.055  1.00 38.20  ? 27  ALA A C   1 
ATOM   70  O O   . ALA A 1 28  ? 4.885   -5.497  11.259  1.00 31.46  ? 27  ALA A O   1 
ATOM   71  C CB  . ALA A 1 28  ? 5.109   -2.924  10.747  1.00 40.19  ? 27  ALA A CB  1 
ATOM   72  N N   . ASP A 1 29  ? 5.182   -6.367  9.157   1.00 32.27  ? 28  ASP A N   1 
ATOM   73  C CA  . ASP A 1 29  ? 4.834   -7.738  9.472   1.00 32.51  ? 28  ASP A CA  1 
ATOM   74  C C   . ASP A 1 29  ? 3.405   -7.886  9.873   1.00 35.88  ? 28  ASP A C   1 
ATOM   75  O O   . ASP A 1 29  ? 3.073   -9.007  10.268  1.00 39.77  ? 28  ASP A O   1 
ATOM   76  C CB  . ASP A 1 29  ? 5.823   -8.262  10.445  1.00 40.17  ? 28  ASP A CB  1 
ATOM   77  C CG  . ASP A 1 29  ? 7.234   -8.256  9.897   1.00 50.72  ? 28  ASP A CG  1 
ATOM   78  O OD1 . ASP A 1 29  ? 7.518   -8.839  8.802   1.00 53.22  ? 28  ASP A OD1 1 
ATOM   79  O OD2 . ASP A 1 29  ? 8.037   -7.694  10.641  1.00 45.19  ? 28  ASP A OD2 1 
ATOM   80  N N   . VAL A 1 30  ? 2.548   -6.889  9.674   1.00 31.18  ? 29  VAL A N   1 
ATOM   81  C CA  . VAL A 1 30  ? 1.095   -6.990  10.010  1.00 31.10  ? 29  VAL A CA  1 
ATOM   82  C C   . VAL A 1 30  ? 0.282   -7.037  8.715   1.00 30.66  ? 29  VAL A C   1 
ATOM   83  O O   . VAL A 1 30  ? 0.605   -6.273  7.816   1.00 29.56  ? 29  VAL A O   1 
ATOM   84  C CB  . VAL A 1 30  ? 0.652   -5.801  10.887  1.00 31.21  ? 29  VAL A CB  1 
ATOM   85  C CG1 . VAL A 1 30  ? -0.855  -5.690  11.029  1.00 35.30  ? 29  VAL A CG1 1 
ATOM   86  C CG2 . VAL A 1 30  ? 1.319   -5.830  12.252  1.00 37.34  ? 29  VAL A CG2 1 
ATOM   87  N N   . GLN A 1 31  ? -0.717  -7.920  8.639   1.00 29.73  ? 30  GLN A N   1 
ATOM   88  C CA  . GLN A 1 31  ? -1.605  -7.881  7.407   1.00 30.79  ? 30  GLN A CA  1 
ATOM   89  C C   . GLN A 1 31  ? -2.803  -7.070  7.750   1.00 27.41  ? 30  GLN A C   1 
ATOM   90  O O   . GLN A 1 31  ? -3.566  -7.319  8.772   1.00 29.16  ? 30  GLN A O   1 
ATOM   91  C CB  . GLN A 1 31  ? -2.007  -9.325  7.113   1.00 32.21  ? 30  GLN A CB  1 
ATOM   92  C CG  . GLN A 1 31  ? -2.943  -9.505  5.944   1.00 28.79  ? 30  GLN A CG  1 
ATOM   93  C CD  . GLN A 1 31  ? -2.816  -10.902 5.406   1.00 30.69  ? 30  GLN A CD  1 
ATOM   94  O OE1 . GLN A 1 31  ? -2.770  -11.110 4.215   1.00 30.15  ? 30  GLN A OE1 1 
ATOM   95  N NE2 . GLN A 1 31  ? -3.010  -11.943 6.272   1.00 32.16  ? 30  GLN A NE2 1 
ATOM   96  N N   . ILE A 1 32  ? -3.194  -6.233  6.860   1.00 25.99  ? 31  ILE A N   1 
ATOM   97  C CA  . ILE A 1 32  ? -4.410  -5.375  6.957   1.00 27.13  ? 31  ILE A CA  1 
ATOM   98  C C   . ILE A 1 32  ? -5.287  -5.502  5.700   1.00 29.93  ? 31  ILE A C   1 
ATOM   99  O O   . ILE A 1 32  ? -4.785  -5.317  4.641   1.00 28.83  ? 31  ILE A O   1 
ATOM   100 C CB  . ILE A 1 32  ? -3.936  -3.940  7.118   1.00 30.92  ? 31  ILE A CB  1 
ATOM   101 C CG1 . ILE A 1 32  ? -3.049  -3.786  8.367   1.00 28.95  ? 31  ILE A CG1 1 
ATOM   102 C CG2 . ILE A 1 32  ? -5.075  -2.927  7.142   1.00 31.42  ? 31  ILE A CG2 1 
ATOM   103 C CD1 . ILE A 1 32  ? -2.139  -2.648  8.201   1.00 33.04  ? 31  ILE A CD1 1 
ATOM   104 N N   . ALA A 1 33  ? -6.542  -5.918  5.906   1.00 26.32  ? 32  ALA A N   1 
ATOM   105 C CA  . ALA A 1 33  ? -7.447  -6.106  4.784   1.00 29.30  ? 32  ALA A CA  1 
ATOM   106 C C   . ALA A 1 33  ? -8.078  -4.723  4.511   1.00 28.95  ? 32  ALA A C   1 
ATOM   107 O O   . ALA A 1 33  ? -8.629  -4.073  5.465   1.00 27.63  ? 32  ALA A O   1 
ATOM   108 C CB  . ALA A 1 33  ? -8.540  -7.086  5.185   1.00 28.48  ? 32  ALA A CB  1 
ATOM   109 N N   . VAL A 1 34  ? -8.156  -4.335  3.250   1.00 26.16  ? 33  VAL A N   1 
ATOM   110 C CA  . VAL A 1 34  ? -8.885  -3.105  2.875   1.00 27.23  ? 33  VAL A CA  1 
ATOM   111 C C   . VAL A 1 34  ? -9.654  -3.284  1.623   1.00 27.36  ? 33  VAL A C   1 
ATOM   112 O O   . VAL A 1 34  ? -9.197  -3.987  0.783   1.00 28.59  ? 33  VAL A O   1 
ATOM   113 C CB  . VAL A 1 34  ? -7.821  -1.978  2.665   1.00 33.19  ? 33  VAL A CB  1 
ATOM   114 C CG1 . VAL A 1 34  ? -7.210  -1.475  3.961   1.00 44.99  ? 33  VAL A CG1 1 
ATOM   115 C CG2 . VAL A 1 34  ? -6.745  -2.284  1.768   1.00 34.04  ? 33  VAL A CG2 1 
ATOM   116 N N   . VAL A 1 35  ? -10.653 -2.523  1.506   1.00 26.36  ? 34  VAL A N   1 
ATOM   117 C CA  . VAL A 1 35  ? -11.464 -2.302  0.281   1.00 28.51  ? 34  VAL A CA  1 
ATOM   118 C C   . VAL A 1 35  ? -11.003 -1.046  -0.371  1.00 27.78  ? 34  VAL A C   1 
ATOM   119 O O   . VAL A 1 35  ? -11.197 0.027   0.203   1.00 28.86  ? 34  VAL A O   1 
ATOM   120 C CB  . VAL A 1 35  ? -12.952 -2.388  0.543   1.00 31.22  ? 34  VAL A CB  1 
ATOM   121 C CG1 . VAL A 1 35  ? -13.742 -2.329  -0.765  1.00 33.63  ? 34  VAL A CG1 1 
ATOM   122 C CG2 . VAL A 1 35  ? -13.528 -3.655  1.291   1.00 29.35  ? 34  VAL A CG2 1 
ATOM   123 N N   . LEU A 1 36  ? -10.477 -1.200  -1.586  1.00 25.47  ? 35  LEU A N   1 
ATOM   124 C CA  . LEU A 1 36  ? -9.909  -0.024  -2.356  1.00 29.03  ? 35  LEU A CA  1 
ATOM   125 C C   . LEU A 1 36  ? -10.648 0.217   -3.683  1.00 33.01  ? 35  LEU A C   1 
ATOM   126 O O   . LEU A 1 36  ? -11.147 -0.719  -4.316  1.00 29.91  ? 35  LEU A O   1 
ATOM   127 C CB  . LEU A 1 36  ? -8.483  -0.103  -2.595  1.00 27.77  ? 35  LEU A CB  1 
ATOM   128 C CG  . LEU A 1 36  ? -7.586  -0.289  -1.411  1.00 27.49  ? 35  LEU A CG  1 
ATOM   129 C CD1 . LEU A 1 36  ? -6.105  -0.586  -1.773  1.00 32.26  ? 35  LEU A CD1 1 
ATOM   130 C CD2 . LEU A 1 36  ? -7.682  0.945   -0.567  1.00 32.31  ? 35  LEU A CD2 1 
ATOM   131 N N   . ASP A 1 37  ? -10.753 1.456   -4.105  1.00 27.40  ? 36  ASP A N   1 
ATOM   132 C CA  . ASP A 1 37  ? -11.254 1.729   -5.480  1.00 27.00  ? 36  ASP A CA  1 
ATOM   133 C C   . ASP A 1 37  ? -10.338 0.962   -6.465  1.00 29.21  ? 36  ASP A C   1 
ATOM   134 O O   . ASP A 1 37  ? -9.160  1.255   -6.532  1.00 28.56  ? 36  ASP A O   1 
ATOM   135 C CB  . ASP A 1 37  ? -11.244 3.224   -5.743  1.00 29.23  ? 36  ASP A CB  1 
ATOM   136 C CG  . ASP A 1 37  ? -11.816 3.787   -7.049  1.00 38.18  ? 36  ASP A CG  1 
ATOM   137 O OD1 . ASP A 1 37  ? -11.609 3.269   -8.064  1.00 32.86  ? 36  ASP A OD1 1 
ATOM   138 O OD2 . ASP A 1 37  ? -12.253 4.885   -6.943  1.00 43.05  ? 36  ASP A OD2 1 
ATOM   139 N N   . ALA A 1 38  ? -10.955 0.186   -7.343  1.00 29.03  ? 37  ALA A N   1 
ATOM   140 C CA  . ALA A 1 38  ? -10.300 -0.672  -8.411  1.00 28.29  ? 37  ALA A CA  1 
ATOM   141 C C   . ALA A 1 38  ? -9.844  0.168   -9.614  1.00 31.14  ? 37  ALA A C   1 
ATOM   142 O O   . ALA A 1 38  ? -9.116  -0.464  -10.439 1.00 31.15  ? 37  ALA A O   1 
ATOM   143 C CB  . ALA A 1 38  ? -11.329 -1.738  -8.878  1.00 34.11  ? 37  ALA A CB  1 
ATOM   144 N N   . HIS A 1 39  ? -10.287 1.412   -9.718  1.00 29.95  ? 38  HIS A N   1 
ATOM   145 C CA  . HIS A 1 39  ? -10.070 2.242   -10.945 1.00 31.96  ? 38  HIS A CA  1 
ATOM   146 C C   . HIS A 1 39  ? -9.185  3.470   -10.665 1.00 33.17  ? 38  HIS A C   1 
ATOM   147 O O   . HIS A 1 39  ? -8.784  4.152   -11.596 1.00 32.66  ? 38  HIS A O   1 
ATOM   148 C CB  . HIS A 1 39  ? -11.350 2.631   -11.684 1.00 35.31  ? 38  HIS A CB  1 
ATOM   149 C CG  . HIS A 1 39  ? -11.952 1.353   -12.296 1.00 41.97  ? 38  HIS A CG  1 
ATOM   150 N ND1 . HIS A 1 39  ? -11.166 0.501   -13.144 1.00 42.50  ? 38  HIS A ND1 1 
ATOM   151 C CD2 . HIS A 1 39  ? -13.171 0.707   -12.143 1.00 42.02  ? 38  HIS A CD2 1 
ATOM   152 C CE1 . HIS A 1 39  ? -11.834 -0.649  -13.342 1.00 46.73  ? 38  HIS A CE1 1 
ATOM   153 N NE2 . HIS A 1 39  ? -13.052 -0.532  -12.748 1.00 42.80  ? 38  HIS A NE2 1 
ATOM   154 N N   . ALA A 1 40  ? -8.936  3.820   -9.400  1.00 28.87  ? 39  ALA A N   1 
ATOM   155 C CA  . ALA A 1 40  ? -8.127  5.043   -9.198  1.00 29.58  ? 39  ALA A CA  1 
ATOM   156 C C   . ALA A 1 40  ? -6.673  4.747   -9.472  1.00 27.51  ? 39  ALA A C   1 
ATOM   157 O O   . ALA A 1 40  ? -6.203  3.676   -9.081  1.00 28.99  ? 39  ALA A O   1 
ATOM   158 C CB  . ALA A 1 40  ? -8.302  5.453   -7.768  1.00 31.60  ? 39  ALA A CB  1 
ATOM   159 N N   . PRO A 1 41  ? -5.880  5.746   -9.918  1.00 31.43  ? 40  PRO A N   1 
ATOM   160 C CA  . PRO A 1 41  ? -4.438  5.539   -9.956  1.00 29.18  ? 40  PRO A CA  1 
ATOM   161 C C   . PRO A 1 41  ? -3.883  5.277   -8.586  1.00 28.45  ? 40  PRO A C   1 
ATOM   162 O O   . PRO A 1 41  ? -4.289  5.975   -7.604  1.00 31.76  ? 40  PRO A O   1 
ATOM   163 C CB  . PRO A 1 41  ? -3.989  6.765   -10.711 1.00 33.25  ? 40  PRO A CB  1 
ATOM   164 C CG  . PRO A 1 41  ? -5.039  7.778   -10.771 1.00 42.57  ? 40  PRO A CG  1 
ATOM   165 C CD  . PRO A 1 41  ? -6.308  7.057   -10.400 1.00 36.33  ? 40  PRO A CD  1 
ATOM   166 N N   . ILE A 1 42  ? -2.889  4.436   -8.520  1.00 28.65  ? 41  ILE A N   1 
ATOM   167 C CA  . ILE A 1 42  ? -2.172  4.197   -7.240  1.00 29.85  ? 41  ILE A CA  1 
ATOM   168 C C   . ILE A 1 42  ? -1.713  5.480   -6.566  1.00 30.21  ? 41  ILE A C   1 
ATOM   169 O O   . ILE A 1 42  ? -1.756  5.477   -5.338  1.00 32.56  ? 41  ILE A O   1 
ATOM   170 C CB  . ILE A 1 42  ? -1.000  3.148   -7.453  1.00 31.38  ? 41  ILE A CB  1 
ATOM   171 C CG1 . ILE A 1 42  ? -1.505  1.796   -7.986  1.00 34.98  ? 41  ILE A CG1 1 
ATOM   172 C CG2 . ILE A 1 42  ? -0.003  3.037   -6.296  1.00 39.95  ? 41  ILE A CG2 1 
ATOM   173 C CD1 . ILE A 1 42  ? -2.622  1.128   -7.287  1.00 34.35  ? 41  ILE A CD1 1 
ATOM   174 N N   . SER A 1 43  ? -1.187  6.368   -7.335  1.00 33.21  ? 42  SER A N   1 
ATOM   175 C CA  . SER A 1 43  ? -0.651  7.664   -6.888  1.00 37.65  ? 42  SER A CA  1 
ATOM   176 C C   . SER A 1 43  ? -1.616  8.350   -5.907  1.00 35.60  ? 42  SER A C   1 
ATOM   177 O O   . SER A 1 43  ? -1.121  9.169   -5.059  1.00 37.88  ? 42  SER A O   1 
ATOM   178 C CB  . SER A 1 43  ? -0.204  8.524   -7.990  1.00 39.47  ? 42  SER A CB  1 
ATOM   179 O OG  . SER A 1 43  ? -1.305  9.011   -8.758  1.00 38.50  ? 42  SER A OG  1 
ATOM   180 N N   . VAL A 1 44  ? -2.910  8.306   -6.167  1.00 32.80  ? 43  VAL A N   1 
ATOM   181 C CA  . VAL A 1 44  ? -3.807  9.095   -5.284  1.00 32.48  ? 43  VAL A CA  1 
ATOM   182 C C   . VAL A 1 44  ? -4.171  8.192   -4.128  1.00 31.39  ? 43  VAL A C   1 
ATOM   183 O O   . VAL A 1 44  ? -4.731  8.711   -3.072  1.00 31.43  ? 43  VAL A O   1 
ATOM   184 C CB  . VAL A 1 44  ? -5.072  9.561   -5.996  1.00 35.20  ? 43  VAL A CB  1 
ATOM   185 C CG1 . VAL A 1 44  ? -4.758  10.495  -7.125  1.00 39.41  ? 43  VAL A CG1 1 
ATOM   186 C CG2 . VAL A 1 44  ? -6.031  8.419   -6.327  1.00 31.56  ? 43  VAL A CG2 1 
ATOM   187 N N   . MET A 1 45  ? -3.821  6.901   -4.016  1.00 27.68  ? 44  MET A N   1 
ATOM   188 C CA  . MET A 1 45  ? -4.136  6.049   -2.872  1.00 27.56  ? 44  MET A CA  1 
ATOM   189 C C   . MET A 1 45  ? -3.011  5.839   -1.880  1.00 27.87  ? 44  MET A C   1 
ATOM   190 O O   . MET A 1 45  ? -3.248  5.429   -0.783  1.00 29.00  ? 44  MET A O   1 
ATOM   191 C CB  . MET A 1 45  ? -4.738  4.692   -3.349  1.00 30.09  ? 44  MET A CB  1 
ATOM   192 C CG  . MET A 1 45  ? -6.117  4.899   -4.219  1.00 28.83  ? 44  MET A CG  1 
ATOM   193 S SD  . MET A 1 45  ? -6.958  3.368   -4.322  1.00 34.93  ? 44  MET A SD  1 
ATOM   194 C CE  . MET A 1 45  ? -5.900  2.504   -5.451  1.00 31.98  ? 44  MET A CE  1 
ATOM   195 N N   . ILE A 1 46  ? -1.758  6.140   -2.299  1.00 28.58  ? 45  ILE A N   1 
ATOM   196 C CA  . ILE A 1 46  ? -0.660  5.710   -1.389  1.00 31.16  ? 45  ILE A CA  1 
ATOM   197 C C   . ILE A 1 46  ? -0.561  6.421   -0.048  1.00 30.09  ? 45  ILE A C   1 
ATOM   198 O O   . ILE A 1 46  ? -0.448  5.707   0.993   1.00 29.59  ? 45  ILE A O   1 
ATOM   199 C CB  . ILE A 1 46  ? 0.702   5.902   -2.124  1.00 39.08  ? 45  ILE A CB  1 
ATOM   200 C CG1 . ILE A 1 46  ? 0.873   4.832   -3.196  1.00 46.51  ? 45  ILE A CG1 1 
ATOM   201 C CG2 . ILE A 1 46  ? 1.852   5.636   -1.103  1.00 43.87  ? 45  ILE A CG2 1 
ATOM   202 C CD1 . ILE A 1 46  ? 1.564   3.694   -2.588  1.00 51.15  ? 45  ILE A CD1 1 
ATOM   203 N N   . ASP A 1 47  ? -0.597  7.694   -0.081  1.00 29.34  ? 46  ASP A N   1 
ATOM   204 C CA  . ASP A 1 47  ? -0.515  8.514   1.140   1.00 31.55  ? 46  ASP A CA  1 
ATOM   205 C C   . ASP A 1 47  ? -1.729  8.326   1.958   1.00 29.70  ? 46  ASP A C   1 
ATOM   206 O O   . ASP A 1 47  ? -1.618  7.996   3.159   1.00 29.66  ? 46  ASP A O   1 
ATOM   207 C CB  . ASP A 1 47  ? -0.216  9.985   0.953   1.00 34.68  ? 46  ASP A CB  1 
ATOM   208 C CG  . ASP A 1 47  ? 1.152   10.099  0.348   1.00 41.76  ? 46  ASP A CG  1 
ATOM   209 O OD1 . ASP A 1 47  ? 2.083   9.337   0.567   1.00 42.41  ? 46  ASP A OD1 1 
ATOM   210 O OD2 . ASP A 1 47  ? 1.218   10.844  -0.544  1.00 46.10  ? 46  ASP A OD2 1 
ATOM   211 N N   . PRO A 1 48  ? -2.919  8.306   1.298   1.00 28.52  ? 47  PRO A N   1 
ATOM   212 C CA  . PRO A 1 48  ? -4.131  7.889   2.092   1.00 31.32  ? 47  PRO A CA  1 
ATOM   213 C C   . PRO A 1 48  ? -4.080  6.525   2.790   1.00 31.55  ? 47  PRO A C   1 
ATOM   214 O O   . PRO A 1 48  ? -4.544  6.376   3.979   1.00 31.36  ? 47  PRO A O   1 
ATOM   215 C CB  . PRO A 1 48  ? -5.307  8.070   1.096   1.00 30.64  ? 47  PRO A CB  1 
ATOM   216 C CG  . PRO A 1 48  ? -4.834  9.142   0.231   1.00 32.47  ? 47  PRO A CG  1 
ATOM   217 C CD  . PRO A 1 48  ? -3.343  8.992   0.069   1.00 30.37  ? 47  PRO A CD  1 
ATOM   218 N N   . LEU A 1 49  ? -3.496  5.553   2.157   1.00 27.49  ? 48  LEU A N   1 
ATOM   219 C CA  . LEU A 1 49  ? -3.322  4.201   2.659   1.00 27.02  ? 48  LEU A CA  1 
ATOM   220 C C   . LEU A 1 49  ? -2.294  4.199   3.751   1.00 27.20  ? 48  LEU A C   1 
ATOM   221 O O   . LEU A 1 49  ? -2.622  3.458   4.799   1.00 24.06  ? 48  LEU A O   1 
ATOM   222 C CB  . LEU A 1 49  ? -2.975  3.297   1.452   1.00 29.98  ? 48  LEU A CB  1 
ATOM   223 C CG  . LEU A 1 49  ? -2.878  1.850   1.784   1.00 30.63  ? 48  LEU A CG  1 
ATOM   224 C CD1 . LEU A 1 49  ? -4.210  1.258   2.397   1.00 30.52  ? 48  LEU A CD1 1 
ATOM   225 C CD2 . LEU A 1 49  ? -2.445  0.983   0.589   1.00 36.03  ? 48  LEU A CD2 1 
ATOM   226 N N   . LEU A 1 50  ? -1.206  4.860   3.631   1.00 27.24  ? 49  LEU A N   1 
ATOM   227 C CA  . LEU A 1 50  ? -0.283  4.932   4.759   1.00 28.36  ? 49  LEU A CA  1 
ATOM   228 C C   . LEU A 1 50  ? -1.011  5.431   6.052   1.00 28.45  ? 49  LEU A C   1 
ATOM   229 O O   . LEU A 1 50  ? -0.690  4.993   7.184   1.00 29.42  ? 49  LEU A O   1 
ATOM   230 C CB  . LEU A 1 50  ? 0.886   5.867   4.298   1.00 31.13  ? 49  LEU A CB  1 
ATOM   231 C CG  . LEU A 1 50  ? 2.024   6.020   5.353   1.00 38.81  ? 49  LEU A CG  1 
ATOM   232 C CD1 . LEU A 1 50  ? 2.730   4.725   5.922   1.00 38.68  ? 49  LEU A CD1 1 
ATOM   233 C CD2 . LEU A 1 50  ? 3.067   7.034   4.720   1.00 45.79  ? 49  LEU A CD2 1 
ATOM   234 N N   . LYS A 1 51  ? -1.933  6.374   5.909   1.00 30.80  ? 50  LYS A N   1 
ATOM   235 C CA  . LYS A 1 51  ? -2.613  6.917   7.112   1.00 35.04  ? 50  LYS A CA  1 
ATOM   236 C C   . LYS A 1 51  ? -3.530  5.852   7.734   1.00 30.63  ? 50  LYS A C   1 
ATOM   237 O O   . LYS A 1 51  ? -3.536  5.732   8.953   1.00 31.04  ? 50  LYS A O   1 
ATOM   238 C CB  . LYS A 1 51  ? -3.389  8.190   6.775   1.00 39.90  ? 50  LYS A CB  1 
ATOM   239 C CG  . LYS A 1 51  ? -2.668  9.485   7.114   1.00 53.76  ? 50  LYS A CG  1 
ATOM   240 C CD  . LYS A 1 51  ? -3.600  10.663  7.227   1.00 51.25  ? 50  LYS A CD  1 
ATOM   241 C CE  . LYS A 1 51  ? -3.971  10.990  8.656   1.00 62.29  ? 50  LYS A CE  1 
ATOM   242 N NZ  . LYS A 1 51  ? -4.023  12.454  8.878   1.00 58.81  ? 50  LYS A NZ  1 
ATOM   243 N N   . VAL A 1 52  ? -4.275  5.129   6.892   1.00 32.16  ? 51  VAL A N   1 
ATOM   244 C CA  . VAL A 1 52  ? -5.180  4.076   7.456   1.00 30.12  ? 51  VAL A CA  1 
ATOM   245 C C   . VAL A 1 52  ? -4.278  3.045   8.089   1.00 29.11  ? 51  VAL A C   1 
ATOM   246 O O   . VAL A 1 52  ? -4.682  2.454   9.119   1.00 30.71  ? 51  VAL A O   1 
ATOM   247 C CB  . VAL A 1 52  ? -6.037  3.560   6.243   1.00 36.17  ? 51  VAL A CB  1 
ATOM   248 C CG1 . VAL A 1 52  ? -6.584  2.193   6.470   1.00 43.06  ? 51  VAL A CG1 1 
ATOM   249 C CG2 . VAL A 1 52  ? -7.104  4.613   6.004   1.00 37.48  ? 51  VAL A CG2 1 
ATOM   250 N N   . VAL A 1 53  ? -3.225  2.602   7.371   1.00 27.82  ? 52  VAL A N   1 
ATOM   251 C CA  . VAL A 1 53  ? -2.268  1.639   7.932   1.00 27.65  ? 52  VAL A CA  1 
ATOM   252 C C   . VAL A 1 53  ? -1.843  2.049   9.311   1.00 31.87  ? 52  VAL A C   1 
ATOM   253 O O   . VAL A 1 53  ? -1.681  1.186   10.270  1.00 29.18  ? 52  VAL A O   1 
ATOM   254 C CB  . VAL A 1 53  ? -1.229  1.248   6.947   1.00 27.50  ? 52  VAL A CB  1 
ATOM   255 C CG1 . VAL A 1 53  ? 0.001   0.602   7.606   1.00 32.74  ? 52  VAL A CG1 1 
ATOM   256 C CG2 . VAL A 1 53  ? -1.820  0.502   5.800   1.00 30.00  ? 52  VAL A CG2 1 
ATOM   257 N N   . ASN A 1 54  ? -1.292  3.275   9.421   1.00 29.90  ? 53  ASN A N   1 
ATOM   258 C CA  . ASN A 1 54  ? -0.762  3.782   10.682  1.00 31.44  ? 53  ASN A CA  1 
ATOM   259 C C   . ASN A 1 54  ? -1.866  3.766   11.755  1.00 32.84  ? 53  ASN A C   1 
ATOM   260 O O   . ASN A 1 54  ? -1.451  3.585   12.902  1.00 34.62  ? 53  ASN A O   1 
ATOM   261 C CB  . ASN A 1 54  ? -0.077  5.101   10.514  1.00 35.89  ? 53  ASN A CB  1 
ATOM   262 C CG  . ASN A 1 54  ? 1.336   4.901   9.938   1.00 38.24  ? 53  ASN A CG  1 
ATOM   263 O OD1 . ASN A 1 54  ? 1.937   3.832   9.924   1.00 39.36  ? 53  ASN A OD1 1 
ATOM   264 N ND2 . ASN A 1 54  ? 1.872   5.990   9.310   1.00 37.93  ? 53  ASN A ND2 1 
ATOM   265 N N   . THR A 1 55  ? -3.106  4.120   11.436  1.00 34.10  ? 54  THR A N   1 
ATOM   266 C CA  . THR A 1 55  ? -4.179  4.019   12.430  1.00 34.71  ? 54  THR A CA  1 
ATOM   267 C C   . THR A 1 55  ? -4.217  2.544   12.964  1.00 32.12  ? 54  THR A C   1 
ATOM   268 O O   . THR A 1 55  ? -4.315  2.402   14.103  1.00 39.72  ? 54  THR A O   1 
ATOM   269 C CB  . THR A 1 55  ? -5.496  4.441   11.813  1.00 40.65  ? 54  THR A CB  1 
ATOM   270 O OG1 . THR A 1 55  ? -5.247  5.837   11.607  1.00 44.06  ? 54  THR A OG1 1 
ATOM   271 C CG2 . THR A 1 55  ? -6.638  4.323   12.818  1.00 45.88  ? 54  THR A CG2 1 
ATOM   272 N N   . ARG A 1 56  ? -4.259  1.580   12.053  1.00 33.43  ? 55  ARG A N   1 
ATOM   273 C CA  . ARG A 1 56  ? -4.290  0.172   12.481  1.00 33.36  ? 55  ARG A CA  1 
ATOM   274 C C   . ARG A 1 56  ? -3.087  -0.194  13.328  1.00 31.82  ? 55  ARG A C   1 
ATOM   275 O O   . ARG A 1 56  ? -3.160  -0.870  14.346  1.00 29.94  ? 55  ARG A O   1 
ATOM   276 C CB  . ARG A 1 56  ? -4.484  -0.619  11.180  1.00 30.57  ? 55  ARG A CB  1 
ATOM   277 C CG  . ARG A 1 56  ? -4.777  -2.063  11.464  1.00 40.00  ? 55  ARG A CG  1 
ATOM   278 C CD  . ARG A 1 56  ? -5.958  -2.357  12.377  1.00 40.11  ? 55  ARG A CD  1 
ATOM   279 N NE  . ARG A 1 56  ? -6.037  -3.878  12.313  1.00 38.17  ? 55  ARG A NE  1 
ATOM   280 C CZ  . ARG A 1 56  ? -7.084  -4.554  12.875  1.00 45.06  ? 55  ARG A CZ  1 
ATOM   281 N NH1 . ARG A 1 56  ? -8.005  -3.825  13.522  1.00 41.16  ? 55  ARG A NH1 1 
ATOM   282 N NH2 . ARG A 1 56  ? -7.242  -5.895  12.687  1.00 40.15  ? 55  ARG A NH2 1 
ATOM   283 N N   . LEU A 1 57  ? -1.860  0.217   12.868  1.00 28.60  ? 56  LEU A N   1 
ATOM   284 C CA  . LEU A 1 57  ? -0.652  -0.116  13.676  1.00 30.58  ? 56  LEU A CA  1 
ATOM   285 C C   . LEU A 1 57  ? -0.711  0.462   15.008  1.00 29.52  ? 56  LEU A C   1 
ATOM   286 O O   . LEU A 1 57  ? -0.259  -0.104  16.058  1.00 32.60  ? 56  LEU A O   1 
ATOM   287 C CB  . LEU A 1 57  ? 0.627   0.347   12.890  1.00 30.08  ? 56  LEU A CB  1 
ATOM   288 C CG  . LEU A 1 57  ? 0.885   -0.367  11.567  1.00 32.02  ? 56  LEU A CG  1 
ATOM   289 C CD1 . LEU A 1 57  ? 2.218   0.158   10.919  1.00 31.51  ? 56  LEU A CD1 1 
ATOM   290 C CD2 . LEU A 1 57  ? 1.061   -1.875  11.712  1.00 33.53  ? 56  LEU A CD2 1 
ATOM   291 N N   . ARG A 1 58  ? -1.230  1.677   15.117  1.00 33.87  ? 57  ARG A N   1 
ATOM   292 C CA  . ARG A 1 58  ? -1.237  2.346   16.450  1.00 38.87  ? 57  ARG A CA  1 
ATOM   293 C C   . ARG A 1 58  ? -2.168  1.602   17.421  1.00 38.51  ? 57  ARG A C   1 
ATOM   294 O O   . ARG A 1 58  ? -1.829  1.521   18.598  1.00 41.72  ? 57  ARG A O   1 
ATOM   295 C CB  . ARG A 1 58  ? -1.557  3.837   16.319  1.00 44.30  ? 57  ARG A CB  1 
ATOM   296 C CG  . ARG A 1 58  ? -0.363  4.687   15.911  1.00 55.09  ? 57  ARG A CG  1 
ATOM   297 C CD  . ARG A 1 58  ? -0.690  6.165   15.817  1.00 58.31  ? 57  ARG A CD  1 
ATOM   298 N NE  . ARG A 1 58  ? -1.498  6.494   14.650  1.00 78.55  ? 57  ARG A NE  1 
ATOM   299 C CZ  . ARG A 1 58  ? -2.712  7.031   14.697  1.00 77.80  ? 57  ARG A CZ  1 
ATOM   300 N NH1 . ARG A 1 58  ? -3.273  7.309   15.861  1.00 72.85  ? 57  ARG A NH1 1 
ATOM   301 N NH2 . ARG A 1 58  ? -3.361  7.291   13.579  1.00 69.60  ? 57  ARG A NH2 1 
ATOM   302 N N   . GLU A 1 59  ? -3.295  1.096   16.942  1.00 36.10  ? 58  GLU A N   1 
ATOM   303 C CA  . GLU A 1 59  ? -4.215  0.303   17.797  1.00 39.43  ? 58  GLU A CA  1 
ATOM   304 C C   . GLU A 1 59  ? -3.470  -0.936  18.292  1.00 39.14  ? 58  GLU A C   1 
ATOM   305 O O   . GLU A 1 59  ? -3.690  -1.335  19.443  1.00 40.74  ? 58  GLU A O   1 
ATOM   306 C CB  . GLU A 1 59  ? -5.430  -0.133  16.988  1.00 40.94  ? 58  GLU A CB  1 
ATOM   307 C CG  . GLU A 1 59  ? -6.322  1.019   16.574  1.00 52.52  ? 58  GLU A CG  1 
ATOM   308 C CD  . GLU A 1 59  ? -7.345  0.684   15.503  1.00 53.55  ? 58  GLU A CD  1 
ATOM   309 O OE1 . GLU A 1 59  ? -8.016  1.616   15.024  1.00 62.87  ? 58  GLU A OE1 1 
ATOM   310 O OE2 . GLU A 1 59  ? -7.472  -0.502  15.155  1.00 51.83  ? 58  GLU A OE2 1 
ATOM   311 N N   . LEU A 1 60  ? -2.659  -1.538  17.427  1.00 32.34  ? 59  LEU A N   1 
ATOM   312 C CA  . LEU A 1 60  ? -1.809  -2.706  17.841  1.00 34.63  ? 59  LEU A CA  1 
ATOM   313 C C   . LEU A 1 60  ? -0.565  -2.349  18.618  1.00 41.03  ? 59  LEU A C   1 
ATOM   314 O O   . LEU A 1 60  ? 0.031   -3.289  19.099  1.00 44.59  ? 59  LEU A O   1 
ATOM   315 C CB  . LEU A 1 60  ? -1.491  -3.503  16.614  1.00 32.98  ? 59  LEU A CB  1 
ATOM   316 C CG  . LEU A 1 60  ? -2.605  -4.061  15.774  1.00 34.18  ? 59  LEU A CG  1 
ATOM   317 C CD1 . LEU A 1 60  ? -2.195  -4.364  14.380  1.00 38.52  ? 59  LEU A CD1 1 
ATOM   318 C CD2 . LEU A 1 60  ? -3.145  -5.276  16.583  1.00 35.12  ? 59  LEU A CD2 1 
ATOM   319 N N   . GLY A 1 61  ? -0.341  -1.078  18.993  1.00 43.37  ? 60  GLY A N   1 
ATOM   320 C CA  . GLY A 1 61  ? 0.836   -0.569  19.731  1.00 47.73  ? 60  GLY A CA  1 
ATOM   321 C C   . GLY A 1 61  ? 2.126   -0.818  18.947  1.00 44.93  ? 60  GLY A C   1 
ATOM   322 O O   . GLY A 1 61  ? 3.053   -1.037  19.646  1.00 50.99  ? 60  GLY A O   1 
ATOM   323 N N   . VAL A 1 62  ? 2.068   -0.883  17.639  1.00 42.55  ? 61  VAL A N   1 
ATOM   324 C CA  . VAL A 1 62  ? 3.198   -1.014  16.670  1.00 46.98  ? 61  VAL A CA  1 
ATOM   325 C C   . VAL A 1 62  ? 3.638   0.376   16.188  1.00 48.31  ? 61  VAL A C   1 
ATOM   326 O O   . VAL A 1 62  ? 2.725   1.314   16.007  1.00 46.25  ? 61  VAL A O   1 
ATOM   327 C CB  . VAL A 1 62  ? 2.792   -1.868  15.482  1.00 48.04  ? 61  VAL A CB  1 
ATOM   328 C CG1 . VAL A 1 62  ? 3.861   -1.893  14.385  1.00 49.71  ? 61  VAL A CG1 1 
ATOM   329 C CG2 . VAL A 1 62  ? 2.524   -3.288  15.911  1.00 48.05  ? 61  VAL A CG2 1 
ATOM   330 N N   . ALA A 1 63  ? 4.967   0.554   16.003  1.00 51.84  ? 62  ALA A N   1 
ATOM   331 C CA  . ALA A 1 63  ? 5.498   1.921   15.748  1.00 54.48  ? 62  ALA A CA  1 
ATOM   332 C C   . ALA A 1 63  ? 4.972   2.207   14.340  1.00 42.93  ? 62  ALA A C   1 
ATOM   333 O O   . ALA A 1 63  ? 4.944   1.347   13.494  1.00 43.34  ? 62  ALA A O   1 
ATOM   334 C CB  . ALA A 1 63  ? 7.011   2.027   15.937  1.00 52.31  ? 62  ALA A CB  1 
ATOM   335 N N   . PRO A 1 64  ? 4.440   3.396   14.118  1.00 45.67  ? 63  PRO A N   1 
ATOM   336 C CA  . PRO A 1 64  ? 3.910   3.750   12.815  1.00 48.12  ? 63  PRO A CA  1 
ATOM   337 C C   . PRO A 1 64  ? 5.053   3.785   11.744  1.00 52.05  ? 63  PRO A C   1 
ATOM   338 O O   . PRO A 1 64  ? 6.281   3.868   12.023  1.00 48.12  ? 63  PRO A O   1 
ATOM   339 C CB  . PRO A 1 64  ? 3.282   5.145   13.008  1.00 47.91  ? 63  PRO A CB  1 
ATOM   340 C CG  . PRO A 1 64  ? 3.839   5.632   14.224  1.00 49.51  ? 63  PRO A CG  1 
ATOM   341 C CD  . PRO A 1 64  ? 4.340   4.469   15.070  1.00 47.44  ? 63  PRO A CD  1 
ATOM   342 N N   . LEU A 1 65  ? 4.646   3.636   10.491  1.00 48.68  ? 64  LEU A N   1 
ATOM   343 C CA  . LEU A 1 65  ? 5.656   3.621   9.411   1.00 49.82  ? 64  LEU A CA  1 
ATOM   344 C C   . LEU A 1 65  ? 6.080   5.066   9.178   1.00 50.47  ? 64  LEU A C   1 
ATOM   345 O O   . LEU A 1 65  ? 5.194   5.934   9.139   1.00 49.16  ? 64  LEU A O   1 
ATOM   346 C CB  . LEU A 1 65  ? 5.044   2.988   8.163   1.00 46.89  ? 64  LEU A CB  1 
ATOM   347 C CG  . LEU A 1 65  ? 4.728   1.498   8.236   1.00 45.58  ? 64  LEU A CG  1 
ATOM   348 C CD1 . LEU A 1 65  ? 4.311   0.990   6.868   1.00 48.46  ? 64  LEU A CD1 1 
ATOM   349 C CD2 . LEU A 1 65  ? 5.921   0.715   8.748   1.00 51.19  ? 64  LEU A CD2 1 
ATOM   350 N N   . GLU A 1 66  ? 7.384   5.307   9.052   1.00 52.45  ? 65  GLU A N   1 
ATOM   351 C CA  . GLU A 1 66  ? 7.865   6.709   8.943   1.00 66.20  ? 65  GLU A CA  1 
ATOM   352 C C   . GLU A 1 66  ? 8.962   6.842   7.892   1.00 66.89  ? 65  GLU A C   1 
ATOM   353 O O   . GLU A 1 66  ? 9.749   5.898   7.720   1.00 69.89  ? 65  GLU A O   1 
ATOM   354 C CB  . GLU A 1 66  ? 8.382   7.235   10.283  1.00 74.34  ? 65  GLU A CB  1 
ATOM   355 C CG  . GLU A 1 66  ? 7.301   7.391   11.334  1.00 77.14  ? 65  GLU A CG  1 
ATOM   356 C CD  . GLU A 1 66  ? 7.801   7.844   12.696  1.00 103.26 ? 65  GLU A CD  1 
ATOM   357 O OE1 . GLU A 1 66  ? 9.031   7.863   12.898  1.00 92.71  ? 65  GLU A OE1 1 
ATOM   358 O OE2 . GLU A 1 66  ? 6.959   8.180   13.551  1.00 102.82 ? 65  GLU A OE2 1 
ATOM   359 N N   . ALA A 1 67  ? 9.013   8.006   7.256   1.00 73.92  ? 66  ALA A N   1 
ATOM   360 C CA  . ALA A 1 67  ? 10.002  8.259   6.192   1.00 82.03  ? 66  ALA A CA  1 
ATOM   361 C C   . ALA A 1 67  ? 11.442  8.367   6.709   1.00 80.47  ? 66  ALA A C   1 
ATOM   362 O O   . ALA A 1 67  ? 11.774  9.417   7.273   1.00 75.37  ? 66  ALA A O   1 
ATOM   363 C CB  . ALA A 1 67  ? 9.591   9.503   5.446   1.00 82.54  ? 66  ALA A CB  1 
ATOM   364 N N   . LYS A 1 68  ? 12.242  7.312   6.575   1.00 79.53  ? 67  LYS A N   1 
ATOM   365 C CA  . LYS A 1 68  ? 13.715  7.344   6.851   1.00 83.95  ? 67  LYS A CA  1 
ATOM   366 C C   . LYS A 1 68  ? 13.889  8.471   5.794   1.00 89.51  ? 67  LYS A C   1 
ATOM   367 O O   . LYS A 1 68  ? 13.119  8.539   4.749   1.00 82.73  ? 67  LYS A O   1 
ATOM   368 C CB  . LYS A 1 68  ? 14.186  5.905   7.051   1.00 83.47  ? 67  LYS A CB  1 
ATOM   369 C CG  . LYS A 1 68  ? 15.675  5.826   7.414   1.00 87.92  ? 67  LYS A CG  1 
ATOM   370 C CD  . LYS A 1 68  ? 16.177  4.395   7.672   1.00 89.18  ? 67  LYS A CD  1 
ATOM   371 C CE  . LYS A 1 68  ? 17.644  4.235   8.013   1.00 99.14  ? 67  LYS A CE  1 
ATOM   372 N NZ  . LYS A 1 68  ? 17.981  2.797   8.236   1.00 96.40  ? 67  LYS A NZ  1 
ATOM   373 N N   . GLY A 1 69  ? 14.830  9.388   6.066   1.00 91.58  ? 68  GLY A N   1 
ATOM   374 C CA  . GLY A 1 69  ? 15.185  10.530  5.189   1.00 90.90  ? 68  GLY A CA  1 
ATOM   375 C C   . GLY A 1 69  ? 14.259  10.916  4.058   1.00 84.03  ? 68  GLY A C   1 
ATOM   376 O O   . GLY A 1 69  ? 13.074  11.224  4.304   1.00 89.78  ? 68  GLY A O   1 
ATOM   377 N N   . ARG A 1 70  ? 14.842  11.064  2.875   1.00 76.72  ? 69  ARG A N   1 
ATOM   378 C CA  . ARG A 1 70  ? 14.038  11.432  1.697   1.00 76.28  ? 69  ARG A CA  1 
ATOM   379 C C   . ARG A 1 70  ? 13.755  10.143  0.951   1.00 72.25  ? 69  ARG A C   1 
ATOM   380 O O   . ARG A 1 70  ? 14.537  9.216   1.125   1.00 69.74  ? 69  ARG A O   1 
ATOM   381 C CB  . ARG A 1 70  ? 14.840  12.359  0.786   1.00 83.50  ? 69  ARG A CB  1 
ATOM   382 C CG  . ARG A 1 70  ? 15.130  13.726  1.384   1.00 84.64  ? 69  ARG A CG  1 
ATOM   383 C CD  . ARG A 1 70  ? 15.969  14.600  0.472   1.00 97.58  ? 69  ARG A CD  1 
ATOM   384 N NE  . ARG A 1 70  ? 16.189  15.897  1.093   1.00 93.70  ? 69  ARG A NE  1 
ATOM   385 C CZ  . ARG A 1 70  ? 17.133  16.154  1.988   1.00 96.39  ? 69  ARG A CZ  1 
ATOM   386 N NH1 . ARG A 1 70  ? 17.944  15.193  2.393   1.00 90.59  ? 69  ARG A NH1 1 
ATOM   387 N NH2 . ARG A 1 70  ? 17.257  17.371  2.479   1.00 92.15  ? 69  ARG A NH2 1 
ATOM   388 N N   . GLY A 1 71  ? 12.661  10.094  0.197   1.00 65.71  ? 70  GLY A N   1 
ATOM   389 C CA  . GLY A 1 71  ? 12.361  8.906   -0.651  1.00 53.26  ? 70  GLY A CA  1 
ATOM   390 C C   . GLY A 1 71  ? 10.844  8.711   -0.815  1.00 55.90  ? 70  GLY A C   1 
ATOM   391 O O   . GLY A 1 71  ? 10.100  9.704   -0.722  1.00 52.03  ? 70  GLY A O   1 
ATOM   392 N N   . ARG A 1 72  ? 10.396  7.533   -1.216  1.00 46.77  ? 71  ARG A N   1 
ATOM   393 C CA  . ARG A 1 72  ? 9.092   7.392   -1.855  1.00 43.89  ? 71  ARG A CA  1 
ATOM   394 C C   . ARG A 1 72  ? 8.433   6.167   -1.279  1.00 40.24  ? 71  ARG A C   1 
ATOM   395 O O   . ARG A 1 72  ? 9.105   5.126   -1.194  1.00 37.55  ? 71  ARG A O   1 
ATOM   396 C CB  . ARG A 1 72  ? 9.199   7.287   -3.372  1.00 50.61  ? 71  ARG A CB  1 
ATOM   397 C CG  . ARG A 1 72  ? 9.881   8.519   -4.019  1.00 61.26  ? 71  ARG A CG  1 
ATOM   398 C CD  . ARG A 1 72  ? 10.038  8.596   -5.548  1.00 69.12  ? 71  ARG A CD  1 
ATOM   399 N NE  . ARG A 1 72  ? 11.276  7.912   -5.623  1.00 81.24  ? 71  ARG A NE  1 
ATOM   400 C CZ  . ARG A 1 72  ? 11.395  6.607   -5.667  1.00 79.00  ? 71  ARG A CZ  1 
ATOM   401 N NH1 . ARG A 1 72  ? 10.332  5.813   -5.829  1.00 93.56  ? 71  ARG A NH1 1 
ATOM   402 N NH2 . ARG A 1 72  ? 12.616  6.122   -5.546  1.00 82.88  ? 71  ARG A NH2 1 
ATOM   403 N N   . TRP A 1 73  ? 7.183   6.269   -0.914  1.00 37.23  ? 72  TRP A N   1 
ATOM   404 C CA  . TRP A 1 73  ? 6.378   5.123   -0.446  1.00 35.89  ? 72  TRP A CA  1 
ATOM   405 C C   . TRP A 1 73  ? 5.806   4.458   -1.685  1.00 37.60  ? 72  TRP A C   1 
ATOM   406 O O   . TRP A 1 73  ? 5.478   5.209   -2.615  1.00 34.44  ? 72  TRP A O   1 
ATOM   407 C CB  . TRP A 1 73  ? 5.239   5.592   0.465   1.00 36.30  ? 72  TRP A CB  1 
ATOM   408 C CG  . TRP A 1 73  ? 5.630   5.800   1.916   1.00 39.65  ? 72  TRP A CG  1 
ATOM   409 C CD1 . TRP A 1 73  ? 5.834   6.987   2.530   1.00 41.58  ? 72  TRP A CD1 1 
ATOM   410 C CD2 . TRP A 1 73  ? 6.033   4.764   2.858   1.00 32.93  ? 72  TRP A CD2 1 
ATOM   411 N NE1 . TRP A 1 73  ? 6.254   6.800   3.814   1.00 40.48  ? 72  TRP A NE1 1 
ATOM   412 C CE2 . TRP A 1 73  ? 6.457   5.509   4.035   1.00 42.56  ? 72  TRP A CE2 1 
ATOM   413 C CE3 . TRP A 1 73  ? 5.962   3.383   2.906   1.00 41.55  ? 72  TRP A CE3 1 
ATOM   414 C CZ2 . TRP A 1 73  ? 6.891   4.878   5.180   1.00 45.67  ? 72  TRP A CZ2 1 
ATOM   415 C CZ3 . TRP A 1 73  ? 6.442   2.739   4.055   1.00 37.01  ? 72  TRP A CZ3 1 
ATOM   416 C CH2 . TRP A 1 73  ? 7.023   3.519   5.111   1.00 42.76  ? 72  TRP A CH2 1 
ATOM   417 N N   . MET A 1 74  ? 5.843   3.126   -1.735  1.00 35.17  ? 73  MET A N   1 
ATOM   418 C CA  . MET A 1 74  ? 5.363   2.363   -2.901  1.00 30.82  ? 73  MET A CA  1 
ATOM   419 C C   . MET A 1 74  ? 4.624   1.097   -2.449  1.00 29.96  ? 73  MET A C   1 
ATOM   420 O O   . MET A 1 74  ? 4.865   0.636   -1.333  1.00 29.27  ? 73  MET A O   1 
ATOM   421 C CB  . MET A 1 74  ? 6.558   2.180   -3.830  1.00 36.93  ? 73  MET A CB  1 
ATOM   422 C CG  . MET A 1 74  ? 7.572   1.458   -3.131  1.00 40.73  ? 73  MET A CG  1 
ATOM   423 S SD  . MET A 1 74  ? 9.173   1.196   -4.168  1.00 44.14  ? 73  MET A SD  1 
ATOM   424 C CE  . MET A 1 74  ? 9.535   2.868   -4.573  1.00 44.45  ? 73  MET A CE  1 
ATOM   425 N N   . LEU A 1 75  ? 3.687   0.691   -3.253  1.00 29.20  ? 74  LEU A N   1 
ATOM   426 C CA  . LEU A 1 75  ? 3.067   -0.623  -3.119  1.00 27.63  ? 74  LEU A CA  1 
ATOM   427 C C   . LEU A 1 75  ? 3.775   -1.647  -3.997  1.00 28.42  ? 74  LEU A C   1 
ATOM   428 O O   . LEU A 1 75  ? 3.832   -1.390  -5.197  1.00 31.69  ? 74  LEU A O   1 
ATOM   429 C CB  . LEU A 1 75  ? 1.579   -0.623  -3.404  1.00 28.17  ? 74  LEU A CB  1 
ATOM   430 C CG  . LEU A 1 75  ? 0.825   0.152   -2.343  1.00 30.33  ? 74  LEU A CG  1 
ATOM   431 C CD1 . LEU A 1 75  ? -0.559  0.408   -3.090  1.00 37.15  ? 74  LEU A CD1 1 
ATOM   432 C CD2 . LEU A 1 75  ? 0.668   -0.655  -1.056  1.00 31.23  ? 74  LEU A CD2 1 
ATOM   433 N N   . CYS A 1 76  ? 4.270   -2.660  -3.383  1.00 25.52  ? 75  CYS A N   1 
ATOM   434 C CA  . CYS A 1 76  ? 5.170   -3.659  -4.052  1.00 26.67  ? 75  CYS A CA  1 
ATOM   435 C C   . CYS A 1 76  ? 4.537   -5.106  -4.047  1.00 26.17  ? 75  CYS A C   1 
ATOM   436 O O   . CYS A 1 76  ? 3.897   -5.540  -3.121  1.00 23.58  ? 75  CYS A O   1 
ATOM   437 C CB  . CYS A 1 76  ? 6.567   -3.746  -3.400  1.00 28.42  ? 75  CYS A CB  1 
ATOM   438 S SG  . CYS A 1 76  ? 7.417   -2.172  -3.569  1.00 32.56  ? 75  CYS A SG  1 
ATOM   439 N N   . LEU A 1 77  ? 4.832   -5.904  -5.142  1.00 27.43  ? 76  LEU A N   1 
ATOM   440 C CA  . LEU A 1 77  ? 4.523   -7.356  -5.284  1.00 27.28  ? 76  LEU A CA  1 
ATOM   441 C C   . LEU A 1 77  ? 5.508   -8.036  -4.330  1.00 27.05  ? 76  LEU A C   1 
ATOM   442 O O   . LEU A 1 77  ? 6.451   -7.396  -3.873  1.00 25.41  ? 76  LEU A O   1 
ATOM   443 C CB  . LEU A 1 77  ? 4.697   -7.816  -6.748  1.00 28.35  ? 76  LEU A CB  1 
ATOM   444 C CG  . LEU A 1 77  ? 3.785   -7.081  -7.721  1.00 27.79  ? 76  LEU A CG  1 
ATOM   445 C CD1 . LEU A 1 77  ? 4.098   -7.651  -9.134  1.00 31.65  ? 76  LEU A CD1 1 
ATOM   446 C CD2 . LEU A 1 77  ? 2.320   -7.185  -7.355  1.00 30.17  ? 76  LEU A CD2 1 
ATOM   447 N N   . VAL A 1 78  ? 5.357   -9.372  -4.201  1.00 24.52  ? 77  VAL A N   1 
ATOM   448 C CA  . VAL A 1 78  ? 6.188   -10.198 -3.261  1.00 23.61  ? 77  VAL A CA  1 
ATOM   449 C C   . VAL A 1 78  ? 7.654   -10.111 -3.584  1.00 25.44  ? 77  VAL A C   1 
ATOM   450 O O   . VAL A 1 78  ? 8.574   -10.431 -2.824  1.00 28.50  ? 77  VAL A O   1 
ATOM   451 C CB  . VAL A 1 78  ? 5.590   -11.619 -3.219  1.00 27.94  ? 77  VAL A CB  1 
ATOM   452 C CG1 . VAL A 1 78  ? 5.799   -12.372 -4.573  1.00 29.95  ? 77  VAL A CG1 1 
ATOM   453 C CG2 . VAL A 1 78  ? 6.135   -12.297 -2.057  1.00 29.53  ? 77  VAL A CG2 1 
ATOM   454 N N   . ASP A 1 79  ? 8.001   -9.958  -4.865  1.00 25.57  ? 78  ASP A N   1 
ATOM   455 C CA  . ASP A 1 79  ? 9.381   -9.855  -5.421  1.00 27.95  ? 78  ASP A CA  1 
ATOM   456 C C   . ASP A 1 79  ? 9.934   -8.424  -5.431  1.00 27.41  ? 78  ASP A C   1 
ATOM   457 O O   . ASP A 1 79  ? 11.031  -8.308  -5.950  1.00 29.32  ? 78  ASP A O   1 
ATOM   458 C CB  . ASP A 1 79  ? 9.479   -10.322 -6.872  1.00 32.74  ? 78  ASP A CB  1 
ATOM   459 C CG  . ASP A 1 79  ? 8.626   -9.536  -7.840  1.00 30.90  ? 78  ASP A CG  1 
ATOM   460 O OD1 . ASP A 1 79  ? 7.980   -8.587  -7.501  1.00 31.73  ? 78  ASP A OD1 1 
ATOM   461 O OD2 . ASP A 1 79  ? 8.792   -9.851  -9.037  1.00 37.99  ? 78  ASP A OD2 1 
ATOM   462 N N   . GLY A 1 80  ? 9.252   -7.501  -4.785  1.00 28.38  ? 79  GLY A N   1 
ATOM   463 C CA  . GLY A 1 80  ? 9.875   -6.187  -4.604  1.00 30.76  ? 79  GLY A CA  1 
ATOM   464 C C   . GLY A 1 80  ? 9.371   -5.236  -5.686  1.00 36.07  ? 79  GLY A C   1 
ATOM   465 O O   . GLY A 1 80  ? 9.785   -3.955  -5.707  1.00 34.22  ? 79  GLY A O   1 
ATOM   466 N N   . THR A 1 81  ? 8.834   -5.782  -6.823  1.00 31.87  ? 80  THR A N   1 
ATOM   467 C CA  . THR A 1 81  ? 8.311   -4.969  -7.953  1.00 28.17  ? 80  THR A CA  1 
ATOM   468 C C   . THR A 1 81  ? 7.290   -3.951  -7.524  1.00 28.42  ? 80  THR A C   1 
ATOM   469 O O   . THR A 1 81  ? 6.223   -4.235  -7.022  1.00 27.20  ? 80  THR A O   1 
ATOM   470 C CB  . THR A 1 81  ? 7.762   -5.812  -9.135  1.00 33.79  ? 80  THR A CB  1 
ATOM   471 O OG1 . THR A 1 81  ? 8.771   -6.705  -9.435  1.00 33.27  ? 80  THR A OG1 1 
ATOM   472 C CG2 . THR A 1 81  ? 7.332   -5.027  -10.384 1.00 34.38  ? 80  THR A CG2 1 
ATOM   473 N N   . PRO A 1 82  ? 7.505   -2.664  -7.852  1.00 28.76  ? 81  PRO A N   1 
ATOM   474 C CA  . PRO A 1 82  ? 6.551   -1.649  -7.432  1.00 28.91  ? 81  PRO A CA  1 
ATOM   475 C C   . PRO A 1 82  ? 5.380   -1.527  -8.405  1.00 30.35  ? 81  PRO A C   1 
ATOM   476 O O   . PRO A 1 82  ? 5.640   -1.590  -9.613  1.00 34.72  ? 81  PRO A O   1 
ATOM   477 C CB  . PRO A 1 82  ? 7.435   -0.385  -7.389  1.00 35.78  ? 81  PRO A CB  1 
ATOM   478 C CG  . PRO A 1 82  ? 8.436   -0.674  -8.367  1.00 36.59  ? 81  PRO A CG  1 
ATOM   479 C CD  . PRO A 1 82  ? 8.814   -2.099  -8.389  1.00 33.82  ? 81  PRO A CD  1 
ATOM   480 N N   . LEU A 1 83  ? 4.232   -1.281  -7.896  1.00 30.92  ? 82  LEU A N   1 
ATOM   481 C CA  . LEU A 1 83  ? 3.097   -0.875  -8.775  1.00 31.41  ? 82  LEU A CA  1 
ATOM   482 C C   . LEU A 1 83  ? 3.465   0.469   -9.423  1.00 32.59  ? 82  LEU A C   1 
ATOM   483 O O   . LEU A 1 83  ? 4.060   1.328   -8.710  1.00 33.90  ? 82  LEU A O   1 
ATOM   484 C CB  . LEU A 1 83  ? 1.744   -0.761  -8.064  1.00 31.86  ? 82  LEU A CB  1 
ATOM   485 C CG  . LEU A 1 83  ? 1.186   -2.098  -7.450  1.00 30.07  ? 82  LEU A CG  1 
ATOM   486 C CD1 . LEU A 1 83  ? -0.176  -1.897  -6.885  1.00 31.55  ? 82  LEU A CD1 1 
ATOM   487 C CD2 . LEU A 1 83  ? 1.298   -3.250  -8.416  1.00 32.02  ? 82  LEU A CD2 1 
ATOM   488 N N   . ARG A 1 84  ? 3.029   0.817   -10.596 1.00 32.81  ? 83  ARG A N   1 
ATOM   489 C CA  . ARG A 1 84  ? 3.117   2.072   -11.339 1.00 33.04  ? 83  ARG A CA  1 
ATOM   490 C C   . ARG A 1 84  ? 2.199   3.044   -10.710 1.00 32.76  ? 83  ARG A C   1 
ATOM   491 O O   . ARG A 1 84  ? 1.059   2.703   -10.447 1.00 30.38  ? 83  ARG A O   1 
ATOM   492 C CB  . ARG A 1 84  ? 2.850   1.822   -12.845 1.00 36.25  ? 83  ARG A CB  1 
ATOM   493 C CG  . ARG A 1 84  ? 3.960   0.950   -13.399 1.00 41.71  ? 83  ARG A CG  1 
ATOM   494 C CD  . ARG A 1 84  ? 3.902   0.494   -14.778 1.00 62.17  ? 83  ARG A CD  1 
ATOM   495 N NE  . ARG A 1 84  ? 3.990   1.789   -15.392 1.00 71.78  ? 83  ARG A NE  1 
ATOM   496 C CZ  . ARG A 1 84  ? 3.874   2.031   -16.680 1.00 75.14  ? 83  ARG A CZ  1 
ATOM   497 N NH1 . ARG A 1 84  ? 3.617   1.031   -17.495 1.00 69.23  ? 83  ARG A NH1 1 
ATOM   498 N NH2 . ARG A 1 84  ? 4.046   3.270   -17.135 1.00 77.53  ? 83  ARG A NH2 1 
ATOM   499 N N   . PRO A 1 85  ? 2.581   4.200   -10.518 1.00 32.54  ? 84  PRO A N   1 
ATOM   500 C CA  . PRO A 1 85  ? 1.752   5.169   -9.815  1.00 34.17  ? 84  PRO A CA  1 
ATOM   501 C C   . PRO A 1 85  ? 0.579   5.581   -10.690 1.00 36.82  ? 84  PRO A C   1 
ATOM   502 O O   . PRO A 1 85  ? -0.501  5.963   -10.110 1.00 33.90  ? 84  PRO A O   1 
ATOM   503 C CB  . PRO A 1 85  ? 2.678   6.349   -9.549  1.00 38.40  ? 84  PRO A CB  1 
ATOM   504 C CG  . PRO A 1 85  ? 3.683   6.157   -10.653 1.00 46.53  ? 84  PRO A CG  1 
ATOM   505 C CD  . PRO A 1 85  ? 3.988   4.681   -10.678 1.00 35.85  ? 84  PRO A CD  1 
ATOM   506 N N   . ASN A 1 86  ? 0.834   5.627   -11.971 1.00 35.63  ? 85  ASN A N   1 
ATOM   507 C CA  . ASN A 1 86  ? -0.158  6.234   -12.909 1.00 38.42  ? 85  ASN A CA  1 
ATOM   508 C C   . ASN A 1 86  ? -1.255  5.217   -13.381 1.00 40.05  ? 85  ASN A C   1 
ATOM   509 O O   . ASN A 1 86  ? -2.156  5.605   -14.063 1.00 38.57  ? 85  ASN A O   1 
ATOM   510 C CB  . ASN A 1 86  ? 0.515   6.753   -14.160 1.00 42.68  ? 85  ASN A CB  1 
ATOM   511 C CG  . ASN A 1 86  ? 1.427   5.680   -14.791 1.00 51.00  ? 85  ASN A CG  1 
ATOM   512 O OD1 . ASN A 1 86  ? 2.355   5.036   -14.189 1.00 45.20  ? 85  ASN A OD1 1 
ATOM   513 N ND2 . ASN A 1 86  ? 1.263   5.559   -16.119 1.00 57.89  ? 85  ASN A ND2 1 
ATOM   514 N N   . LEU A 1 87  ? -1.251  4.018   -12.973 1.00 32.75  ? 86  LEU A N   1 
ATOM   515 C CA  . LEU A 1 87  ? -2.246  3.000   -13.365 1.00 28.98  ? 86  LEU A CA  1 
ATOM   516 C C   . LEU A 1 87  ? -2.984  2.533   -12.139 1.00 29.52  ? 86  LEU A C   1 
ATOM   517 O O   . LEU A 1 87  ? -2.518  2.621   -10.927 1.00 28.97  ? 86  LEU A O   1 
ATOM   518 C CB  . LEU A 1 87  ? -1.477  1.861   -14.034 1.00 36.79  ? 86  LEU A CB  1 
ATOM   519 C CG  . LEU A 1 87  ? -0.727  2.089   -15.330 1.00 36.19  ? 86  LEU A CG  1 
ATOM   520 C CD1 . LEU A 1 87  ? -0.157  0.753   -15.679 1.00 37.01  ? 86  LEU A CD1 1 
ATOM   521 C CD2 . LEU A 1 87  ? -1.634  2.563   -16.407 1.00 41.61  ? 86  LEU A CD2 1 
ATOM   522 N N   . SER A 1 88  ? -4.201  2.075   -12.412 1.00 29.77  ? 87  SER A N   1 
ATOM   523 C CA  . SER A 1 88  ? -5.105  1.441   -11.422 1.00 29.48  ? 87  SER A CA  1 
ATOM   524 C C   . SER A 1 88  ? -4.583  0.060   -10.942 1.00 29.05  ? 87  SER A C   1 
ATOM   525 O O   . SER A 1 88  ? -3.851  -0.623  -11.657 1.00 29.94  ? 87  SER A O   1 
ATOM   526 C CB  . SER A 1 88  ? -6.610  1.478   -11.784 1.00 30.78  ? 87  SER A CB  1 
ATOM   527 O OG  . SER A 1 88  ? -6.750  0.512   -12.842 1.00 32.07  ? 87  SER A OG  1 
ATOM   528 N N   . LEU A 1 89  ? -5.233  -0.402  -9.839  1.00 27.85  ? 88  LEU A N   1 
ATOM   529 C CA  . LEU A 1 89  ? -5.124  -1.812  -9.470  1.00 24.63  ? 88  LEU A CA  1 
ATOM   530 C C   . LEU A 1 89  ? -5.549  -2.699  -10.650 1.00 27.48  ? 88  LEU A C   1 
ATOM   531 O O   . LEU A 1 89  ? -4.865  -3.682  -10.974 1.00 28.83  ? 88  LEU A O   1 
ATOM   532 C CB  . LEU A 1 89  ? -5.988  -2.083  -8.271  1.00 25.74  ? 88  LEU A CB  1 
ATOM   533 C CG  . LEU A 1 89  ? -5.517  -1.419  -6.991  1.00 25.83  ? 88  LEU A CG  1 
ATOM   534 C CD1 . LEU A 1 89  ? -6.611  -1.409  -5.866  1.00 28.16  ? 88  LEU A CD1 1 
ATOM   535 C CD2 . LEU A 1 89  ? -4.197  -1.971  -6.456  1.00 28.25  ? 88  LEU A CD2 1 
ATOM   536 N N   . THR A 1 90  ? -6.753  -2.437  -11.164 1.00 29.29  ? 89  THR A N   1 
ATOM   537 C CA  . THR A 1 90  ? -7.275  -3.304  -12.269 1.00 32.27  ? 89  THR A CA  1 
ATOM   538 C C   . THR A 1 90  ? -6.269  -3.339  -13.425 1.00 33.84  ? 89  THR A C   1 
ATOM   539 O O   . THR A 1 90  ? -6.041  -4.469  -13.990 1.00 32.41  ? 89  THR A O   1 
ATOM   540 C CB  . THR A 1 90  ? -8.662  -2.829  -12.717 1.00 33.68  ? 89  THR A CB  1 
ATOM   541 O OG1 . THR A 1 90  ? -9.417  -2.922  -11.510 1.00 35.30  ? 89  THR A OG1 1 
ATOM   542 C CG2 . THR A 1 90  ? -9.283  -3.520  -13.907 1.00 37.36  ? 89  THR A CG2 1 
ATOM   543 N N   . GLU A 1 91  ? -5.809  -2.188  -13.828 1.00 32.31  ? 90  GLU A N   1 
ATOM   544 C CA  . GLU A 1 91  ? -4.890  -2.146  -15.018 1.00 36.21  ? 90  GLU A CA  1 
ATOM   545 C C   . GLU A 1 91  ? -3.633  -2.900  -14.744 1.00 35.00  ? 90  GLU A C   1 
ATOM   546 O O   . GLU A 1 91  ? -3.004  -3.350  -15.759 1.00 34.93  ? 90  GLU A O   1 
ATOM   547 C CB  . GLU A 1 91  ? -4.570  -0.707  -15.265 1.00 36.37  ? 90  GLU A CB  1 
ATOM   548 C CG  . GLU A 1 91  ? -5.688  0.060   -15.988 1.00 37.39  ? 90  GLU A CG  1 
ATOM   549 C CD  . GLU A 1 91  ? -5.460  1.574   -16.105 1.00 44.84  ? 90  GLU A CD  1 
ATOM   550 O OE1 . GLU A 1 91  ? -4.964  2.239   -15.185 1.00 36.61  ? 90  GLU A OE1 1 
ATOM   551 O OE2 . GLU A 1 91  ? -5.919  2.184   -17.066 1.00 47.48  ? 90  GLU A OE2 1 
ATOM   552 N N   . GLN A 1 92  ? -3.204  -3.114  -13.498 1.00 30.49  ? 91  GLN A N   1 
ATOM   553 C CA  . GLN A 1 92  ? -1.959  -3.760  -13.112 1.00 32.63  ? 91  GLN A CA  1 
ATOM   554 C C   . GLN A 1 92  ? -2.276  -5.192  -12.728 1.00 30.31  ? 91  GLN A C   1 
ATOM   555 O O   . GLN A 1 92  ? -1.427  -5.803  -12.054 1.00 32.80  ? 91  GLN A O   1 
ATOM   556 C CB  . GLN A 1 92  ? -1.209  -2.937  -12.046 1.00 30.80  ? 91  GLN A CB  1 
ATOM   557 C CG  . GLN A 1 92  ? -0.883  -1.613  -12.655 1.00 33.64  ? 91  GLN A CG  1 
ATOM   558 C CD  . GLN A 1 92  ? -0.078  -0.829  -11.685 1.00 34.86  ? 91  GLN A CD  1 
ATOM   559 O OE1 . GLN A 1 92  ? 1.177   -0.976  -11.708 1.00 34.52  ? 91  GLN A OE1 1 
ATOM   560 N NE2 . GLN A 1 92  ? -0.679  0.107   -10.994 1.00 30.94  ? 91  GLN A NE2 1 
ATOM   561 N N   . GLU A 1 93  ? -3.475  -5.656  -12.869 1.00 31.17  ? 92  GLU A N   1 
ATOM   562 C CA  . GLU A 1 93  ? -3.918  -7.056  -12.584 1.00 31.57  ? 92  GLU A CA  1 
ATOM   563 C C   . GLU A 1 93  ? -3.753  -7.357  -11.134 1.00 32.73  ? 92  GLU A C   1 
ATOM   564 O O   . GLU A 1 93  ? -3.417  -8.472  -10.706 1.00 33.47  ? 92  GLU A O   1 
ATOM   565 C CB  . GLU A 1 93  ? -3.084  -8.026  -13.372 1.00 34.88  ? 92  GLU A CB  1 
ATOM   566 C CG  . GLU A 1 93  ? -3.252  -7.947  -14.839 1.00 41.39  ? 92  GLU A CG  1 
ATOM   567 C CD  . GLU A 1 93  ? -2.434  -9.028  -15.557 1.00 54.41  ? 92  GLU A CD  1 
ATOM   568 O OE1 . GLU A 1 93  ? -3.027  -9.906  -16.146 1.00 54.56  ? 92  GLU A OE1 1 
ATOM   569 O OE2 . GLU A 1 93  ? -1.166  -9.071  -15.441 1.00 58.57  ? 92  GLU A OE2 1 
ATOM   570 N N   . VAL A 1 94  ? -4.165  -6.440  -10.262 1.00 28.03  ? 93  VAL A N   1 
ATOM   571 C CA  . VAL A 1 94  ? -4.260  -6.699  -8.833  1.00 26.53  ? 93  VAL A CA  1 
ATOM   572 C C   . VAL A 1 94  ? -5.765  -6.870  -8.569  1.00 27.67  ? 93  VAL A C   1 
ATOM   573 O O   . VAL A 1 94  ? -6.592  -5.974  -8.797  1.00 28.61  ? 93  VAL A O   1 
ATOM   574 C CB  . VAL A 1 94  ? -3.749  -5.521  -7.966  1.00 27.38  ? 93  VAL A CB  1 
ATOM   575 C CG1 . VAL A 1 94  ? -3.848  -5.856  -6.461  1.00 30.92  ? 93  VAL A CG1 1 
ATOM   576 C CG2 . VAL A 1 94  ? -2.332  -5.179  -8.405  1.00 27.95  ? 93  VAL A CG2 1 
ATOM   577 N N   . TYR A 1 95  ? -6.101  -8.038  -8.153  1.00 25.73  ? 94  TYR A N   1 
ATOM   578 C CA  . TYR A 1 95  ? -7.554  -8.444  -7.927  1.00 28.27  ? 94  TYR A CA  1 
ATOM   579 C C   . TYR A 1 95  ? -7.847  -8.836  -6.485  1.00 28.91  ? 94  TYR A C   1 
ATOM   580 O O   . TYR A 1 95  ? -6.943  -8.915  -5.627  1.00 24.62  ? 94  TYR A O   1 
ATOM   581 C CB  . TYR A 1 95  ? -7.736  -9.615  -8.783  1.00 31.05  ? 94  TYR A CB  1 
ATOM   582 C CG  . TYR A 1 95  ? -7.545  -9.318  -10.253 1.00 33.18  ? 94  TYR A CG  1 
ATOM   583 C CD1 . TYR A 1 95  ? -8.047  -8.177  -10.854 1.00 39.87  ? 94  TYR A CD1 1 
ATOM   584 C CD2 . TYR A 1 95  ? -6.712  -10.138 -10.953 1.00 39.56  ? 94  TYR A CD2 1 
ATOM   585 C CE1 . TYR A 1 95  ? -7.823  -7.901  -12.211 1.00 47.03  ? 94  TYR A CE1 1 
ATOM   586 C CE2 . TYR A 1 95  ? -6.532  -9.911  -12.315 1.00 43.58  ? 94  TYR A CE2 1 
ATOM   587 C CZ  . TYR A 1 95  ? -7.086  -8.822  -12.929 1.00 40.47  ? 94  TYR A CZ  1 
ATOM   588 O OH  . TYR A 1 95  ? -6.893  -8.690  -14.294 1.00 50.83  ? 94  TYR A OH  1 
ATOM   589 N N   . ASP A 1 96  ? -9.160  -9.113  -6.252  1.00 25.91  ? 95  ASP A N   1 
ATOM   590 C CA  . ASP A 1 96  ? -9.573  -9.527  -4.881  1.00 25.71  ? 95  ASP A CA  1 
ATOM   591 C C   . ASP A 1 96  ? -8.600  -10.547 -4.340  1.00 27.65  ? 95  ASP A C   1 
ATOM   592 O O   . ASP A 1 96  ? -8.484  -11.682 -5.004  1.00 25.57  ? 95  ASP A O   1 
ATOM   593 C CB  . ASP A 1 96  ? -11.007 -9.963  -4.907  1.00 26.47  ? 95  ASP A CB  1 
ATOM   594 C CG  . ASP A 1 96  ? -12.006 -8.861  -5.217  1.00 28.68  ? 95  ASP A CG  1 
ATOM   595 O OD1 . ASP A 1 96  ? -11.795 -7.750  -4.796  1.00 32.00  ? 95  ASP A OD1 1 
ATOM   596 O OD2 . ASP A 1 96  ? -13.117 -9.231  -5.713  1.00 30.68  ? 95  ASP A OD2 1 
ATOM   597 N N   . GLY A 1 97  ? -8.213  -10.409 -3.148  1.00 26.05  ? 96  GLY A N   1 
ATOM   598 C CA  . GLY A 1 97  ? -7.396  -11.402 -2.436  1.00 25.71  ? 96  GLY A CA  1 
ATOM   599 C C   . GLY A 1 97  ? -5.873  -11.208 -2.650  1.00 25.06  ? 96  GLY A C   1 
ATOM   600 O O   . GLY A 1 97  ? -5.086  -11.887 -1.938  1.00 26.09  ? 96  GLY A O   1 
ATOM   601 N N   . ASP A 1 98  ? -5.453  -10.449 -3.633  1.00 23.65  ? 97  ASP A N   1 
ATOM   602 C CA  . ASP A 1 98  ? -4.029  -10.097 -3.882  1.00 23.33  ? 97  ASP A CA  1 
ATOM   603 C C   . ASP A 1 98  ? -3.469  -9.467  -2.640  1.00 22.79  ? 97  ASP A C   1 
ATOM   604 O O   . ASP A 1 98  ? -4.098  -8.679  -1.918  1.00 26.46  ? 97  ASP A O   1 
ATOM   605 C CB  . ASP A 1 98  ? -3.809  -9.464  -5.222  1.00 25.49  ? 97  ASP A CB  1 
ATOM   606 C CG  . ASP A 1 98  ? -3.955  -10.382 -6.460  1.00 27.29  ? 97  ASP A CG  1 
ATOM   607 O OD1 . ASP A 1 98  ? -4.108  -11.581 -6.309  1.00 30.89  ? 97  ASP A OD1 1 
ATOM   608 O OD2 . ASP A 1 98  ? -3.996  -9.867  -7.512  1.00 31.67  ? 97  ASP A OD2 1 
ATOM   609 N N   . ARG A 1 99  ? -2.090  -9.602  -2.478  1.00 26.86  ? 98  ARG A N   1 
ATOM   610 C CA  . ARG A 1 99  ? -1.394  -9.086  -1.352  1.00 24.58  ? 98  ARG A CA  1 
ATOM   611 C C   . ARG A 1 99  ? -0.240  -8.158  -1.908  1.00 23.59  ? 98  ARG A C   1 
ATOM   612 O O   . ARG A 1 99  ? 0.472   -8.547  -2.885  1.00 27.82  ? 98  ARG A O   1 
ATOM   613 C CB  . ARG A 1 99  ? -0.723  -10.197 -0.530  1.00 23.09  ? 98  ARG A CB  1 
ATOM   614 C CG  . ARG A 1 99  ? -0.057  -9.782  0.712   1.00 26.17  ? 98  ARG A CG  1 
ATOM   615 C CD  . ARG A 1 99  ? 0.330   -10.988 1.503   1.00 25.37  ? 98  ARG A CD  1 
ATOM   616 N NE  . ARG A 1 99  ? -0.895  -11.650 2.141   1.00 25.80  ? 98  ARG A NE  1 
ATOM   617 C CZ  . ARG A 1 99  ? -1.551  -12.670 1.678   1.00 30.68  ? 98  ARG A CZ  1 
ATOM   618 N NH1 . ARG A 1 99  ? -0.947  -13.452 0.820   1.00 25.84  ? 98  ARG A NH1 1 
ATOM   619 N NH2 . ARG A 1 99  ? -2.718  -12.961 2.236   1.00 28.07  ? 98  ARG A NH2 1 
ATOM   620 N N   . LEU A 1 100 ? -0.113  -7.009  -1.256  1.00 22.68  ? 99  LEU A N   1 
ATOM   621 C CA  . LEU A 1 100 ? 0.872   -5.929  -1.595  1.00 24.29  ? 99  LEU A CA  1 
ATOM   622 C C   . LEU A 1 100 ? 1.641   -5.523  -0.347  1.00 24.60  ? 99  LEU A C   1 
ATOM   623 O O   . LEU A 1 100 ? 1.079   -5.565  0.729   1.00 27.61  ? 99  LEU A O   1 
ATOM   624 C CB  . LEU A 1 100 ? 0.116   -4.727  -2.148  1.00 25.43  ? 99  LEU A CB  1 
ATOM   625 C CG  . LEU A 1 100 ? -0.721  -4.883  -3.393  1.00 28.27  ? 99  LEU A CG  1 
ATOM   626 C CD1 . LEU A 1 100 ? -1.405  -3.546  -3.686  1.00 30.88  ? 99  LEU A CD1 1 
ATOM   627 C CD2 . LEU A 1 100 ? 0.170   -5.438  -4.512  1.00 28.90  ? 99  LEU A CD2 1 
ATOM   628 N N   . TRP A 1 101 ? 2.905   -5.173  -0.471  1.00 25.19  ? 100 TRP A N   1 
ATOM   629 C CA  . TRP A 1 101 ? 3.750   -4.716  0.601   1.00 29.34  ? 100 TRP A CA  1 
ATOM   630 C C   . TRP A 1 101 ? 3.950   -3.199  0.465   1.00 28.90  ? 100 TRP A C   1 
ATOM   631 O O   . TRP A 1 101 ? 4.291   -2.717  -0.515  1.00 26.59  ? 100 TRP A O   1 
ATOM   632 C CB  . TRP A 1 101 ? 5.060   -5.468  0.587   1.00 28.68  ? 100 TRP A CB  1 
ATOM   633 C CG  . TRP A 1 101 ? 4.991   -6.872  1.182   1.00 28.55  ? 100 TRP A CG  1 
ATOM   634 C CD1 . TRP A 1 101 ? 5.623   -7.261  2.329   1.00 30.71  ? 100 TRP A CD1 1 
ATOM   635 C CD2 . TRP A 1 101 ? 4.467   -8.101  0.579   1.00 27.55  ? 100 TRP A CD2 1 
ATOM   636 N NE1 . TRP A 1 101 ? 5.426   -8.584  2.601   1.00 31.34  ? 100 TRP A NE1 1 
ATOM   637 C CE2 . TRP A 1 101 ? 4.716   -9.157  1.543   1.00 29.57  ? 100 TRP A CE2 1 
ATOM   638 C CE3 . TRP A 1 101 ? 3.826   -8.364  -0.671  1.00 27.61  ? 100 TRP A CE3 1 
ATOM   639 C CZ2 . TRP A 1 101 ? 4.345   -10.509 1.264   1.00 27.58  ? 100 TRP A CZ2 1 
ATOM   640 C CZ3 . TRP A 1 101 ? 3.402   -9.669  -0.893  1.00 27.47  ? 100 TRP A CZ3 1 
ATOM   641 C CH2 . TRP A 1 101 ? 3.682   -10.654 0.038   1.00 26.50  ? 100 TRP A CH2 1 
ATOM   642 N N   . LEU A 1 102 ? 3.629   -2.518  1.533   1.00 25.28  ? 101 LEU A N   1 
ATOM   643 C CA  . LEU A 1 102 ? 3.820   -1.056  1.534   1.00 28.29  ? 101 LEU A CA  1 
ATOM   644 C C   . LEU A 1 102 ? 5.222   -0.798  1.986   1.00 33.48  ? 101 LEU A C   1 
ATOM   645 O O   . LEU A 1 102 ? 5.608   -1.194  3.151   1.00 31.23  ? 101 LEU A O   1 
ATOM   646 C CB  . LEU A 1 102 ? 2.749   -0.473  2.453   1.00 32.60  ? 101 LEU A CB  1 
ATOM   647 C CG  . LEU A 1 102 ? 2.774   1.055   2.586   1.00 36.78  ? 101 LEU A CG  1 
ATOM   648 C CD1 . LEU A 1 102 ? 2.583   1.794   1.259   1.00 38.34  ? 101 LEU A CD1 1 
ATOM   649 C CD2 . LEU A 1 102 ? 1.655   1.401   3.604   1.00 38.18  ? 101 LEU A CD2 1 
ATOM   650 N N   . LYS A 1 103 ? 6.099   -0.169  1.163   1.00 30.59  ? 102 LYS A N   1 
ATOM   651 C CA  . LYS A 1 103 ? 7.507   -0.158  1.441   1.00 33.83  ? 102 LYS A CA  1 
ATOM   652 C C   . LYS A 1 103 ? 7.983   1.307   1.156   1.00 35.31  ? 102 LYS A C   1 
ATOM   653 O O   . LYS A 1 103 ? 7.475   1.946   0.294   1.00 32.94  ? 102 LYS A O   1 
ATOM   654 C CB  . LYS A 1 103 ? 8.249   -1.103  0.447   1.00 35.08  ? 102 LYS A CB  1 
ATOM   655 C CG  . LYS A 1 103 ? 8.035   -2.579  0.654   1.00 43.73  ? 102 LYS A CG  1 
ATOM   656 C CD  . LYS A 1 103 ? 8.796   -3.503  -0.104  1.00 48.70  ? 102 LYS A CD  1 
ATOM   657 C CE  . LYS A 1 103 ? 10.105  -3.807  0.610   1.00 53.77  ? 102 LYS A CE  1 
ATOM   658 N NZ  . LYS A 1 103 ? 11.143  -4.239  -0.369  1.00 55.80  ? 102 LYS A NZ  1 
ATOM   659 N N   . PHE A 1 104 ? 9.015   1.714   1.815   1.00 37.09  ? 103 PHE A N   1 
ATOM   660 C CA  . PHE A 1 104 ? 9.626   3.054   1.674   1.00 37.68  ? 103 PHE A CA  1 
ATOM   661 C C   . PHE A 1 104 ? 10.959  2.870   1.003   1.00 39.75  ? 103 PHE A C   1 
ATOM   662 O O   . PHE A 1 104 ? 11.770  2.135   1.446   1.00 39.64  ? 103 PHE A O   1 
ATOM   663 C CB  . PHE A 1 104 ? 9.786   3.785   3.001   1.00 40.97  ? 103 PHE A CB  1 
ATOM   664 C CG  . PHE A 1 104 ? 10.267  5.211   2.928   1.00 42.76  ? 103 PHE A CG  1 
ATOM   665 C CD1 . PHE A 1 104 ? 9.521   6.237   2.363   1.00 43.60  ? 103 PHE A CD1 1 
ATOM   666 C CD2 . PHE A 1 104 ? 11.570  5.523   3.232   1.00 49.59  ? 103 PHE A CD2 1 
ATOM   667 C CE1 . PHE A 1 104 ? 9.943   7.537   2.205   1.00 45.63  ? 103 PHE A CE1 1 
ATOM   668 C CE2 . PHE A 1 104 ? 12.027  6.831   3.085   1.00 50.48  ? 103 PHE A CE2 1 
ATOM   669 C CZ  . PHE A 1 104 ? 11.232  7.851   2.543   1.00 50.50  ? 103 PHE A CZ  1 
ATOM   670 N N   . LEU A 1 105 ? 11.177  3.587   -0.050  1.00 38.10  ? 104 LEU A N   1 
ATOM   671 C CA  . LEU A 1 105 ? 12.497  3.537   -0.637  1.00 41.02  ? 104 LEU A CA  1 
ATOM   672 C C   . LEU A 1 105 ? 13.244  4.820   -0.409  1.00 46.63  ? 104 LEU A C   1 
ATOM   673 O O   . LEU A 1 105 ? 12.753  5.894   -0.847  1.00 46.70  ? 104 LEU A O   1 
ATOM   674 C CB  . LEU A 1 105 ? 12.341  3.189   -2.090  1.00 44.18  ? 104 LEU A CB  1 
ATOM   675 C CG  . LEU A 1 105 ? 13.760  3.084   -2.694  1.00 51.95  ? 104 LEU A CG  1 
ATOM   676 C CD1 . LEU A 1 105 ? 14.785  2.294   -1.866  1.00 56.18  ? 104 LEU A CD1 1 
ATOM   677 C CD2 . LEU A 1 105 ? 13.634  2.412   -4.029  1.00 48.97  ? 104 LEU A CD2 1 
ATOM   678 N N   . GLU A 1 106 ? 14.276  4.863   0.360   1.00 48.94  ? 105 GLU A N   1 
ATOM   679 C CA  . GLU A 1 106 ? 15.066  5.957   0.885   1.00 54.03  ? 105 GLU A CA  1 
ATOM   680 C C   . GLU A 1 106 ? 15.823  6.487   -0.350  1.00 59.00  ? 105 GLU A C   1 
ATOM   681 O O   . GLU A 1 106 ? 16.213  5.711   -1.229  1.00 59.86  ? 105 GLU A O   1 
ATOM   682 C CB  . GLU A 1 106 ? 16.101  5.544   1.959   1.00 60.19  ? 105 GLU A CB  1 
ATOM   683 C CG  . GLU A 1 106 ? 16.885  6.716   2.564   1.00 71.65  ? 105 GLU A CG  1 
ATOM   684 C CD  . GLU A 1 106 ? 17.885  6.366   3.662   1.00 72.76  ? 105 GLU A CD  1 
ATOM   685 O OE1 . GLU A 1 106 ? 18.009  5.140   3.950   1.00 75.85  ? 105 GLU A OE1 1 
ATOM   686 O OE2 . GLU A 1 106 ? 18.424  7.267   4.305   1.00 77.41  ? 105 GLU A OE2 1 
ATOM   687 N N   . ASP A 1 107 ? 15.937  7.623   -0.419  1.00 61.97  ? 106 ASP A N   1 
ATOM   688 C CA  . ASP A 1 107 ? 16.826  8.061   -1.522  1.00 76.91  ? 106 ASP A CA  1 
ATOM   689 C C   . ASP A 1 107 ? 18.194  8.360   -0.918  1.00 72.36  ? 106 ASP A C   1 
ATOM   690 O O   . ASP A 1 107 ? 18.206  9.068   0.094   1.00 72.65  ? 106 ASP A O   1 
ATOM   691 C CB  . ASP A 1 107 ? 16.342  9.293   -2.260  1.00 86.83  ? 106 ASP A CB  1 
ATOM   692 C CG  . ASP A 1 107 ? 17.318  9.427   -3.406  1.00 94.75  ? 106 ASP A CG  1 
ATOM   693 O OD1 . ASP A 1 107 ? 17.155  8.602   -4.325  1.00 106.07 ? 106 ASP A OD1 1 
ATOM   694 O OD2 . ASP A 1 107 ? 18.321  10.166  -3.270  1.00 103.71 ? 106 ASP A OD2 1 
ATOM   695 N N   . THR A 1 108 ? 19.322  7.914   -1.449  1.00 78.47  ? 107 THR A N   1 
ATOM   696 C CA  . THR A 1 108 ? 20.589  7.937   -0.610  1.00 72.26  ? 107 THR A CA  1 
ATOM   697 C C   . THR A 1 108 ? 21.718  8.910   -1.060  1.00 84.42  ? 107 THR A C   1 
ATOM   698 O O   . THR A 1 108 ? 22.091  8.980   -2.203  1.00 86.52  ? 107 THR A O   1 
ATOM   699 C CB  . THR A 1 108 ? 21.024  6.476   -0.596  1.00 77.76  ? 107 THR A CB  1 
ATOM   700 O OG1 . THR A 1 108 ? 21.033  6.046   -1.968  1.00 79.73  ? 107 THR A OG1 1 
ATOM   701 C CG2 . THR A 1 108 ? 20.135  5.438   0.079   1.00 67.33  ? 107 THR A CG2 1 
HETATM 702 O O   . HOH B 2 .   ? -8.861  0.870   -14.190 1.00 38.94  ? 201 HOH A O   1 
HETATM 703 O O   . HOH B 2 .   ? -14.123 -11.439 -6.527  1.00 30.26  ? 202 HOH A O   1 
HETATM 704 O O   . HOH B 2 .   ? -3.197  -13.696 -2.362  1.00 38.35  ? 203 HOH A O   1 
HETATM 705 O O   . HOH B 2 .   ? -5.777  -10.569 -15.803 1.00 58.03  ? 204 HOH A O   1 
HETATM 706 O O   . HOH B 2 .   ? -9.691  -12.537 -7.231  1.00 39.22  ? 205 HOH A O   1 
HETATM 707 O O   . HOH B 2 .   ? -7.445  5.478   -13.492 1.00 48.92  ? 206 HOH A O   1 
HETATM 708 O O   . HOH B 2 .   ? -7.083  1.252   -8.368  1.00 26.95  ? 207 HOH A O   1 
HETATM 709 O O   . HOH B 2 .   ? 4.731   7.730   -3.123  1.00 43.74  ? 208 HOH A O   1 
HETATM 710 O O   . HOH B 2 .   ? -6.351  8.148   4.864   1.00 46.11  ? 209 HOH A O   1 
HETATM 711 O O   . HOH B 2 .   ? -1.331  9.451   -11.403 1.00 43.64  ? 210 HOH A O   1 
HETATM 712 O O   . HOH B 2 .   ? 3.787   -11.239 8.965   1.00 44.41  ? 211 HOH A O   1 
HETATM 713 O O   . HOH B 2 .   ? 12.984  -9.827  -6.992  1.00 29.04  ? 212 HOH A O   1 
HETATM 714 O O   . HOH B 2 .   ? -5.367  -5.892  10.637  1.00 37.29  ? 213 HOH A O   1 
HETATM 715 O O   . HOH B 2 .   ? 11.369  -3.326  -3.589  1.00 43.43  ? 214 HOH A O   1 
HETATM 716 O O   . HOH B 2 .   ? -1.096  9.533   -2.361  1.00 32.31  ? 215 HOH A O   1 
HETATM 717 O O   . HOH B 2 .   ? -9.029  -4.830  -9.261  1.00 34.04  ? 216 HOH A O   1 
HETATM 718 O O   . HOH B 2 .   ? -11.010 -8.613  -8.232  1.00 34.22  ? 217 HOH A O   1 
HETATM 719 O O   . HOH B 2 .   ? -6.291  -13.311 -5.465  1.00 34.73  ? 218 HOH A O   1 
HETATM 720 O O   . HOH B 2 .   ? 8.583   -10.748 -0.063  1.00 32.18  ? 219 HOH A O   1 
HETATM 721 O O   . HOH B 2 .   ? -7.240  1.686   9.923   1.00 37.68  ? 220 HOH A O   1 
HETATM 722 O O   . HOH B 2 .   ? -2.160  -13.408 -5.466  1.00 38.38  ? 221 HOH A O   1 
HETATM 723 O O   . HOH B 2 .   ? -14.219 -6.317  -4.785  1.00 35.70  ? 222 HOH A O   1 
HETATM 724 O O   . HOH B 2 .   ? 2.586   -9.767  -4.712  1.00 40.87  ? 223 HOH A O   1 
HETATM 725 O O   . HOH B 2 .   ? 5.641   -6.382  6.307   1.00 33.03  ? 224 HOH A O   1 
HETATM 726 O O   . HOH B 2 .   ? 3.645   1.986   -5.836  1.00 31.21  ? 225 HOH A O   1 
HETATM 727 O O   . HOH B 2 .   ? -2.459  7.757   10.726  1.00 39.92  ? 226 HOH A O   1 
HETATM 728 O O   . HOH B 2 .   ? 5.590   -10.597 7.534   1.00 39.58  ? 227 HOH A O   1 
HETATM 729 O O   . HOH B 2 .   ? -14.150 2.305   -9.094  1.00 43.89  ? 228 HOH A O   1 
HETATM 730 O O   . HOH B 2 .   ? 8.052   -6.784  -1.527  1.00 40.42  ? 229 HOH A O   1 
HETATM 731 O O   . HOH B 2 .   ? -13.270 1.984   -0.400  1.00 49.99  ? 230 HOH A O   1 
HETATM 732 O O   . HOH B 2 .   ? -1.206  -9.881  10.768  1.00 40.99  ? 231 HOH A O   1 
HETATM 733 O O   . HOH B 2 .   ? 5.837   -4.193  4.211   1.00 37.47  ? 232 HOH A O   1 
HETATM 734 O O   . HOH B 2 .   ? 5.875   -9.139  5.464   1.00 38.75  ? 233 HOH A O   1 
HETATM 735 O O   . HOH B 2 .   ? 7.675   -0.695  5.245   1.00 50.66  ? 234 HOH A O   1 
HETATM 736 O O   . HOH B 2 .   ? -14.241 4.825   -4.690  1.00 47.69  ? 235 HOH A O   1 
HETATM 737 O O   . HOH B 2 .   ? 9.856   -0.204  3.971   1.00 51.79  ? 236 HOH A O   1 
HETATM 738 O O   . HOH B 2 .   ? -7.424  -6.123  8.785   1.00 29.74  ? 237 HOH A O   1 
HETATM 739 O O   . HOH B 2 .   ? -0.459  -8.212  -10.079 1.00 46.92  ? 238 HOH A O   1 
HETATM 740 O O   . HOH B 2 .   ? -7.514  5.853   9.511   1.00 46.88  ? 239 HOH A O   1 
HETATM 741 O O   . HOH B 2 .   ? -11.276 -5.831  -8.540  1.00 43.04  ? 240 HOH A O   1 
HETATM 742 O O   . HOH B 2 .   ? -1.212  -12.050 -4.326  1.00 36.96  ? 241 HOH A O   1 
# 
loop_
_atom_site_anisotrop.id 
_atom_site_anisotrop.type_symbol 
_atom_site_anisotrop.pdbx_label_atom_id 
_atom_site_anisotrop.pdbx_label_alt_id 
_atom_site_anisotrop.pdbx_label_comp_id 
_atom_site_anisotrop.pdbx_label_asym_id 
_atom_site_anisotrop.pdbx_label_seq_id 
_atom_site_anisotrop.pdbx_PDB_ins_code 
_atom_site_anisotrop.U[1][1] 
_atom_site_anisotrop.U[2][2] 
_atom_site_anisotrop.U[3][3] 
_atom_site_anisotrop.U[1][2] 
_atom_site_anisotrop.U[1][3] 
_atom_site_anisotrop.U[2][3] 
_atom_site_anisotrop.pdbx_auth_seq_id 
_atom_site_anisotrop.pdbx_auth_comp_id 
_atom_site_anisotrop.pdbx_auth_asym_id 
_atom_site_anisotrop.pdbx_auth_atom_id 
1   N N   . PRO A 18  ? 0.7414 1.0199 0.9846 0.1092  -0.0480 0.1228  17  PRO A N   
2   C CA  . PRO A 18  ? 0.7805 1.0143 0.9820 0.1043  -0.0418 0.1175  17  PRO A CA  
3   C C   . PRO A 18  ? 0.7073 0.9322 0.9012 0.0809  -0.0456 0.0997  17  PRO A C   
4   O O   . PRO A 18  ? 0.6573 0.8862 0.8724 0.0713  -0.0387 0.0935  17  PRO A O   
5   C CB  . PRO A 18  ? 0.7341 0.9296 0.9286 0.1107  -0.0182 0.1204  17  PRO A CB  
6   C CG  . PRO A 18  ? 0.6988 0.9155 0.9290 0.1112  -0.0109 0.1203  17  PRO A CG  
7   C CD  . PRO A 18  ? 0.7103 0.9760 0.9685 0.1213  -0.0266 0.1302  17  PRO A CD  
8   N N   . GLN A 19  ? 0.5854 0.7914 0.7479 0.0736  -0.0509 0.0928  18  GLN A N   
9   C CA  . GLN A 19  ? 0.4575 0.6535 0.6137 0.0537  -0.0531 0.0764  18  GLN A CA  
10  C C   . GLN A 19  ? 0.3823 0.5429 0.5287 0.0492  -0.0348 0.0725  18  GLN A C   
11  O O   . GLN A 19  ? 0.3525 0.4893 0.4819 0.0580  -0.0246 0.0789  18  GLN A O   
12  C CB  . GLN A 19  ? 0.6054 0.7956 0.7315 0.0498  -0.0645 0.0703  18  GLN A CB  
13  C CG  . GLN A 19  ? 0.5905 0.7982 0.7222 0.0344  -0.0800 0.0561  18  GLN A CG  
14  C CD  . GLN A 19  ? 0.7368 0.9524 0.8412 0.0361  -0.0971 0.0522  18  GLN A CD  
15  O OE1 . GLN A 19  ? 0.6402 0.8674 0.7296 0.0512  -0.1050 0.0632  18  GLN A OE1 
16  N NE2 . GLN A 19  ? 0.5663 0.7714 0.6607 0.0204  -0.1015 0.0358  18  GLN A NE2 
17  N N   . ALA A 20  ? 0.3358 0.4914 0.4892 0.0350  -0.0319 0.0619  19  ALA A N   
18  C CA  . ALA A 20  ? 0.3733 0.4994 0.5173 0.0313  -0.0169 0.0581  19  ALA A CA  
19  C C   . ALA A 20  ? 0.3456 0.4594 0.4757 0.0186  -0.0202 0.0468  19  ALA A C   
20  O O   . ALA A 20  ? 0.3417 0.4675 0.4717 0.0116  -0.0321 0.0408  19  ALA A O   
21  C CB  . ALA A 20  ? 0.4226 0.5531 0.5880 0.0303  -0.0069 0.0591  19  ALA A CB  
22  N N   . ALA A 21  ? 0.2889 0.3787 0.4047 0.0168  -0.0111 0.0439  20  ALA A N   
23  C CA  . ALA A 21  ? 0.3056 0.3817 0.4098 0.0073  -0.0114 0.0345  20  ALA A CA  
24  C C   . ALA A 21  ? 0.3304 0.3944 0.4389 0.0054  -0.0006 0.0339  20  ALA A C   
25  O O   . ALA A 21  ? 0.3356 0.3890 0.4394 0.0111  0.0074  0.0371  20  ALA A O   
26  C CB  . ALA A 21  ? 0.3569 0.4195 0.4384 0.0101  -0.0113 0.0337  20  ALA A CB  
27  N N   . VAL A 22  ? 0.2948 0.3556 0.4069 -0.0029 0.0001  0.0286  21  VAL A N   
28  C CA  . VAL A 22  ? 0.2718 0.3190 0.3815 -0.0040 0.0098  0.0284  21  VAL A CA  
29  C C   . VAL A 22  ? 0.3215 0.3515 0.4122 -0.0048 0.0096  0.0237  21  VAL A C   
30  O O   . VAL A 22  ? 0.3541 0.3800 0.4404 -0.0098 0.0054  0.0186  21  VAL A O   
31  C CB  . VAL A 22  ? 0.3131 0.3666 0.4394 -0.0122 0.0116  0.0279  21  VAL A CB  
32  C CG1 . VAL A 22  ? 0.3393 0.3761 0.4583 -0.0119 0.0230  0.0297  21  VAL A CG1 
33  C CG2 . VAL A 22  ? 0.3150 0.3920 0.4662 -0.0116 0.0114  0.0330  21  VAL A CG2 
34  N N   . VAL A 23  ? 0.3345 0.3552 0.4153 0.0001  0.0143  0.0249  22  VAL A N   
35  C CA  . VAL A 23  ? 0.3203 0.3320 0.3887 0.0007  0.0133  0.0218  22  VAL A CA  
36  C C   . VAL A 23  ? 0.3563 0.3595 0.4186 0.0023  0.0179  0.0219  22  VAL A C   
37  O O   . VAL A 23  ? 0.3401 0.3420 0.4025 0.0046  0.0220  0.0236  22  VAL A O   
38  C CB  . VAL A 23  ? 0.3600 0.3733 0.4244 0.0033  0.0118  0.0228  22  VAL A CB  
39  C CG1 . VAL A 23  ? 0.3530 0.3749 0.4193 0.0045  0.0076  0.0251  22  VAL A CG1 
40  C CG2 . VAL A 23  ? 0.4565 0.4657 0.5210 0.0059  0.0157  0.0248  22  VAL A CG2 
41  N N   . ALA A 24  ? 0.2869 0.2848 0.3418 0.0031  0.0167  0.0200  23  ALA A N   
42  C CA  . ALA A 24  ? 0.3075 0.3000 0.3538 0.0067  0.0182  0.0205  23  ALA A CA  
43  C C   . ALA A 24  ? 0.3125 0.3097 0.3566 0.0079  0.0144  0.0180  23  ALA A C   
44  O O   . ALA A 24  ? 0.3165 0.3179 0.3640 0.0073  0.0124  0.0172  23  ALA A O   
45  C CB  . ALA A 24  ? 0.3175 0.3032 0.3602 0.0082  0.0192  0.0216  23  ALA A CB  
46  N N   . ILE A 25  ? 0.2679 0.2638 0.3077 0.0082  0.0143  0.0164  24  ILE A N   
47  C CA  . ILE A 25  ? 0.2714 0.2714 0.3117 0.0061  0.0100  0.0125  24  ILE A CA  
48  C C   . ILE A 25  ? 0.3117 0.3156 0.3444 0.0092  0.0048  0.0109  24  ILE A C   
49  O O   . ILE A 25  ? 0.3675 0.3642 0.3867 0.0129  0.0062  0.0113  24  ILE A O   
50  C CB  . ILE A 25  ? 0.3201 0.3139 0.3605 0.0031  0.0124  0.0096  24  ILE A CB  
51  C CG1 . ILE A 25  ? 0.3266 0.3190 0.3742 0.0034  0.0168  0.0139  24  ILE A CG1 
52  C CG2 . ILE A 25  ? 0.3343 0.3312 0.3789 -0.0022 0.0084  0.0050  24  ILE A CG2 
53  C CD1 . ILE A 25  ? 0.3070 0.3055 0.3617 0.0015  0.0158  0.0163  24  ILE A CD1 
54  N N   . MET A 26  ? 0.3077 0.3232 0.3480 0.0096  0.0003  0.0106  25  MET A N   
55  C CA  . MET A 26  ? 0.3425 0.3664 0.3774 0.0138  -0.0070 0.0097  25  MET A CA  
56  C C   . MET A 26  ? 0.3126 0.3439 0.3519 0.0062  -0.0135 0.0021  25  MET A C   
57  O O   . MET A 26  ? 0.3053 0.3455 0.3622 -0.0004 -0.0133 0.0006  25  MET A O   
58  C CB  . MET A 26  ? 0.3162 0.3508 0.3589 0.0203  -0.0082 0.0141  25  MET A CB  
59  C CG  . MET A 26  ? 0.3716 0.3946 0.4108 0.0251  -0.0013 0.0190  25  MET A CG  
60  S SD  . MET A 26  ? 0.4261 0.4329 0.4455 0.0317  0.0016  0.0242  25  MET A SD  
61  C CE  . MET A 26  ? 0.4592 0.4773 0.4699 0.0421  -0.0068 0.0275  25  MET A CE  
62  N N   . ALA A 27  ? 0.3189 0.3492 0.3434 0.0073  -0.0202 -0.0028 26  ALA A N   
63  C CA  . ALA A 27  ? 0.4118 0.4486 0.4398 -0.0019 -0.0289 -0.0130 26  ALA A CA  
64  C C   . ALA A 27  ? 0.3717 0.4183 0.3847 0.0037  -0.0405 -0.0157 26  ALA A C   
65  O O   . ALA A 27  ? 0.3816 0.4154 0.3698 0.0123  -0.0378 -0.0130 26  ALA A O   
66  C CB  . ALA A 27  ? 0.4510 0.4660 0.4674 -0.0073 -0.0233 -0.0197 26  ALA A CB  
67  N N   . ALA A 28  ? 0.3917 0.4607 0.4161 -0.0002 -0.0535 -0.0207 27  ALA A N   
68  C CA  . ALA A 28  ? 0.4478 0.5286 0.4546 0.0066  -0.0673 -0.0232 27  ALA A CA  
69  C C   . ALA A 28  ? 0.4619 0.5387 0.4507 0.0241  -0.0635 -0.0102 27  ALA A C   
70  O O   . ALA A 28  ? 0.3885 0.4588 0.3479 0.0314  -0.0684 -0.0110 27  ALA A O   
71  C CB  . ALA A 28  ? 0.4939 0.5590 0.4740 0.0011  -0.0726 -0.0364 27  ALA A CB  
72  N N   . ASP A 29  ? 0.3809 0.4606 0.3845 0.0314  -0.0553 0.0012  28  ASP A N   
73  C CA  . ASP A 29  ? 0.3919 0.4626 0.3806 0.0466  -0.0498 0.0136  28  ASP A CA  
74  C C   . ASP A 29  ? 0.4516 0.4943 0.4174 0.0482  -0.0378 0.0163  28  ASP A C   
75  O O   . ASP A 29  ? 0.5089 0.5412 0.4607 0.0597  -0.0319 0.0271  28  ASP A O   
76  C CB  . ASP A 29  ? 0.4851 0.5755 0.4653 0.0582  -0.0635 0.0173  28  ASP A CB  
77  C CG  . ASP A 29  ? 0.5972 0.7209 0.6089 0.0577  -0.0734 0.0167  28  ASP A CG  
78  O OD1 . ASP A 29  ? 0.6203 0.7477 0.6538 0.0606  -0.0648 0.0229  28  ASP A OD1 
79  O OD2 . ASP A 29  ? 0.5193 0.6656 0.5320 0.0548  -0.0901 0.0097  28  ASP A OD2 
80  N N   . VAL A 30  ? 0.3972 0.4259 0.3611 0.0384  -0.0312 0.0095  29  VAL A N   
81  C CA  . VAL A 30  ? 0.4097 0.4156 0.3563 0.0405  -0.0182 0.0131  29  VAL A CA  
82  C C   . VAL A 30  ? 0.3996 0.3987 0.3667 0.0338  -0.0076 0.0148  29  VAL A C   
83  O O   . VAL A 30  ? 0.3770 0.3838 0.3621 0.0259  -0.0104 0.0095  29  VAL A O   
84  C CB  . VAL A 30  ? 0.4195 0.4165 0.3498 0.0354  -0.0189 0.0023  29  VAL A CB  
85  C CG1 . VAL A 30  ? 0.4806 0.4582 0.4022 0.0360  -0.0036 0.0046  29  VAL A CG1 
86  C CG2 . VAL A 30  ? 0.5038 0.5067 0.4080 0.0419  -0.0308 -0.0013 29  VAL A CG2 
87  N N   . GLN A 31  ? 0.3924 0.3793 0.3576 0.0371  0.0034  0.0231  30  GLN A N   
88  C CA  . GLN A 31  ? 0.4009 0.3839 0.3850 0.0300  0.0111  0.0235  30  GLN A CA  
89  C C   . GLN A 31  ? 0.3620 0.3372 0.3422 0.0274  0.0186  0.0217  30  GLN A C   
90  O O   . GLN A 31  ? 0.3923 0.3583 0.3572 0.0323  0.0266  0.0260  30  GLN A O   
91  C CB  . GLN A 31  ? 0.4206 0.3954 0.4074 0.0333  0.0180  0.0319  30  GLN A CB  
92  C CG  . GLN A 31  ? 0.3727 0.3448 0.3764 0.0258  0.0236  0.0315  30  GLN A CG  
93  C CD  . GLN A 31  ? 0.3982 0.3620 0.4055 0.0274  0.0264  0.0356  30  GLN A CD  
94  O OE1 . GLN A 31  ? 0.3873 0.3526 0.4055 0.0231  0.0250  0.0320  30  GLN A OE1 
95  N NE2 . GLN A 31  ? 0.4250 0.3755 0.4213 0.0331  0.0331  0.0436  30  GLN A NE2 
96  N N   . ILE A 32  ? 0.3383 0.3161 0.3329 0.0212  0.0195  0.0179  31  ILE A N   
97  C CA  . ILE A 32  ? 0.3542 0.3263 0.3504 0.0202  0.0276  0.0172  31  ILE A CA  
98  C C   . ILE A 32  ? 0.3808 0.3583 0.3981 0.0163  0.0310  0.0207  31  ILE A C   
99  O O   . ILE A 32  ? 0.3617 0.3449 0.3888 0.0128  0.0255  0.0189  31  ILE A O   
100 C CB  . ILE A 32  ? 0.4046 0.3737 0.3963 0.0179  0.0237  0.0086  31  ILE A CB  
101 C CG1 . ILE A 32  ? 0.3879 0.3540 0.3578 0.0203  0.0172  0.0025  31  ILE A CG1 
102 C CG2 . ILE A 32  ? 0.4130 0.3741 0.4066 0.0193  0.0329  0.0078  31  ILE A CG2 
103 C CD1 . ILE A 32  ? 0.4385 0.4054 0.4113 0.0134  0.0092  -0.0075 31  ILE A CD1 
104 N N   . ALA A 33  ? 0.3333 0.3103 0.3563 0.0172  0.0397  0.0261  32  ALA A N   
105 C CA  . ALA A 33  ? 0.3611 0.3472 0.4050 0.0129  0.0404  0.0287  32  ALA A CA  
106 C C   . ALA A 33  ? 0.3532 0.3426 0.4040 0.0152  0.0426  0.0279  32  ALA A C   
107 O O   . ALA A 33  ? 0.3406 0.3245 0.3846 0.0206  0.0511  0.0283  32  ALA A O   
108 C CB  . ALA A 33  ? 0.3475 0.3347 0.3998 0.0114  0.0489  0.0349  32  ALA A CB  
109 N N   . VAL A 34  ? 0.3111 0.3087 0.3740 0.0130  0.0372  0.0279  33  VAL A N   
110 C CA  . VAL A 34  ? 0.3209 0.3216 0.3920 0.0174  0.0401  0.0300  33  VAL A CA  
111 C C   . VAL A 34  ? 0.3113 0.3282 0.4000 0.0161  0.0354  0.0340  33  VAL A C   
112 O O   . VAL A 34  ? 0.3256 0.3463 0.4144 0.0110  0.0280  0.0323  33  VAL A O   
113 C CB  . VAL A 34  ? 0.4035 0.3930 0.4643 0.0178  0.0373  0.0257  33  VAL A CB  
114 C CG1 . VAL A 34  ? 0.5638 0.5383 0.6072 0.0189  0.0406  0.0195  33  VAL A CG1 
115 C CG2 . VAL A 34  ? 0.4138 0.4058 0.4736 0.0127  0.0295  0.0240  33  VAL A CG2 
116 N N   . VAL A 35  ? 0.2922 0.3166 0.3924 0.0219  0.0393  0.0388  34  VAL A N   
117 C CA  . VAL A 35  ? 0.3078 0.3508 0.4246 0.0240  0.0333  0.0439  34  VAL A CA  
118 C C   . VAL A 35  ? 0.3041 0.3385 0.4129 0.0303  0.0325  0.0462  34  VAL A C   
119 O O   . VAL A 35  ? 0.3224 0.3456 0.4286 0.0380  0.0410  0.0481  34  VAL A O   
120 C CB  . VAL A 35  ? 0.3279 0.3904 0.4678 0.0275  0.0379  0.0497  34  VAL A CB  
121 C CG1 . VAL A 35  ? 0.3443 0.4314 0.5020 0.0288  0.0275  0.0544  34  VAL A CG1 
122 C CG2 . VAL A 35  ? 0.2978 0.3679 0.4493 0.0198  0.0425  0.0492  34  VAL A CG2 
123 N N   . LEU A 36  ? 0.2750 0.3132 0.3794 0.0276  0.0235  0.0464  35  LEU A N   
124 C CA  . LEU A 36  ? 0.3266 0.3546 0.4219 0.0330  0.0242  0.0508  35  LEU A CA  
125 C C   . LEU A 36  ? 0.3694 0.4143 0.4704 0.0396  0.0171  0.0589  35  LEU A C   
126 O O   . LEU A 36  ? 0.3217 0.3857 0.4288 0.0358  0.0074  0.0575  35  LEU A O   
127 C CB  . LEU A 36  ? 0.3195 0.3346 0.4009 0.0268  0.0233  0.0462  35  LEU A CB  
128 C CG  . LEU A 36  ? 0.3226 0.3245 0.3973 0.0210  0.0270  0.0384  35  LEU A CG  
129 C CD1 . LEU A 36  ? 0.3871 0.3846 0.4537 0.0145  0.0242  0.0345  35  LEU A CD1 
130 C CD2 . LEU A 36  ? 0.3901 0.3755 0.4619 0.0252  0.0354  0.0381  35  LEU A CD2 
131 N N   . ASP A 37  ? 0.3019 0.3392 0.4001 0.0495  0.0214  0.0674  36  ASP A N   
132 C CA  . ASP A 37  ? 0.2920 0.3442 0.3895 0.0576  0.0136  0.0769  36  ASP A CA  
133 C C   . ASP A 37  ? 0.3251 0.3780 0.4065 0.0500  0.0059  0.0725  36  ASP A C   
134 O O   . ASP A 37  ? 0.3273 0.3617 0.3959 0.0465  0.0119  0.0712  36  ASP A O   
135 C CB  . ASP A 37  ? 0.3275 0.3631 0.4196 0.0702  0.0224  0.0881  36  ASP A CB  
136 C CG  . ASP A 37  ? 0.4381 0.4858 0.5267 0.0836  0.0168  0.1020  36  ASP A CG  
137 O OD1 . ASP A 37  ? 0.3704 0.4293 0.4486 0.0817  0.0072  0.1026  36  ASP A OD1 
138 O OD2 . ASP A 37  ? 0.5018 0.5398 0.5938 0.0964  0.0250  0.1120  36  ASP A OD2 
139 N N   . ALA A 38  ? 0.3151 0.3902 0.3978 0.0494  -0.0068 0.0717  37  ALA A N   
140 C CA  . ALA A 38  ? 0.3111 0.3882 0.3754 0.0437  -0.0150 0.0660  37  ALA A CA  
141 C C   . ALA A 38  ? 0.3561 0.4271 0.3998 0.0535  -0.0139 0.0762  37  ALA A C   
142 O O   . ALA A 38  ? 0.3635 0.4320 0.3881 0.0498  -0.0170 0.0714  37  ALA A O   
143 C CB  . ALA A 38  ? 0.3735 0.4760 0.4465 0.0391  -0.0302 0.0598  37  ALA A CB  
144 N N   . HIS A 39  ? 0.3410 0.4093 0.3874 0.0657  -0.0089 0.0895  38  HIS A N   
145 C CA  . HIS A 39  ? 0.3750 0.4383 0.4008 0.0775  -0.0076 0.1030  38  HIS A CA  
146 C C   . HIS A 39  ? 0.4019 0.4354 0.4230 0.0805  0.0102  0.1118  38  HIS A C   
147 O O   . HIS A 39  ? 0.4047 0.4281 0.4080 0.0885  0.0156  0.1237  38  HIS A O   
148 C CB  . HIS A 39  ? 0.4089 0.4954 0.4371 0.0921  -0.0189 0.1143  38  HIS A CB  
149 C CG  . HIS A 39  ? 0.4841 0.5992 0.5112 0.0858  -0.0384 0.1036  38  HIS A CG  
150 N ND1 . HIS A 39  ? 0.5009 0.6119 0.5020 0.0789  -0.0433 0.0947  38  HIS A ND1 
151 C CD2 . HIS A 39  ? 0.4672 0.6130 0.5162 0.0830  -0.0531 0.0982  38  HIS A CD2 
152 C CE1 . HIS A 39  ? 0.5454 0.6778 0.5521 0.0704  -0.0597 0.0818  38  HIS A CE1 
153 N NE2 . HIS A 39  ? 0.4777 0.6330 0.5153 0.0716  -0.0662 0.0841  38  HIS A NE2 
154 N N   . ALA A 40  ? 0.3477 0.3656 0.3834 0.0744  0.0198  0.1064  39  ALA A N   
155 C CA  . ALA A 40  ? 0.3680 0.3561 0.3997 0.0753  0.0356  0.1132  39  ALA A CA  
156 C C   . ALA A 40  ? 0.3482 0.3264 0.3705 0.0638  0.0410  0.1085  39  ALA A C   
157 O O   . ALA A 40  ? 0.3629 0.3503 0.3883 0.0532  0.0357  0.0957  39  ALA A O   
158 C CB  . ALA A 40  ? 0.3929 0.3678 0.4398 0.0716  0.0423  0.1062  39  ALA A CB  
159 N N   . PRO A 41  ? 0.4075 0.3641 0.4225 0.0647  0.0542  0.1185  40  PRO A N   
160 C CA  . PRO A 41  ? 0.3815 0.3312 0.3959 0.0521  0.0616  0.1135  40  PRO A CA  
161 C C   . PRO A 41  ? 0.3679 0.3140 0.3988 0.0383  0.0615  0.0983  40  PRO A C   
162 O O   . PRO A 41  ? 0.4115 0.3435 0.4514 0.0378  0.0644  0.0953  40  PRO A O   
163 C CB  . PRO A 41  ? 0.4430 0.3710 0.4491 0.0569  0.0765  0.1298  40  PRO A CB  
164 C CG  . PRO A 41  ? 0.5660 0.4815 0.5700 0.0710  0.0792  0.1421  40  PRO A CG  
165 C CD  . PRO A 41  ? 0.4771 0.4164 0.4865 0.0778  0.0635  0.1356  40  PRO A CD  
166 N N   . ILE A 42  ? 0.3666 0.3220 0.3999 0.0285  0.0598  0.0898  41  ILE A N   
167 C CA  . ILE A 42  ? 0.3773 0.3314 0.4252 0.0160  0.0588  0.0764  41  ILE A CA  
168 C C   . ILE A 42  ? 0.3864 0.3178 0.4435 0.0089  0.0684  0.0761  41  ILE A C   
169 O O   . ILE A 42  ? 0.4152 0.3427 0.4791 0.0030  0.0646  0.0648  41  ILE A O   
170 C CB  . ILE A 42  ? 0.3908 0.3603 0.4412 0.0089  0.0572  0.0702  41  ILE A CB  
171 C CG1 . ILE A 42  ? 0.4343 0.4207 0.4739 0.0150  0.0477  0.0670  41  ILE A CG1 
172 C CG2 . ILE A 42  ? 0.4934 0.4647 0.5597 -0.0031 0.0563  0.0593  41  ILE A CG2 
173 C CD1 . ILE A 42  ? 0.4240 0.4164 0.4647 0.0171  0.0373  0.0602  41  ILE A CD1 
174 N N   . SER A 43  ? 0.4293 0.3471 0.4854 0.0081  0.0799  0.0868  42  SER A N   
175 C CA  . SER A 43  ? 0.4911 0.3828 0.5566 -0.0009 0.0912  0.0874  42  SER A CA  
176 C C   . SER A 43  ? 0.4721 0.3441 0.5362 0.0034  0.0905  0.0822  42  SER A C   
177 O O   . SER A 43  ? 0.5057 0.3560 0.5775 -0.0079 0.0956  0.0738  42  SER A O   
178 C CB  . SER A 43  ? 0.5201 0.3970 0.5825 0.0005  0.1059  0.1034  42  SER A CB  
179 O OG  . SER A 43  ? 0.5168 0.3836 0.5626 0.0181  0.1091  0.1186  42  SER A OG  
180 N N   . VAL A 44  ? 0.4390 0.3135 0.4937 0.0194  0.0875  0.0895  43  VAL A N   
181 C CA  . VAL A 44  ? 0.4420 0.2957 0.4963 0.0256  0.0909  0.0865  43  VAL A CA  
182 C C   . VAL A 44  ? 0.4220 0.2914 0.4791 0.0229  0.0802  0.0715  43  VAL A C   
183 O O   . VAL A 44  ? 0.4283 0.2812 0.4844 0.0255  0.0832  0.0641  43  VAL A O   
184 C CB  . VAL A 44  ? 0.4796 0.3309 0.5269 0.0460  0.0938  0.1026  43  VAL A CB  
185 C CG1 . VAL A 44  ? 0.5415 0.3738 0.5818 0.0513  0.1057  0.1201  43  VAL A CG1 
186 C CG2 . VAL A 44  ? 0.4222 0.3082 0.4685 0.0556  0.0801  0.1039  43  VAL A CG2 
187 N N   . MET A 45  ? 0.3654 0.2613 0.4248 0.0171  0.0694  0.0642  44  MET A N   
188 C CA  . MET A 45  ? 0.3597 0.2671 0.4202 0.0149  0.0612  0.0518  44  MET A CA  
189 C C   . MET A 45  ? 0.3633 0.2689 0.4264 0.0008  0.0578  0.0379  44  MET A C   
190 O O   . MET A 45  ? 0.3782 0.2857 0.4378 0.0000  0.0534  0.0283  44  MET A O   
191 C CB  . MET A 45  ? 0.3823 0.3182 0.4427 0.0202  0.0515  0.0542  44  MET A CB  
192 C CG  . MET A 45  ? 0.3640 0.3076 0.4239 0.0353  0.0512  0.0669  44  MET A CG  
193 S SD  . MET A 45  ? 0.4299 0.4035 0.4937 0.0368  0.0390  0.0640  44  MET A SD  
194 C CE  . MET A 45  ? 0.3919 0.3757 0.4475 0.0306  0.0337  0.0636  44  MET A CE  
195 N N   . ILE A 46  ? 0.3707 0.2744 0.4406 -0.0101 0.0601  0.0378  45  ILE A N   
196 C CA  . ILE A 46  ? 0.3986 0.3109 0.4745 -0.0228 0.0531  0.0247  45  ILE A CA  
197 C C   . ILE A 46  ? 0.3925 0.2862 0.4645 -0.0298 0.0521  0.0111  45  ILE A C   
198 O O   . ILE A 46  ? 0.3845 0.2887 0.4512 -0.0313 0.0430  0.0008  45  ILE A O   
199 C CB  . ILE A 46  ? 0.4918 0.4113 0.5817 -0.0338 0.0565  0.0277  45  ILE A CB  
200 C CG1 . ILE A 46  ? 0.5780 0.5207 0.6682 -0.0277 0.0551  0.0363  45  ILE A CG1 
201 C CG2 . ILE A 46  ? 0.5451 0.4762 0.6455 -0.0472 0.0478  0.0139  45  ILE A CG2 
202 C CD1 . ILE A 46  ? 0.6276 0.5923 0.7232 -0.0312 0.0453  0.0278  45  ILE A CD1 
203 N N   . ASP A 47  ? 0.3922 0.2584 0.4640 -0.0330 0.0613  0.0110  46  ASP A N   
204 C CA  . ASP A 47  ? 0.4309 0.2726 0.4953 -0.0402 0.0615  -0.0041 46  ASP A CA  
205 C C   . ASP A 47  ? 0.4152 0.2502 0.4629 -0.0269 0.0617  -0.0075 46  ASP A C   
206 O O   . ASP A 47  ? 0.4180 0.2542 0.4547 -0.0298 0.0545  -0.0210 46  ASP A O   
207 C CB  . ASP A 47  ? 0.4811 0.2878 0.5487 -0.0484 0.0728  -0.0050 46  ASP A CB  
208 C CG  . ASP A 47  ? 0.5604 0.3778 0.6483 -0.0652 0.0727  -0.0036 46  ASP A CG  
209 O OD1 . ASP A 47  ? 0.5553 0.4014 0.6545 -0.0744 0.0619  -0.0095 46  ASP A OD1 
210 O OD2 . ASP A 47  ? 0.6187 0.4199 0.7127 -0.0657 0.0847  0.0077  46  ASP A OD2 
211 N N   . PRO A 48  ? 0.4009 0.2359 0.4468 -0.0110 0.0686  0.0061  47  PRO A N   
212 C CA  . PRO A 48  ? 0.4390 0.2766 0.4743 0.0020  0.0690  0.0042  47  PRO A CA  
213 C C   . PRO A 48  ? 0.4344 0.2978 0.4662 0.0011  0.0585  -0.0012 47  PRO A C   
214 O O   . PRO A 48  ? 0.4384 0.2963 0.4567 0.0050  0.0590  -0.0097 47  PRO A O   
215 C CB  . PRO A 48  ? 0.4272 0.2685 0.4683 0.0180  0.0761  0.0212  47  PRO A CB  
216 C CG  . PRO A 48  ? 0.4561 0.2765 0.5009 0.0154  0.0838  0.0283  47  PRO A CG  
217 C CD  . PRO A 48  ? 0.4259 0.2509 0.4769 -0.0030 0.0783  0.0221  47  PRO A CD  
218 N N   . LEU A 49  ? 0.3717 0.2600 0.4127 -0.0034 0.0504  0.0032  48  LEU A N   
219 C CA  . LEU A 49  ? 0.3591 0.2695 0.3980 -0.0040 0.0415  0.0001  48  LEU A CA  
220 C C   . LEU A 49  ? 0.3647 0.2727 0.3959 -0.0134 0.0343  -0.0132 48  LEU A C   
221 O O   . LEU A 49  ? 0.3276 0.2406 0.3457 -0.0089 0.0309  -0.0176 48  LEU A O   
222 C CB  . LEU A 49  ? 0.3853 0.3179 0.4357 -0.0046 0.0370  0.0092  48  LEU A CB  
223 C CG  . LEU A 49  ? 0.3878 0.3393 0.4368 -0.0037 0.0298  0.0080  48  LEU A CG  
224 C CD1 . LEU A 49  ? 0.3876 0.3409 0.4309 0.0049  0.0322  0.0101  48  LEU A CD1 
225 C CD2 . LEU A 49  ? 0.4477 0.4160 0.5050 -0.0042 0.0266  0.0144  48  LEU A CD2 
226 N N   . LEU A 50  ? 0.3647 0.2676 0.4026 -0.0250 0.0318  -0.0189 49  LEU A N   
227 C CA  . LEU A 50  ? 0.3810 0.2842 0.4120 -0.0346 0.0224  -0.0334 49  LEU A CA  
228 C C   . LEU A 50  ? 0.3981 0.2785 0.4044 -0.0297 0.0250  -0.0443 49  LEU A C   
229 O O   . LEU A 50  ? 0.4139 0.2995 0.4045 -0.0304 0.0162  -0.0540 49  LEU A O   
230 C CB  . LEU A 50  ? 0.4122 0.3106 0.4598 -0.0504 0.0217  -0.0380 49  LEU A CB  
231 C CG  . LEU A 50  ? 0.5077 0.4121 0.5545 -0.0639 0.0086  -0.0545 49  LEU A CG  
232 C CD1 . LEU A 50  ? 0.4948 0.4327 0.5420 -0.0620 -0.0062 -0.0560 49  LEU A CD1 
233 C CD2 . LEU A 50  ? 0.5899 0.4893 0.6604 -0.0818 0.0111  -0.0571 49  LEU A CD2 
234 N N   . LYS A 51  ? 0.4389 0.2917 0.4395 -0.0241 0.0378  -0.0433 50  LYS A N   
235 C CA  . LYS A 51  ? 0.5087 0.3384 0.4841 -0.0180 0.0425  -0.0542 50  LYS A CA  
236 C C   . LYS A 51  ? 0.4516 0.2961 0.4161 -0.0042 0.0442  -0.0481 50  LYS A C   
237 O O   . LYS A 51  ? 0.4673 0.3039 0.4081 -0.0013 0.0430  -0.0579 50  LYS A O   
238 C CB  . LYS A 51  ? 0.5812 0.3793 0.5553 -0.0115 0.0579  -0.0519 50  LYS A CB  
239 C CG  . LYS A 51  ? 0.7694 0.5361 0.7371 -0.0245 0.0585  -0.0673 50  LYS A CG  
240 C CD  . LYS A 51  ? 0.7541 0.4813 0.7116 -0.0159 0.0749  -0.0687 50  LYS A CD  
241 C CE  . LYS A 51  ? 0.9121 0.6159 0.8385 -0.0073 0.0804  -0.0829 50  LYS A CE  
242 N NZ  . LYS A 51  ? 0.8874 0.5433 0.8035 -0.0098 0.0920  -0.0937 50  LYS A NZ  
243 N N   . VAL A 52  ? 0.4599 0.3223 0.4395 0.0041  0.0483  -0.0327 51  VAL A N   
244 C CA  . VAL A 52  ? 0.4320 0.3077 0.4046 0.0146  0.0512  -0.0268 51  VAL A CA  
245 C C   . VAL A 52  ? 0.4170 0.3080 0.3808 0.0094  0.0391  -0.0310 51  VAL A C   
246 O O   . VAL A 52  ? 0.4433 0.3345 0.3888 0.0161  0.0412  -0.0321 51  VAL A O   
247 C CB  . VAL A 52  ? 0.4948 0.3886 0.4905 0.0205  0.0551  -0.0109 51  VAL A CB  
248 C CG1 . VAL A 52  ? 0.5746 0.4885 0.5729 0.0245  0.0543  -0.0041 51  VAL A CG1 
249 C CG2 . VAL A 52  ? 0.5152 0.3939 0.5146 0.0305  0.0679  -0.0066 51  VAL A CG2 
250 N N   . VAL A 53  ? 0.3901 0.2977 0.3691 0.0007  0.0286  -0.0293 52  VAL A N   
251 C CA  . VAL A 53  ? 0.3844 0.3084 0.3576 -0.0023 0.0166  -0.0321 52  VAL A CA  
252 C C   . VAL A 53  ? 0.4501 0.3633 0.3977 -0.0037 0.0109  -0.0457 52  VAL A C   
253 O O   . VAL A 53  ? 0.4194 0.3404 0.3486 0.0018  0.0054  -0.0460 52  VAL A O   
254 C CB  . VAL A 53  ? 0.3691 0.3119 0.3638 -0.0096 0.0088  -0.0282 52  VAL A CB  
255 C CG1 . VAL A 53  ? 0.4309 0.3906 0.4222 -0.0129 -0.0049 -0.0333 52  VAL A CG1 
256 C CG2 . VAL A 53  ? 0.3922 0.3454 0.4021 -0.0050 0.0139  -0.0155 52  VAL A CG2 
257 N N   . ASN A 54  ? 0.4307 0.3287 0.3767 -0.0134 0.0083  -0.0583 53  ASN A N   
258 C CA  . ASN A 54  ? 0.4624 0.3490 0.3828 -0.0177 -0.0001 -0.0752 53  ASN A CA  
259 C C   . ASN A 54  ? 0.4973 0.3653 0.3850 -0.0043 0.0101  -0.0774 53  ASN A C   
260 O O   . ASN A 54  ? 0.5291 0.3967 0.3894 -0.0032 0.0011  -0.0872 53  ASN A O   
261 C CB  . ASN A 54  ? 0.5220 0.3921 0.4493 -0.0324 -0.0032 -0.0888 53  ASN A CB  
262 C CG  . ASN A 54  ? 0.5338 0.4303 0.4885 -0.0465 -0.0172 -0.0894 53  ASN A CG  
263 O OD1 . ASN A 54  ? 0.5356 0.4615 0.4983 -0.0442 -0.0271 -0.0831 53  ASN A OD1 
264 N ND2 . ASN A 54  ? 0.5274 0.4122 0.5012 -0.0611 -0.0153 -0.0950 53  ASN A ND2 
265 N N   . THR A 55  ? 0.5174 0.3705 0.4074 0.0047  0.0273  -0.0704 54  THR A N   
266 C CA  . THR A 55  ? 0.5387 0.3784 0.4015 0.0186  0.0397  -0.0703 54  THR A CA  
267 C C   . THR A 55  ? 0.5018 0.3630 0.3556 0.0257  0.0363  -0.0602 54  THR A C   
268 O O   . THR A 55  ? 0.6112 0.4642 0.4334 0.0322  0.0373  -0.0655 54  THR A O   
269 C CB  . THR A 55  ? 0.6122 0.4428 0.4895 0.0282  0.0583  -0.0600 54  THR A CB  
270 O OG1 . THR A 55  ? 0.6644 0.4688 0.5406 0.0223  0.0605  -0.0714 54  THR A OG1 
271 C CG2 . THR A 55  ? 0.6896 0.5099 0.5436 0.0433  0.0741  -0.0583 54  THR A CG2 
272 N N   . ARG A 56  ? 0.5019 0.3853 0.3829 0.0251  0.0349  -0.0456 55  ARG A N   
273 C CA  . ARG A 56  ? 0.4980 0.3969 0.3725 0.0313  0.0334  -0.0353 55  ARG A CA  
274 C C   . ARG A 56  ? 0.4834 0.3889 0.3364 0.0296  0.0171  -0.0426 55  ARG A C   
275 O O   . ARG A 56  ? 0.4687 0.3737 0.2949 0.0383  0.0176  -0.0396 55  ARG A O   
276 C CB  . ARG A 56  ? 0.4453 0.3620 0.3540 0.0287  0.0342  -0.0219 55  ARG A CB  
277 C CG  . ARG A 56  ? 0.5621 0.4889 0.4685 0.0348  0.0373  -0.0098 55  ARG A CG  
278 C CD  . ARG A 56  ? 0.5722 0.4899 0.4619 0.0448  0.0532  -0.0035 55  ARG A CD  
279 N NE  . ARG A 56  ? 0.5420 0.4698 0.4381 0.0469  0.0549  0.0099  55  ARG A NE  
280 C CZ  . ARG A 56  ? 0.6322 0.5563 0.5233 0.0535  0.0706  0.0204  55  ARG A CZ  
281 N NH1 . ARG A 56  ? 0.5899 0.5042 0.4695 0.0597  0.0846  0.0188  55  ARG A NH1 
282 N NH2 . ARG A 56  ? 0.5650 0.4942 0.4663 0.0531  0.0739  0.0326  55  ARG A NH2 
283 N N   . LEU A 57  ? 0.4346 0.3500 0.3018 0.0180  0.0014  -0.0510 56  LEU A N   
284 C CA  . LEU A 57  ? 0.4607 0.3892 0.3118 0.0164  -0.0169 -0.0581 56  LEU A CA  
285 C C   . LEU A 57  ? 0.4662 0.3780 0.2773 0.0197  -0.0195 -0.0716 56  LEU A C   
286 O O   . LEU A 57  ? 0.5125 0.4313 0.2946 0.0267  -0.0296 -0.0729 56  LEU A O   
287 C CB  . LEU A 57  ? 0.4391 0.3840 0.3195 0.0016  -0.0314 -0.0650 56  LEU A CB  
288 C CG  . LEU A 57  ? 0.4454 0.4093 0.3618 -0.0001 -0.0298 -0.0515 56  LEU A CG  
289 C CD1 . LEU A 57  ? 0.4239 0.4053 0.3678 -0.0143 -0.0421 -0.0582 56  LEU A CD1 
290 C CD2 . LEU A 57  ? 0.4596 0.4402 0.3741 0.0107  -0.0323 -0.0382 56  LEU A CD2 
291 N N   . ARG A 58  ? 0.5336 0.4200 0.3333 0.0152  -0.0131 -0.0857 57  ARG A N   
292 C CA  . ARG A 58  ? 0.6181 0.4847 0.3740 0.0185  -0.0156 -0.1019 57  ARG A CA  
293 C C   . ARG A 58  ? 0.6267 0.4860 0.3503 0.0370  -0.0010 -0.0909 57  ARG A C   
294 O O   . ARG A 58  ? 0.6829 0.5363 0.3659 0.0436  -0.0065 -0.0982 57  ARG A O   
295 C CB  . ARG A 58  ? 0.6967 0.5334 0.4528 0.0097  -0.0086 -0.1182 57  ARG A CB  
296 C CG  . ARG A 58  ? 0.8243 0.6672 0.6014 -0.0107 -0.0269 -0.1327 57  ARG A CG  
297 C CD  . ARG A 58  ? 0.8787 0.6859 0.6508 -0.0217 -0.0217 -0.1519 57  ARG A CD  
298 N NE  . ARG A 58  ? 1.1299 0.9254 0.9289 -0.0175 -0.0014 -0.1382 57  ARG A NE  
299 C CZ  . ARG A 58  ? 1.1331 0.9018 0.9208 -0.0042 0.0207  -0.1340 57  ARG A CZ  
300 N NH1 . ARG A 58  ? 1.0930 0.8342 0.8407 0.0056  0.0299  -0.1456 57  ARG A NH1 
301 N NH2 . ARG A 58  ? 1.0177 0.7892 0.8375 -0.0006 0.0335  -0.1179 57  ARG A NH2 
302 N N   . GLU A 59  ? 0.5913 0.4489 0.3313 0.0447  0.0184  -0.0750 58  GLU A N   
303 C CA  . GLU A 59  ? 0.6451 0.4972 0.3555 0.0614  0.0340  -0.0633 58  GLU A CA  
304 C C   . GLU A 59  ? 0.6394 0.5105 0.3371 0.0665  0.0217  -0.0533 58  GLU A C   
305 O O   . GLU A 59  ? 0.6753 0.5394 0.3331 0.0794  0.0272  -0.0490 58  GLU A O   
306 C CB  . GLU A 59  ? 0.6504 0.5099 0.3951 0.0652  0.0527  -0.0439 58  GLU A CB  
307 C CG  . GLU A 59  ? 0.8004 0.6425 0.5525 0.0679  0.0706  -0.0475 58  GLU A CG  
308 C CD  . GLU A 59  ? 0.7946 0.6487 0.5911 0.0674  0.0830  -0.0326 58  GLU A CD  
309 O OE1 . GLU A 59  ? 0.9129 0.7551 0.7205 0.0684  0.0922  -0.0373 58  GLU A OE1 
310 O OE2 . GLU A 59  ? 0.7588 0.6320 0.5786 0.0663  0.0835  -0.0176 58  GLU A OE2 
311 N N   . LEU A 60  ? 0.5343 0.4283 0.2658 0.0589  0.0087  -0.0466 59  LEU A N   
312 C CA  . LEU A 60  ? 0.5605 0.4728 0.2823 0.0652  -0.0045 -0.0372 59  LEU A CA  
313 C C   . LEU A 60  ? 0.6464 0.5681 0.3442 0.0630  -0.0285 -0.0518 59  LEU A C   
314 O O   . LEU A 60  ? 0.6909 0.6270 0.3760 0.0719  -0.0384 -0.0425 59  LEU A O   
315 C CB  . LEU A 60  ? 0.5189 0.4497 0.2842 0.0601  -0.0067 -0.0249 59  LEU A CB  
316 C CG  . LEU A 60  ? 0.5268 0.4535 0.3182 0.0609  0.0125  -0.0106 59  LEU A CG  
317 C CD1 . LEU A 60  ? 0.5628 0.5045 0.3960 0.0519  0.0076  -0.0067 59  LEU A CD1 
318 C CD2 . LEU A 60  ? 0.5481 0.4691 0.3171 0.0745  0.0242  0.0059  59  LEU A CD2 
319 N N   . GLY A 61  ? 0.6853 0.5947 0.3676 0.0545  -0.0359 -0.0734 60  GLY A N   
320 C CA  . GLY A 61  ? 0.7443 0.6634 0.4056 0.0484  -0.0613 -0.0919 60  GLY A CA  
321 C C   . GLY A 61  ? 0.6840 0.6363 0.3866 0.0372  -0.0817 -0.0912 60  GLY A C   
322 O O   . GLY A 61  ? 0.7599 0.7308 0.4464 0.0391  -0.1025 -0.0965 60  GLY A O   
323 N N   . VAL A 62  ? 0.6360 0.5953 0.3851 0.0293  -0.0741 -0.0831 61  VAL A N   
324 C CA  . VAL A 62  ? 0.6674 0.6560 0.4615 0.0181  -0.0877 -0.0816 61  VAL A CA  
325 C C   . VAL A 62  ? 0.6791 0.6625 0.4939 -0.0023 -0.0932 -0.1002 61  VAL A C   
326 O O   . VAL A 62  ? 0.6656 0.6174 0.4742 -0.0066 -0.0776 -0.1074 61  VAL A O   
327 C CB  . VAL A 62  ? 0.6678 0.6621 0.4952 0.0220  -0.0733 -0.0621 61  VAL A CB  
328 C CG1 . VAL A 62  ? 0.6650 0.6860 0.5376 0.0113  -0.0828 -0.0608 61  VAL A CG1 
329 C CG2 . VAL A 62  ? 0.6717 0.6706 0.4833 0.0398  -0.0687 -0.0439 61  VAL A CG2 
330 N N   . ALA A 63  ? 0.7057 0.7181 0.5458 -0.0144 -0.1134 -0.1077 62  ALA A N   
331 C CA  . ALA A 63  ? 0.7356 0.7414 0.5928 -0.0364 -0.1201 -0.1276 62  ALA A CA  
332 C C   . ALA A 63  ? 0.5817 0.5757 0.4734 -0.0416 -0.1002 -0.1175 62  ALA A C   
333 O O   . ALA A 63  ? 0.5739 0.5836 0.4891 -0.0348 -0.0934 -0.0999 62  ALA A O   
334 C CB  . ALA A 63  ? 0.6882 0.7315 0.5675 -0.0491 -0.1462 -0.1376 62  ALA A CB  
335 N N   . PRO A 64  ? 0.6278 0.5900 0.5174 -0.0513 -0.0893 -0.1281 63  PRO A N   
336 C CA  . PRO A 64  ? 0.6533 0.6032 0.5714 -0.0545 -0.0711 -0.1179 63  PRO A CA  
337 C C   . PRO A 64  ? 0.6783 0.6562 0.6430 -0.0684 -0.0773 -0.1136 63  PRO A C   
338 O O   . PRO A 64  ? 0.6147 0.6186 0.5950 -0.0801 -0.0954 -0.1226 63  PRO A O   
339 C CB  . PRO A 64  ? 0.6696 0.5784 0.5723 -0.0616 -0.0606 -0.1323 63  PRO A CB  
340 C CG  . PRO A 64  ? 0.7008 0.6040 0.5762 -0.0691 -0.0767 -0.1540 63  PRO A CG  
341 C CD  . PRO A 64  ? 0.6697 0.6045 0.5282 -0.0588 -0.0938 -0.1504 63  PRO A CD  
342 N N   . LEU A 65  ? 0.6287 0.6044 0.6165 -0.0663 -0.0625 -0.0993 64  LEU A N   
343 C CA  . LEU A 65  ? 0.6209 0.6219 0.6501 -0.0767 -0.0644 -0.0928 64  LEU A CA  
344 C C   . LEU A 65  ? 0.6299 0.6135 0.6741 -0.0966 -0.0621 -0.1048 64  LEU A C   
345 O O   . LEU A 65  ? 0.6324 0.5771 0.6584 -0.0964 -0.0498 -0.1097 64  LEU A O   
346 C CB  . LEU A 65  ? 0.5790 0.5812 0.6210 -0.0663 -0.0491 -0.0738 64  LEU A CB  
347 C CG  . LEU A 65  ? 0.5606 0.5772 0.5937 -0.0489 -0.0487 -0.0608 64  LEU A CG  
348 C CD1 . LEU A 65  ? 0.5923 0.6072 0.6417 -0.0447 -0.0347 -0.0466 64  LEU A CD1 
349 C CD2 . LEU A 65  ? 0.6177 0.6673 0.6598 -0.0468 -0.0637 -0.0599 64  LEU A CD2 
350 N N   . GLU A 66  ? 0.6358 0.6451 0.7120 -0.1132 -0.0726 -0.1101 65  GLU A N   
351 C CA  . GLU A 66  ? 0.8094 0.8026 0.9032 -0.1366 -0.0719 -0.1237 65  GLU A CA  
352 C C   . GLU A 66  ? 0.7912 0.8161 0.9338 -0.1502 -0.0715 -0.1161 65  GLU A C   
353 O O   . GLU A 66  ? 0.8073 0.8774 0.9706 -0.1481 -0.0844 -0.1118 65  GLU A O   
354 C CB  . GLU A 66  ? 0.9215 0.9067 0.9961 -0.1495 -0.0899 -0.1489 65  GLU A CB  
355 C CG  . GLU A 66  ? 0.9871 0.9177 1.0259 -0.1485 -0.0783 -0.1605 65  GLU A CG  
356 C CD  . GLU A 66  ? 1.3378 1.2452 1.3401 -0.1553 -0.0911 -0.1866 65  GLU A CD  
357 O OE1 . GLU A 66  ? 1.2057 1.1331 1.1834 -0.1462 -0.1076 -0.1920 65  GLU A OE1 
358 O OE2 . GLU A 66  ? 1.3500 1.2141 1.3426 -0.1670 -0.0826 -0.2011 65  GLU A OE2 
359 N N   . ALA A 67  ? 0.8831 0.8835 1.0418 -0.1604 -0.0539 -0.1114 66  ALA A N   
360 C CA  . ALA A 67  ? 0.9645 0.9834 1.1687 -0.1774 -0.0476 -0.1052 66  ALA A CA  
361 C C   . ALA A 67  ? 0.9211 0.9829 1.1534 -0.1939 -0.0697 -0.1181 66  ALA A C   
362 O O   . ALA A 67  ? 0.8648 0.9144 1.0843 -0.2063 -0.0832 -0.1386 66  ALA A O   
363 C CB  . ALA A 67  ? 0.9853 0.9590 1.1917 -0.1920 -0.0312 -0.1087 66  ALA A CB  
364 N N   . LYS A 68  ? 0.8822 0.9933 1.1464 -0.1903 -0.0747 -0.1072 67  LYS A N   
365 C CA  . LYS A 68  ? 0.9082 1.0671 1.2142 -0.2084 -0.0926 -0.1162 67  LYS A CA  
366 C C   . LYS A 68  ? 0.9618 1.1240 1.3152 -0.2316 -0.0777 -0.1119 67  LYS A C   
367 O O   . LYS A 68  ? 0.8548 1.0468 1.2417 -0.2270 -0.0649 -0.0933 67  LYS A O   
368 C CB  . LYS A 68  ? 0.8842 1.0913 1.1957 -0.1888 -0.1053 -0.1063 67  LYS A CB  
369 C CG  . LYS A 68  ? 0.9551 1.1609 1.2244 -0.1754 -0.1259 -0.1171 67  LYS A CG  
370 C CD  . LYS A 68  ? 0.9483 1.2032 1.2366 -0.1831 -0.1549 -0.1291 67  LYS A CD  
371 C CE  . LYS A 68  ? 1.0437 1.3336 1.3893 -0.2105 -0.1614 -0.1363 67  LYS A CE  
372 N NZ  . LYS A 68  ? 0.9737 1.3289 1.3600 -0.2021 -0.1723 -0.1250 67  LYS A NZ  
373 N N   . GLY A 69  ? 0.9984 1.1280 1.3532 -0.2559 -0.0777 -0.1288 68  GLY A N   
374 C CA  . GLY A 69  ? 0.9815 1.0977 1.3743 -0.2815 -0.0610 -0.1273 68  GLY A CA  
375 C C   . GLY A 69  ? 0.9124 0.9887 1.2916 -0.2691 -0.0304 -0.1064 68  GLY A C   
376 O O   . GLY A 69  ? 1.0108 1.0553 1.3449 -0.2460 -0.0241 -0.1006 68  GLY A O   
377 N N   . ARG A 70  ? 0.8055 0.8864 1.2229 -0.2820 -0.0111 -0.0932 69  ARG A N   
378 C CA  . ARG A 70  ? 0.8163 0.8612 1.2206 -0.2701 0.0181  -0.0716 69  ARG A CA  
379 C C   . ARG A 70  ? 0.7600 0.8320 1.1529 -0.2411 0.0227  -0.0520 69  ARG A C   
380 O O   . ARG A 70  ? 0.7017 0.8278 1.1203 -0.2377 0.0113  -0.0503 69  ARG A O   
381 C CB  . ARG A 70  ? 0.8958 0.9336 1.3430 -0.2967 0.0364  -0.0663 69  ARG A CB  
382 C CG  . ARG A 70  ? 0.9070 0.9459 1.3628 -0.2844 0.0641  -0.0378 69  ARG A CG  
383 C CD  . ARG A 70  ? 1.0513 1.0992 1.5571 -0.3088 0.0832  -0.0283 69  ARG A CD  
384 N NE  . ARG A 70  ? 1.0256 1.0226 1.5118 -0.3028 0.1119  -0.0098 69  ARG A NE  
385 C CZ  . ARG A 70  ? 1.0618 1.0294 1.5710 -0.3248 0.1325  -0.0043 69  ARG A CZ  
386 N NH1 . ARG A 70  ? 0.9657 0.9514 1.5249 -0.3584 0.1286  -0.0166 69  ARG A NH1 
387 N NH2 . ARG A 70  ? 1.0333 0.9531 1.5149 -0.3121 0.1569  0.0147  69  ARG A NH2 
388 N N   . GLY A 71  ? 0.7006 0.7388 1.0571 -0.2198 0.0377  -0.0383 70  GLY A N   
389 C CA  . GLY A 71  ? 0.5400 0.5984 0.8851 -0.1945 0.0443  -0.0202 70  GLY A CA  
390 C C   . GLY A 71  ? 0.6012 0.6235 0.8990 -0.1723 0.0488  -0.0148 70  GLY A C   
391 O O   . GLY A 71  ? 0.5726 0.5515 0.8526 -0.1758 0.0560  -0.0175 70  GLY A O   
392 N N   . ARG A 72  ? 0.4861 0.5239 0.7668 -0.1504 0.0478  -0.0054 71  ARG A N   
393 C CA  . ARG A 72  ? 0.4705 0.4803 0.7168 -0.1314 0.0573  0.0052  71  ARG A CA  
394 C C   . ARG A 72  ? 0.4281 0.4496 0.6510 -0.1141 0.0433  0.0011  71  ARG A C   
395 O O   . ARG A 72  ? 0.3787 0.4346 0.6132 -0.1095 0.0357  0.0013  71  ARG A O   
396 C CB  . ARG A 72  ? 0.5537 0.5659 0.8032 -0.1235 0.0762  0.0250  71  ARG A CB  
397 C CG  . ARG A 72  ? 0.6852 0.6837 0.9584 -0.1406 0.0941  0.0327  71  ARG A CG  
398 C CD  . ARG A 72  ? 0.7851 0.7823 1.0588 -0.1331 0.1163  0.0543  71  ARG A CD  
399 N NE  . ARG A 72  ? 0.9138 0.9539 1.2190 -0.1387 0.1149  0.0540  71  ARG A NE  
400 C CZ  . ARG A 72  ? 0.8770 0.9470 1.1774 -0.1242 0.1069  0.0536  71  ARG A CZ  
401 N NH1 . ARG A 72  ? 1.0769 1.1369 1.3410 -0.1040 0.1013  0.0548  71  ARG A NH1 
402 N NH2 . ARG A 72  ? 0.9013 1.0112 1.2363 -0.1306 0.1049  0.0520  71  ARG A NH2 
403 N N   . TRP A 73  ? 0.4088 0.4035 0.6021 -0.1043 0.0416  -0.0013 72  TRP A N   
404 C CA  . TRP A 73  ? 0.3971 0.3989 0.5676 -0.0878 0.0318  -0.0030 72  TRP A CA  
405 C C   . TRP A 73  ? 0.4214 0.4251 0.5818 -0.0727 0.0411  0.0119  72  TRP A C   
406 O O   . TRP A 73  ? 0.3883 0.3740 0.5462 -0.0721 0.0542  0.0218  72  TRP A O   
407 C CB  . TRP A 73  ? 0.4202 0.3932 0.5657 -0.0841 0.0283  -0.0114 72  TRP A CB  
408 C CG  . TRP A 73  ? 0.4630 0.4370 0.6063 -0.0936 0.0144  -0.0290 72  TRP A CG  
409 C CD1 . TRP A 73  ? 0.4944 0.4463 0.6389 -0.1080 0.0139  -0.0412 72  TRP A CD1 
410 C CD2 . TRP A 73  ? 0.3705 0.3705 0.5103 -0.0900 -0.0014 -0.0361 72  TRP A CD2 
411 N NE1 . TRP A 73  ? 0.4789 0.4411 0.6177 -0.1138 -0.0024 -0.0572 72  TRP A NE1 
412 C CE2 . TRP A 73  ? 0.4956 0.4885 0.6330 -0.1033 -0.0122 -0.0535 72  TRP A CE2 
413 C CE3 . TRP A 73  ? 0.4741 0.4962 0.6082 -0.0763 -0.0071 -0.0304 72  TRP A CE3 
414 C CZ2 . TRP A 73  ? 0.5309 0.5436 0.6608 -0.1023 -0.0294 -0.0636 72  TRP A CZ2 
415 C CZ3 . TRP A 73  ? 0.4120 0.4526 0.5414 -0.0750 -0.0226 -0.0388 72  TRP A CZ3 
416 C CH2 . TRP A 73  ? 0.4848 0.5247 0.6149 -0.0886 -0.0344 -0.0546 72  TRP A CH2 
417 N N   . MET A 74  ? 0.3852 0.4099 0.5412 -0.0620 0.0351  0.0134  73  MET A N   
418 C CA  . MET A 74  ? 0.3331 0.3603 0.4777 -0.0487 0.0421  0.0243  73  MET A CA  
419 C C   . MET A 74  ? 0.3263 0.3578 0.4539 -0.0370 0.0329  0.0210  73  MET A C   
420 O O   . MET A 74  ? 0.3143 0.3542 0.4433 -0.0380 0.0227  0.0131  73  MET A O   
421 C CB  . MET A 74  ? 0.3974 0.4443 0.5611 -0.0512 0.0507  0.0314  73  MET A CB  
422 C CG  . MET A 74  ? 0.4304 0.5047 0.6121 -0.0536 0.0419  0.0252  73  MET A CG  
423 S SD  . MET A 74  ? 0.4528 0.5586 0.6655 -0.0554 0.0545  0.0343  73  MET A SD  
424 C CE  . MET A 74  ? 0.4552 0.5477 0.6858 -0.0732 0.0669  0.0386  73  MET A CE  
425 N N   . LEU A 75  ? 0.3248 0.3483 0.4364 -0.0272 0.0365  0.0272  74  LEU A N   
426 C CA  . LEU A 75  ? 0.3077 0.3355 0.4065 -0.0176 0.0305  0.0255  74  LEU A CA  
427 C C   . LEU A 75  ? 0.3123 0.3542 0.4130 -0.0119 0.0338  0.0287  74  LEU A C   
428 O O   . LEU A 75  ? 0.3558 0.3957 0.4525 -0.0096 0.0423  0.0354  74  LEU A O   
429 C CB  . LEU A 75  ? 0.3245 0.3386 0.4072 -0.0115 0.0302  0.0279  74  LEU A CB  
430 C CG  . LEU A 75  ? 0.3568 0.3582 0.4372 -0.0138 0.0278  0.0238  74  LEU A CG  
431 C CD1 . LEU A 75  ? 0.4495 0.4419 0.5199 -0.0065 0.0307  0.0305  74  LEU A CD1 
432 C CD2 . LEU A 75  ? 0.3685 0.3733 0.4447 -0.0127 0.0202  0.0167  74  LEU A CD2 
433 N N   . CYS A 76  ? 0.2708 0.3239 0.3750 -0.0085 0.0283  0.0248  75  CYS A N   
434 C CA  . CYS A 76  ? 0.2793 0.3460 0.3880 -0.0016 0.0327  0.0270  75  CYS A CA  
435 C C   . CYS A 76  ? 0.2811 0.3401 0.3730 0.0082  0.0295  0.0246  75  CYS A C   
436 O O   . CYS A 76  ? 0.2526 0.3051 0.3382 0.0090  0.0226  0.0213  75  CYS A O   
437 C CB  . CYS A 76  ? 0.2861 0.3755 0.4181 -0.0038 0.0303  0.0261  75  CYS A CB  
438 S SG  . CYS A 76  ? 0.3273 0.4261 0.4836 -0.0183 0.0357  0.0281  75  CYS A SG  
439 N N   . LEU A 77  ? 0.2996 0.3586 0.3840 0.0159  0.0366  0.0261  76  LEU A N   
440 C CA  . LEU A 77  ? 0.3055 0.3550 0.3759 0.0246  0.0360  0.0225  76  LEU A CA  
441 C C   . LEU A 77  ? 0.2940 0.3557 0.3780 0.0300  0.0338  0.0229  76  LEU A C   
442 O O   . LEU A 77  ? 0.2600 0.3411 0.3641 0.0270  0.0328  0.0253  76  LEU A O   
443 C CB  . LEU A 77  ? 0.3253 0.3699 0.3818 0.0311  0.0453  0.0226  76  LEU A CB  
444 C CG  . LEU A 77  ? 0.3263 0.3623 0.3673 0.0275  0.0458  0.0239  76  LEU A CG  
445 C CD1 . LEU A 77  ? 0.3831 0.4140 0.4051 0.0357  0.0548  0.0229  76  LEU A CD1 
446 C CD2 . LEU A 77  ? 0.3635 0.3878 0.3950 0.0232  0.0358  0.0200  76  LEU A CD2 
447 N N   . VAL A 78  ? 0.2691 0.3197 0.3426 0.0388  0.0341  0.0208  77  VAL A N   
448 C CA  . VAL A 78  ? 0.2516 0.3109 0.3345 0.0479  0.0318  0.0231  77  VAL A CA  
449 C C   . VAL A 78  ? 0.2597 0.3438 0.3628 0.0543  0.0375  0.0273  77  VAL A C   
450 O O   . VAL A 78  ? 0.2870 0.3896 0.4060 0.0612  0.0339  0.0308  77  VAL A O   
451 C CB  . VAL A 78  ? 0.3205 0.3554 0.3855 0.0557  0.0339  0.0210  77  VAL A CB  
452 C CG1 . VAL A 78  ? 0.3538 0.3767 0.4074 0.0631  0.0445  0.0177  77  VAL A CG1 
453 C CG2 . VAL A 78  ? 0.3372 0.3769 0.4077 0.0647  0.0303  0.0255  77  VAL A CG2 
454 N N   . ASP A 79  ? 0.2613 0.3468 0.3635 0.0560  0.0485  0.0279  78  ASP A N   
455 C CA  . ASP A 79  ? 0.2762 0.3862 0.3994 0.0625  0.0585  0.0329  78  ASP A CA  
456 C C   . ASP A 79  ? 0.2536 0.3868 0.4009 0.0497  0.0586  0.0365  78  ASP A C   
457 O O   . ASP A 79  ? 0.2636 0.4188 0.4313 0.0535  0.0686  0.0414  78  ASP A O   
458 C CB  . ASP A 79  ? 0.3463 0.4446 0.4531 0.0709  0.0736  0.0323  78  ASP A CB  
459 C CG  . ASP A 79  ? 0.3342 0.4181 0.4216 0.0619  0.0763  0.0306  78  ASP A CG  
460 O OD1 . ASP A 79  ? 0.3445 0.4273 0.4335 0.0499  0.0687  0.0309  78  ASP A OD1 
461 O OD2 . ASP A 79  ? 0.4320 0.5082 0.5032 0.0694  0.0884  0.0301  78  ASP A OD2 
462 N N   . GLY A 80  ? 0.2680 0.3960 0.4144 0.0365  0.0487  0.0339  79  GLY A N   
463 C CA  . GLY A 80  ? 0.2833 0.4305 0.4549 0.0234  0.0481  0.0360  79  GLY A CA  
464 C C   . GLY A 80  ? 0.3586 0.4916 0.5201 0.0160  0.0580  0.0389  79  GLY A C   
465 O O   . GLY A 80  ? 0.3259 0.4676 0.5067 0.0029  0.0609  0.0416  79  GLY A O   
466 N N   . THR A 81  ? 0.3196 0.4353 0.4557 0.0247  0.0669  0.0400  80  THR A N   
467 C CA  . THR A 81  ? 0.2825 0.3845 0.4032 0.0213  0.0759  0.0444  80  THR A CA  
468 C C   . THR A 81  ? 0.2926 0.3801 0.4072 0.0109  0.0679  0.0435  80  THR A C   
469 O O   . THR A 81  ? 0.2866 0.3603 0.3863 0.0113  0.0578  0.0384  80  THR A O   
470 C CB  . THR A 81  ? 0.3700 0.4552 0.4584 0.0329  0.0822  0.0431  80  THR A CB  
471 O OG1 . THR A 81  ? 0.3574 0.4541 0.4523 0.0435  0.0914  0.0435  80  THR A OG1 
472 C CG2 . THR A 81  ? 0.3876 0.4620 0.4565 0.0324  0.0913  0.0493  80  THR A CG2 
473 N N   . PRO A 82  ? 0.2936 0.3811 0.4182 0.0021  0.0750  0.0498  81  PRO A N   
474 C CA  . PRO A 82  ? 0.3029 0.3737 0.4217 -0.0058 0.0692  0.0493  81  PRO A CA  
475 C C   . PRO A 82  ? 0.3371 0.3891 0.4269 0.0008  0.0713  0.0534  81  PRO A C   
476 O O   . PRO A 82  ? 0.3964 0.4482 0.4746 0.0070  0.0822  0.0601  81  PRO A O   
477 C CB  . PRO A 82  ? 0.3794 0.4565 0.5234 -0.0182 0.0774  0.0543  81  PRO A CB  
478 C CG  . PRO A 82  ? 0.3820 0.4740 0.5342 -0.0139 0.0916  0.0617  81  PRO A CG  
479 C CD  . PRO A 82  ? 0.3434 0.4489 0.4926 -0.0022 0.0893  0.0575  81  PRO A CD  
480 N N   . LEU A 83  ? 0.3517 0.3910 0.4319 -0.0002 0.0621  0.0504  82  LEU A N   
481 C CA  . LEU A 83  ? 0.3699 0.3954 0.4281 0.0054  0.0628  0.0561  82  LEU A CA  
482 C C   . LEU A 83  ? 0.3861 0.4043 0.4477 0.0024  0.0754  0.0677  82  LEU A C   
483 O O   . LEU A 83  ? 0.3959 0.4129 0.4789 -0.0081 0.0787  0.0677  82  LEU A O   
484 C CB  . LEU A 83  ? 0.3805 0.3969 0.4330 0.0055  0.0518  0.0521  82  LEU A CB  
485 C CG  . LEU A 83  ? 0.3580 0.3783 0.4061 0.0078  0.0410  0.0424  82  LEU A CG  
486 C CD1 . LEU A 83  ? 0.3797 0.3939 0.4251 0.0080  0.0334  0.0407  82  LEU A CD1 
487 C CD2 . LEU A 83  ? 0.3866 0.4100 0.4196 0.0143  0.0414  0.0401  82  LEU A CD2 
488 N N   . ARG A 84  ? 0.3988 0.4095 0.4381 0.0110  0.0810  0.0771  83  ARG A N   
489 C CA  . ARG A 84  ? 0.4065 0.4054 0.4432 0.0109  0.0941  0.0912  83  ARG A CA  
490 C C   . ARG A 84  ? 0.4071 0.3908 0.4466 0.0091  0.0896  0.0930  83  ARG A C   
491 O O   . ARG A 84  ? 0.3808 0.3637 0.4098 0.0151  0.0778  0.0891  83  ARG A O   
492 C CB  . ARG A 84  ? 0.4578 0.4551 0.4642 0.0236  0.1006  0.1010  83  ARG A CB  
493 C CG  . ARG A 84  ? 0.5231 0.5337 0.5277 0.0259  0.1079  0.0976  83  ARG A CG  
494 C CD  . ARG A 84  ? 0.7843 0.7951 0.7827 0.0294  0.1277  0.1104  83  ARG A CD  
495 N NE  . ARG A 84  ? 0.9207 0.9170 0.8894 0.0388  0.1271  0.1210  83  ARG A NE  
496 C CZ  . ARG A 84  ? 0.9747 0.9667 0.9133 0.0501  0.1379  0.1322  83  ARG A CZ  
497 N NH1 . ARG A 84  ? 0.8987 0.8988 0.8329 0.0533  0.1522  0.1333  83  ARG A NH1 
498 N NH2 . ARG A 84  ? 1.0176 0.9978 0.9303 0.0596  0.1352  0.1434  83  ARG A NH2 
499 N N   . PRO A 85  ? 0.4043 0.3743 0.4575 0.0015  0.0999  0.0995  84  PRO A N   
500 C CA  . PRO A 85  ? 0.4304 0.3814 0.4864 0.0002  0.0973  0.0997  84  PRO A CA  
501 C C   . PRO A 85  ? 0.4751 0.4158 0.5079 0.0154  0.0977  0.1123  84  PRO A C   
502 O O   . PRO A 85  ? 0.4413 0.3732 0.4731 0.0201  0.0909  0.1107  84  PRO A O   
503 C CB  . PRO A 85  ? 0.4825 0.4184 0.5580 -0.0129 0.1108  0.1034  84  PRO A CB  
504 C CG  . PRO A 85  ? 0.5819 0.5282 0.6575 -0.0129 0.1239  0.1136  84  PRO A CG  
505 C CD  . PRO A 85  ? 0.4387 0.4113 0.5119 -0.0094 0.1145  0.1040  84  PRO A CD  
506 N N   . ASN A 86  ? 0.4654 0.4067 0.4815 0.0230  0.1066  0.1251  85  ASN A N   
507 C CA  . ASN A 86  ? 0.5122 0.4430 0.5046 0.0387  0.1082  0.1407  85  ASN A CA  
508 C C   . ASN A 86  ? 0.5334 0.4826 0.5054 0.0509  0.0906  0.1363  85  ASN A C   
509 O O   . ASN A 86  ? 0.5213 0.4684 0.4756 0.0644  0.0875  0.1474  85  ASN A O   
510 C CB  . ASN A 86  ? 0.5740 0.4963 0.5510 0.0439  0.1256  0.1583  85  ASN A CB  
511 C CG  . ASN A 86  ? 0.6756 0.6168 0.6454 0.0424  0.1282  0.1537  85  ASN A CG  
512 O OD1 . ASN A 86  ? 0.5908 0.5447 0.5816 0.0306  0.1285  0.1414  85  ASN A OD1 
513 N ND2 . ASN A 86  ? 0.7734 0.7152 0.7108 0.0564  0.1329  0.1657  85  ASN A ND2 
514 N N   . LEU A 87  ? 0.4341 0.4002 0.4100 0.0463  0.0790  0.1210  86  LEU A N   
515 C CA  . LEU A 87  ? 0.3864 0.3683 0.3464 0.0538  0.0623  0.1144  86  LEU A CA  
516 C C   . LEU A 87  ? 0.3846 0.3734 0.3635 0.0481  0.0500  0.1016  86  LEU A C   
517 O O   . LEU A 87  ? 0.3722 0.3560 0.3723 0.0378  0.0527  0.0937  86  LEU A O   
518 C CB  . LEU A 87  ? 0.4867 0.4782 0.4329 0.0528  0.0628  0.1070  86  LEU A CB  
519 C CG  . LEU A 87  ? 0.4883 0.4756 0.4111 0.0599  0.0764  0.1187  86  LEU A CG  
520 C CD1 . LEU A 87  ? 0.4991 0.4958 0.4111 0.0590  0.0743  0.1062  86  LEU A CD1 
521 C CD2 . LEU A 87  ? 0.5671 0.5527 0.4610 0.0743  0.0723  0.1313  86  LEU A CD2 
522 N N   . SER A 88  ? 0.3859 0.3873 0.3575 0.0550  0.0360  0.0998  87  SER A N   
523 C CA  . SER A 88  ? 0.3734 0.3853 0.3614 0.0506  0.0241  0.0887  87  SER A CA  
524 C C   . SER A 88  ? 0.3644 0.3824 0.3566 0.0406  0.0197  0.0731  87  SER A C   
525 O O   . SER A 88  ? 0.3804 0.3989 0.3582 0.0401  0.0213  0.0695  87  SER A O   
526 C CB  . SER A 88  ? 0.3852 0.4122 0.3719 0.0599  0.0113  0.0927  87  SER A CB  
527 O OG  . SER A 88  ? 0.4037 0.4438 0.3708 0.0614  0.0007  0.0877  87  SER A OG  
528 N N   . LEU A 89  ? 0.3421 0.3649 0.3510 0.0355  0.0133  0.0649  88  LEU A N   
529 C CA  . LEU A 89  ? 0.2988 0.3270 0.3099 0.0284  0.0072  0.0520  88  LEU A CA  
530 C C   . LEU A 89  ? 0.3379 0.3748 0.3312 0.0306  -0.0024 0.0476  88  LEU A C   
531 O O   . LEU A 89  ? 0.3598 0.3930 0.3426 0.0278  -0.0018 0.0393  88  LEU A O   
532 C CB  . LEU A 89  ? 0.3055 0.3378 0.3345 0.0243  0.0030  0.0472  88  LEU A CB  
533 C CG  . LEU A 89  ? 0.3062 0.3279 0.3472 0.0214  0.0112  0.0475  88  LEU A CG  
534 C CD1 . LEU A 89  ? 0.3297 0.3549 0.3850 0.0211  0.0095  0.0459  88  LEU A CD1 
535 C CD2 . LEU A 89  ? 0.3387 0.3546 0.3800 0.0152  0.0153  0.0411  88  LEU A CD2 
536 N N   . THR A 90  ? 0.3572 0.4065 0.3492 0.0356  -0.0122 0.0516  89  THR A N   
537 C CA  . THR A 90  ? 0.3973 0.4571 0.3717 0.0362  -0.0251 0.0447  89  THR A CA  
538 C C   . THR A 90  ? 0.4302 0.4806 0.3747 0.0416  -0.0193 0.0462  89  THR A C   
539 O O   . THR A 90  ? 0.4185 0.4665 0.3460 0.0385  -0.0239 0.0339  89  THR A O   
540 C CB  . THR A 90  ? 0.4071 0.4867 0.3859 0.0423  -0.0380 0.0510  89  THR A CB  
541 O OG1 . THR A 90  ? 0.4150 0.5019 0.4241 0.0365  -0.0390 0.0489  89  THR A OG1 
542 C CG2 . THR A 90  ? 0.4552 0.5491 0.4150 0.0431  -0.0545 0.0442  89  THR A CG2 
543 N N   . GLU A 91  ? 0.4154 0.4600 0.3520 0.0500  -0.0093 0.0603  90  GLU A N   
544 C CA  . GLU A 91  ? 0.4775 0.5143 0.3841 0.0566  -0.0010 0.0645  90  GLU A CA  
545 C C   . GLU A 91  ? 0.4650 0.4919 0.3726 0.0507  0.0097  0.0559  90  GLU A C   
546 O O   . GLU A 91  ? 0.4746 0.4972 0.3554 0.0558  0.0146  0.0538  90  GLU A O   
547 C CB  . GLU A 91  ? 0.4826 0.5118 0.3875 0.0646  0.0114  0.0831  90  GLU A CB  
548 C CG  . GLU A 91  ? 0.4965 0.5345 0.3893 0.0767  0.0023  0.0955  90  GLU A CG  
549 C CD  . GLU A 91  ? 0.5951 0.6200 0.4884 0.0854  0.0166  0.1160  90  GLU A CD  
550 O OE1 . GLU A 91  ? 0.4877 0.4996 0.4035 0.0795  0.0287  0.1191  90  GLU A OE1 
551 O OE2 . GLU A 91  ? 0.6350 0.6619 0.5068 0.0990  0.0147  0.1298  90  GLU A OE2 
552 N N   . GLN A 92  ? 0.4001 0.4242 0.3340 0.0422  0.0138  0.0509  91  GLN A N   
553 C CA  . GLN A 92  ? 0.4272 0.4456 0.3669 0.0384  0.0237  0.0449  91  GLN A CA  
554 C C   . GLN A 92  ? 0.3978 0.4154 0.3383 0.0334  0.0148  0.0297  91  GLN A C   
555 O O   . GLN A 92  ? 0.4271 0.4405 0.3784 0.0306  0.0208  0.0249  91  GLN A O   
556 C CB  . GLN A 92  ? 0.3958 0.4125 0.3618 0.0333  0.0332  0.0510  91  GLN A CB  
557 C CG  . GLN A 92  ? 0.4345 0.4471 0.3964 0.0374  0.0437  0.0655  91  GLN A CG  
558 C CD  . GLN A 92  ? 0.4426 0.4519 0.4298 0.0300  0.0527  0.0689  91  GLN A CD  
559 O OE1 . GLN A 92  ? 0.4347 0.4468 0.4299 0.0271  0.0629  0.0689  91  GLN A OE1 
560 N NE2 . GLN A 92  ? 0.3908 0.3946 0.3900 0.0276  0.0508  0.0727  91  GLN A NE2 
561 N N   . GLU A 93  ? 0.4085 0.4305 0.3451 0.0311  0.0010  0.0233  92  GLU A N   
562 C CA  . GLU A 93  ? 0.4146 0.4327 0.3520 0.0242  -0.0073 0.0085  92  GLU A CA  
563 C C   . GLU A 93  ? 0.4217 0.4369 0.3848 0.0181  -0.0041 0.0072  92  GLU A C   
564 O O   . GLU A 93  ? 0.4338 0.4393 0.3985 0.0149  -0.0025 -0.0013 92  GLU A O   
565 C CB  . GLU A 93  ? 0.4685 0.4744 0.3823 0.0277  -0.0020 -0.0006 92  GLU A CB  
566 C CG  . GLU A 93  ? 0.5619 0.5679 0.4425 0.0344  -0.0057 -0.0021 92  GLU A CG  
567 C CD  . GLU A 93  ? 0.7410 0.7309 0.5954 0.0384  0.0014  -0.0137 92  GLU A CD  
568 O OE1 . GLU A 93  ? 0.7518 0.7346 0.5865 0.0355  -0.0088 -0.0278 92  GLU A OE1 
569 O OE2 . GLU A 93  ? 0.7949 0.7788 0.6514 0.0442  0.0178  -0.0097 92  GLU A OE2 
570 N N   . VAL A 94  ? 0.3534 0.3754 0.3361 0.0165  -0.0039 0.0152  93  VAL A N   
571 C CA  . VAL A 94  ? 0.3280 0.3482 0.3315 0.0111  -0.0025 0.0138  93  VAL A CA  
572 C C   . VAL A 94  ? 0.3361 0.3647 0.3502 0.0064  -0.0122 0.0119  93  VAL A C   
573 O O   . VAL A 94  ? 0.3426 0.3825 0.3618 0.0092  -0.0163 0.0185  93  VAL A O   
574 C CB  . VAL A 94  ? 0.3342 0.3549 0.3508 0.0123  0.0046  0.0222  93  VAL A CB  
575 C CG1 . VAL A 94  ? 0.3750 0.3930 0.4065 0.0081  0.0054  0.0198  93  VAL A CG1 
576 C CG2 . VAL A 94  ? 0.3443 0.3621 0.3551 0.0156  0.0138  0.0254  93  VAL A CG2 
577 N N   . TYR A 95  ? 0.3116 0.3355 0.3303 -0.0001 -0.0148 0.0038  94  TYR A N   
578 C CA  . TYR A 95  ? 0.3353 0.3694 0.3691 -0.0076 -0.0234 0.0007  94  TYR A CA  
579 C C   . TYR A 95  ? 0.3388 0.3688 0.3908 -0.0124 -0.0176 0.0021  94  TYR A C   
580 O O   . TYR A 95  ? 0.2889 0.3073 0.3393 -0.0098 -0.0091 0.0040  94  TYR A O   
581 C CB  . TYR A 95  ? 0.3767 0.4048 0.3984 -0.0135 -0.0305 -0.0112 94  TYR A CB  
582 C CG  . TYR A 95  ? 0.4102 0.4421 0.4080 -0.0079 -0.0369 -0.0135 94  TYR A CG  
583 C CD1 . TYR A 95  ? 0.4898 0.5389 0.4860 -0.0015 -0.0424 -0.0048 94  TYR A CD1 
584 C CD2 . TYR A 95  ? 0.5045 0.5196 0.4790 -0.0066 -0.0342 -0.0226 94  TYR A CD2 
585 C CE1 . TYR A 95  ? 0.5890 0.6399 0.5580 0.0054  -0.0472 -0.0050 94  TYR A CE1 
586 C CE2 . TYR A 95  ? 0.5637 0.5806 0.5112 -0.0006 -0.0387 -0.0250 94  TYR A CE2 
587 C CZ  . TYR A 95  ? 0.5196 0.5545 0.4636 0.0052  -0.0455 -0.0161 94  TYR A CZ  
588 O OH  . TYR A 95  ? 0.6614 0.6964 0.5733 0.0123  -0.0495 -0.0179 94  TYR A OH  
589 N N   . ASP A 96  ? 0.2907 0.3326 0.3609 -0.0193 -0.0227 0.0012  95  ASP A N   
590 C CA  . ASP A 96  ? 0.2839 0.3221 0.3710 -0.0237 -0.0150 0.0039  95  ASP A CA  
591 C C   . ASP A 96  ? 0.3197 0.3350 0.3959 -0.0247 -0.0078 0.0003  95  ASP A C   
592 O O   . ASP A 96  ? 0.2999 0.3033 0.3680 -0.0305 -0.0111 -0.0089 95  ASP A O   
593 C CB  . ASP A 96  ? 0.2808 0.3349 0.3902 -0.0332 -0.0205 0.0022  95  ASP A CB  
594 C CG  . ASP A 96  ? 0.2945 0.3756 0.4194 -0.0288 -0.0264 0.0088  95  ASP A CG  
595 O OD1 . ASP A 96  ? 0.3365 0.4189 0.4600 -0.0187 -0.0205 0.0172  95  ASP A OD1 
596 O OD2 . ASP A 96  ? 0.3072 0.4083 0.4500 -0.0367 -0.0360 0.0056  95  ASP A OD2 
597 N N   . GLY A 97  ? 0.3012 0.3096 0.3789 -0.0210 0.0008  0.0061  96  GLY A N   
598 C CA  . GLY A 97  ? 0.3063 0.2949 0.3755 -0.0197 0.0077  0.0055  96  GLY A CA  
599 C C   . GLY A 97  ? 0.3055 0.2876 0.3590 -0.0109 0.0090  0.0051  96  GLY A C   
600 O O   . GLY A 97  ? 0.3247 0.2942 0.3723 -0.0066 0.0143  0.0068  96  GLY A O   
601 N N   . ASP A 98  ? 0.2868 0.2771 0.3345 -0.0079 0.0049  0.0038  97  ASP A N   
602 C CA  . ASP A 98  ? 0.2861 0.2754 0.3246 -0.0005 0.0076  0.0048  97  ASP A CA  
603 C C   . ASP A 98  ? 0.2768 0.2690 0.3201 0.0030  0.0109  0.0104  97  ASP A C   
604 O O   . ASP A 98  ? 0.3194 0.3165 0.3691 0.0015  0.0110  0.0138  97  ASP A O   
605 C CB  . ASP A 98  ? 0.3139 0.3101 0.3445 0.0014  0.0049  0.0036  97  ASP A CB  
606 C CG  . ASP A 98  ? 0.3436 0.3326 0.3605 0.0001  0.0017  -0.0046 97  ASP A CG  
607 O OD1 . ASP A 98  ? 0.3945 0.3702 0.4091 -0.0030 0.0023  -0.0108 97  ASP A OD1 
608 O OD2 . ASP A 98  ? 0.4002 0.3953 0.4077 0.0020  -0.0012 -0.0050 97  ASP A OD2 
609 N N   . ARG A 99  ? 0.3296 0.3214 0.3696 0.0087  0.0133  0.0111  98  ARG A N   
610 C CA  . ARG A 99  ? 0.2978 0.2945 0.3414 0.0113  0.0136  0.0145  98  ARG A CA  
611 C C   . ARG A 99  ? 0.2802 0.2882 0.3280 0.0126  0.0138  0.0151  98  ARG A C   
612 O O   . ARG A 99  ? 0.3337 0.3436 0.3798 0.0158  0.0166  0.0142  98  ARG A O   
613 C CB  . ARG A 99  ? 0.2823 0.2725 0.3222 0.0175  0.0153  0.0161  98  ARG A CB  
614 C CG  . ARG A 99  ? 0.3187 0.3160 0.3594 0.0209  0.0129  0.0190  98  ARG A CG  
615 C CD  . ARG A 99  ? 0.3134 0.3028 0.3477 0.0289  0.0145  0.0229  98  ARG A CD  
616 N NE  . ARG A 99  ? 0.3263 0.2997 0.3540 0.0268  0.0189  0.0256  98  ARG A NE  
617 C CZ  . ARG A 99  ? 0.3937 0.3517 0.4203 0.0244  0.0237  0.0251  98  ARG A CZ  
618 N NH1 . ARG A 99  ? 0.3352 0.2863 0.3605 0.0280  0.0253  0.0225  98  ARG A NH1 
619 N NH2 . ARG A 99  ? 0.3637 0.3124 0.3902 0.0194  0.0281  0.0277  98  ARG A NH2 
620 N N   . LEU A 100 ? 0.2649 0.2786 0.3181 0.0097  0.0123  0.0161  99  LEU A N   
621 C CA  . LEU A 100 ? 0.2793 0.3025 0.3408 0.0073  0.0133  0.0169  99  LEU A CA  
622 C C   . LEU A 100 ? 0.2793 0.3091 0.3462 0.0057  0.0092  0.0152  99  LEU A C   
623 O O   . LEU A 100 ? 0.3216 0.3455 0.3817 0.0061  0.0065  0.0137  99  LEU A O   
624 C CB  . LEU A 100 ? 0.2953 0.3144 0.3566 0.0033  0.0152  0.0187  99  LEU A CB  
625 C CG  . LEU A 100 ? 0.3344 0.3505 0.3889 0.0051  0.0165  0.0207  99  LEU A CG  
626 C CD1 . LEU A 100 ? 0.3682 0.3811 0.4237 0.0038  0.0181  0.0248  99  LEU A CD1 
627 C CD2 . LEU A 100 ? 0.3423 0.3623 0.3931 0.0082  0.0200  0.0211  99  LEU A CD2 
628 N N   . TRP A 101 ? 0.2782 0.3215 0.3572 0.0041  0.0088  0.0151  100 TRP A N   
629 C CA  . TRP A 101 ? 0.3245 0.3788 0.4114 0.0008  0.0021  0.0118  100 TRP A CA  
630 C C   . TRP A 101 ? 0.3161 0.3696 0.4123 -0.0100 0.0034  0.0092  100 TRP A C   
631 O O   . TRP A 101 ? 0.2830 0.3389 0.3884 -0.0133 0.0096  0.0123  100 TRP A O   
632 C CB  . TRP A 101 ? 0.3052 0.3794 0.4047 0.0062  0.0000  0.0138  100 TRP A CB  
633 C CG  . TRP A 101 ? 0.3079 0.3796 0.3970 0.0176  -0.0025 0.0163  100 TRP A CG  
634 C CD1 . TRP A 101 ? 0.3313 0.4146 0.4207 0.0229  -0.0109 0.0166  100 TRP A CD1 
635 C CD2 . TRP A 101 ? 0.3034 0.3614 0.3819 0.0258  0.0038  0.0194  100 TRP A CD2 
636 N NE1 . TRP A 101 ? 0.3461 0.4206 0.4240 0.0347  -0.0091 0.0215  100 TRP A NE1 
637 C CE2 . TRP A 101 ? 0.3312 0.3888 0.4034 0.0358  0.0003  0.0225  100 TRP A CE2 
638 C CE3 . TRP A 101 ? 0.3101 0.3557 0.3828 0.0253  0.0113  0.0192  100 TRP A CE3 
639 C CZ2 . TRP A 101 ? 0.3151 0.3559 0.3770 0.0444  0.0064  0.0255  100 TRP A CZ2 
640 C CZ3 . TRP A 101 ? 0.3170 0.3480 0.3787 0.0321  0.0147  0.0196  100 TRP A CZ3 
641 C CH2 . TRP A 101 ? 0.3071 0.3347 0.3650 0.0406  0.0132  0.0227  100 TRP A CH2 
642 N N   . LEU A 102 ? 0.2749 0.3207 0.3646 -0.0145 -0.0017 0.0034  101 LEU A N   
643 C CA  . LEU A 102 ? 0.3127 0.3520 0.4100 -0.0255 -0.0001 -0.0007 101 LEU A CA  
644 C C   . LEU A 102 ? 0.3660 0.4251 0.4810 -0.0333 -0.0074 -0.0058 101 LEU A C   
645 O O   . LEU A 102 ? 0.3356 0.4049 0.4461 -0.0318 -0.0187 -0.0115 101 LEU A O   
646 C CB  . LEU A 102 ? 0.3800 0.3990 0.4596 -0.0254 -0.0007 -0.0060 101 LEU A CB  
647 C CG  . LEU A 102 ? 0.4372 0.4406 0.5196 -0.0356 0.0021  -0.0118 101 LEU A CG  
648 C CD1 . LEU A 102 ? 0.4569 0.4514 0.5484 -0.0377 0.0131  -0.0039 101 LEU A CD1 
649 C CD2 . LEU A 102 ? 0.4689 0.4519 0.5298 -0.0313 0.0027  -0.0172 101 LEU A CD2 
650 N N   . LYS A 103 ? 0.3186 0.3876 0.4558 -0.0419 -0.0022 -0.0035 102 LYS A N   
651 C CA  . LYS A 103 ? 0.3423 0.4388 0.5040 -0.0489 -0.0089 -0.0064 102 LYS A CA  
652 C C   . LYS A 103 ? 0.3569 0.4477 0.5369 -0.0664 -0.0040 -0.0099 102 LYS A C   
653 O O   . LYS A 103 ? 0.3343 0.4060 0.5113 -0.0681 0.0083  -0.0043 102 LYS A O   
654 C CB  . LYS A 103 ? 0.3457 0.4642 0.5228 -0.0405 -0.0024 0.0032  102 LYS A CB  
655 C CG  . LYS A 103 ? 0.4581 0.5814 0.6217 -0.0243 -0.0057 0.0066  102 LYS A CG  
656 C CD  . LYS A 103 ? 0.5109 0.6526 0.6870 -0.0148 0.0001  0.0137  102 LYS A CD  
657 C CE  . LYS A 103 ? 0.5556 0.7314 0.7558 -0.0139 -0.0099 0.0126  102 LYS A CE  
658 N NZ  . LYS A 103 ? 0.5654 0.7646 0.7899 -0.0083 0.0003  0.0201  102 LYS A NZ  
659 N N   . PHE A 104 ? 0.3660 0.4762 0.5668 -0.0786 -0.0137 -0.0180 103 PHE A N   
660 C CA  . PHE A 104 ? 0.3673 0.4736 0.5905 -0.0987 -0.0103 -0.0230 103 PHE A CA  
661 C C   . PHE A 104 ? 0.3689 0.5109 0.6304 -0.1044 -0.0065 -0.0167 103 PHE A C   
662 O O   . PHE A 104 ? 0.3512 0.5266 0.6281 -0.1011 -0.0174 -0.0180 103 PHE A O   
663 C CB  . PHE A 104 ? 0.4121 0.5128 0.6315 -0.1119 -0.0252 -0.0404 103 PHE A CB  
664 C CG  . PHE A 104 ? 0.4325 0.5205 0.6716 -0.1346 -0.0212 -0.0482 103 PHE A CG  
665 C CD1 . PHE A 104 ? 0.4598 0.5077 0.6887 -0.1388 -0.0055 -0.0453 103 PHE A CD1 
666 C CD2 . PHE A 104 ? 0.4972 0.6155 0.7714 -0.1522 -0.0310 -0.0558 103 PHE A CD2 
667 C CE1 . PHE A 104 ? 0.4856 0.5157 0.7324 -0.1593 0.0015  -0.0506 103 PHE A CE1 
668 C CE2 . PHE A 104 ? 0.5059 0.6102 0.8018 -0.1757 -0.0254 -0.0627 103 PHE A CE2 
669 C CZ  . PHE A 104 ? 0.5263 0.5839 0.8082 -0.1797 -0.0079 -0.0597 103 PHE A CZ  
670 N N   . LEU A 105 ? 0.3453 0.4796 0.6224 -0.1124 0.0101  -0.0087 104 LEU A N   
671 C CA  . LEU A 105 ? 0.3572 0.5267 0.6747 -0.1197 0.0159  -0.0025 104 LEU A CA  
672 C C   . LEU A 105 ? 0.4174 0.5884 0.7657 -0.1455 0.0162  -0.0098 104 LEU A C   
673 O O   . LEU A 105 ? 0.4325 0.5679 0.7736 -0.1548 0.0290  -0.0079 104 LEU A O   
674 C CB  . LEU A 105 ? 0.4002 0.5651 0.7135 -0.1079 0.0366  0.0140  104 LEU A CB  
675 C CG  . LEU A 105 ? 0.4709 0.6752 0.8276 -0.1137 0.0455  0.0217  104 LEU A CG  
676 C CD1 . LEU A 105 ? 0.4998 0.7505 0.8841 -0.1122 0.0290  0.0159  104 LEU A CD1 
677 C CD2 . LEU A 105 ? 0.4375 0.6403 0.7826 -0.0966 0.0642  0.0367  104 LEU A CD2 
678 N N   . GLU A 106 ? 0.4238 0.6325 0.8028 -0.1564 0.0001  -0.0192 105 GLU A N   
679 C CA  . GLU A 106 ? 0.4758 0.6913 0.8856 -0.1838 -0.0073 -0.0318 105 GLU A CA  
680 C C   . GLU A 106 ? 0.5210 0.7492 0.9712 -0.1956 0.0149  -0.0183 105 GLU A C   
681 O O   . GLU A 106 ? 0.5187 0.7730 0.9824 -0.1821 0.0263  -0.0035 105 GLU A O   
682 C CB  . GLU A 106 ? 0.5301 0.7921 0.9645 -0.1907 -0.0332 -0.0449 105 GLU A CB  
683 C CG  . GLU A 106 ? 0.6460 0.9401 1.1362 -0.2190 -0.0362 -0.0511 105 GLU A CG  
684 C CD  . GLU A 106 ? 0.6488 0.9651 1.1505 -0.2362 -0.0659 -0.0732 105 GLU A CD  
685 O OE1 . GLU A 106 ? 0.7032 1.0126 1.1659 -0.2222 -0.0845 -0.0822 105 GLU A OE1 
686 O OE2 . GLU A 106 ? 0.6877 1.0218 1.2316 -0.2638 -0.0700 -0.0823 105 GLU A OE2 
687 N N   . ASP A 107 ? 0.5635 0.7654 1.0257 -0.2177 0.0243  -0.0219 106 ASP A N   
688 C CA  . ASP A 107 ? 0.7332 0.9513 1.2376 -0.2294 0.0467  -0.0074 106 ASP A CA  
689 C C   . ASP A 107 ? 0.6411 0.9059 1.2022 -0.2544 0.0337  -0.0180 106 ASP A C   
690 O O   . ASP A 107 ? 0.6482 0.9016 1.2103 -0.2740 0.0163  -0.0380 106 ASP A O   
691 C CB  . ASP A 107 ? 0.8784 1.0465 1.3742 -0.2406 0.0697  0.0000  106 ASP A CB  
692 C CG  . ASP A 107 ? 0.9567 1.1496 1.4938 -0.2475 0.0935  0.0182  106 ASP A CG  
693 O OD1 . ASP A 107 ? 1.1018 1.3038 1.6245 -0.2245 0.1066  0.0347  106 ASP A OD1 
694 O OD2 . ASP A 107 ? 1.0478 1.2591 1.6336 -0.2748 0.0959  0.0140  106 ASP A OD2 
695 N N   . THR A 108 ? 0.6859 1.0020 1.2938 -0.2557 0.0409  -0.0074 107 THR A N   
696 C CA  . THR A 108 ? 0.5697 0.9433 1.2324 -0.2756 0.0197  -0.0201 107 THR A CA  
697 C C   . THR A 108 ? 0.6945 1.0910 1.4220 -0.3075 0.0335  -0.0173 107 THR A C   
698 O O   . THR A 108 ? 0.7116 1.1143 1.4612 -0.3060 0.0615  0.0023  107 THR A O   
699 C CB  . THR A 108 ? 0.6203 1.0444 1.2896 -0.2489 0.0114  -0.0117 107 THR A CB  
700 O OG1 . THR A 108 ? 0.6457 1.0684 1.3150 -0.2319 0.0416  0.0109  107 THR A OG1 
701 C CG2 . THR A 108 ? 0.5104 0.9215 1.1261 -0.2214 -0.0061 -0.0164 107 THR A CG2 
# 
